data_8UDZ
#
_entry.id   8UDZ
#
_cell.length_a   73.495
_cell.length_b   141.905
_cell.length_c   186.122
_cell.angle_alpha   90.00
_cell.angle_beta   90.00
_cell.angle_gamma   90.00
#
_symmetry.space_group_name_H-M   'P 2 21 21'
#
loop_
_entity.id
_entity.type
_entity.pdbx_description
1 polymer 'Transforming growth factor beta-1 proprotein'
2 polymer 'LTBP-49247 Fab Heavy Chain'
3 polymer 'LTBP-49247 Fab Light Chain'
4 branched alpha-D-mannopyranose-(1-3)-[alpha-D-mannopyranose-(1-6)]beta-D-mannopyranose-(1-4)-2-acetamido-2-deoxy-beta-D-glucopyranose-(1-4)-2-acetamido-2-deoxy-beta-D-glucopyranose
5 non-polymer 2-acetamido-2-deoxy-beta-D-glucopyranose
6 water water
#
loop_
_entity_poly.entity_id
_entity_poly.type
_entity_poly.pdbx_seq_one_letter_code
_entity_poly.pdbx_strand_id
1 'polypeptide(L)'
;LSTSKTIDMELVKRKRIEAIRGQILSKLRLASPPSQGEVPPGPLPEAVLALYNSTRDRVAGESAEPEPEPEADYYAKEVT
RVLMVETHNEIYDKFKQSTHSIYMFFNTSELREAVPEPVLLSRAELRLLRLKLKVEQHVELYQKYSNNSWRYLSNRLLAP
SDSPEWLSFDVTGVVRQWLSRGGEIEGFRLSAHCSCDSRDNTLQVDINGFTTGRRGDLATIHGMNRPFLLLMATPLERAQ
HLQSSRHRAALDTNYCFSSTEKNCCVRQLYIDFRKDLGWKWIHEPKGYHANFCLGPCPYIWSLDTQYSKVLALYNQHNPG
ASAAPCCVPQALEPLPIVYYVGRKPKVEQLSNMIVRSCKCS
;
A,B
2 'polypeptide(L)'
;QVQLVESGGGVVQPGRSLRLSCAASGFTFRSYVMHWVRQAPGKGLEWVAVISHEGSLKYYADSVKGRFTISRDNSKNTLY
LQMNSLRAEDTAVYYCARPRIAARRGGFGYWGQGTLVTVSSASTKGPSVFPLAPSSKSTSGGTAALGCLVKDYFPEPVTV
SWNSGALTSGVHTFPAVLQSSGLYSLSSVVTVPSSSLGTQTYICNVNHKPSNTKVDKKVEPKSCDKTHHHHHH
;
C,E
3 'polypeptide(L)'
;NFMLTQPHSVSESPGKTVTISCTRSSGNIDNNYVQWYQQRPGSSPTTVIYEDNQRPSGVPDRFSGSIDSSSNSASLTISG
LKTEDEADYYCQSYDYDTQGVVFGGGTKLTVLGQPKAAPSVTLFPPSSEELQANKATLVCLISDFYPGAVTVAWKADSSP
VKAGVETTTPSKQSNNKYAASSYLSLTPEQWKSHRSYSCQVTHEGSTVEKTVAPTECS
;
D,F
#
# COMPACT_ATOMS: atom_id res chain seq x y z
N ILE A 7 -4.71 -6.91 9.34
CA ILE A 7 -4.29 -7.71 8.19
C ILE A 7 -4.14 -9.18 8.58
N ASP A 8 -4.63 -10.08 7.73
CA ASP A 8 -4.45 -11.52 7.90
C ASP A 8 -3.34 -11.95 6.96
N MET A 9 -2.19 -12.34 7.53
CA MET A 9 -1.06 -12.80 6.74
C MET A 9 -1.44 -13.99 5.85
N GLU A 10 -2.42 -14.78 6.27
CA GLU A 10 -2.81 -15.97 5.51
C GLU A 10 -3.53 -15.61 4.22
N LEU A 11 -4.32 -14.54 4.24
CA LEU A 11 -4.93 -14.07 2.99
C LEU A 11 -3.87 -13.60 2.01
N VAL A 12 -2.88 -12.84 2.49
CA VAL A 12 -1.87 -12.39 1.54
C VAL A 12 -1.02 -13.55 1.05
N LYS A 13 -0.79 -14.58 1.89
CA LYS A 13 -0.10 -15.75 1.40
C LYS A 13 -0.90 -16.42 0.29
N ARG A 14 -2.21 -16.50 0.46
CA ARG A 14 -3.04 -17.11 -0.62
C ARG A 14 -2.82 -16.34 -1.91
N LYS A 15 -2.57 -15.04 -1.85
CA LYS A 15 -2.51 -14.25 -3.06
C LYS A 15 -1.13 -14.26 -3.67
N ARG A 16 -0.07 -14.26 -2.87
CA ARG A 16 1.25 -14.45 -3.45
C ARG A 16 1.30 -15.77 -4.21
N ILE A 17 0.72 -16.84 -3.65
CA ILE A 17 0.80 -18.15 -4.27
C ILE A 17 0.18 -18.13 -5.67
N GLU A 18 -1.02 -17.56 -5.80
CA GLU A 18 -1.66 -17.52 -7.11
C GLU A 18 -0.95 -16.55 -8.05
N ALA A 19 -0.18 -15.61 -7.52
CA ALA A 19 0.58 -14.71 -8.37
C ALA A 19 1.83 -15.39 -8.94
N ILE A 20 2.44 -16.29 -8.17
CA ILE A 20 3.58 -17.04 -8.69
C ILE A 20 3.19 -17.78 -9.95
N ARG A 21 1.94 -18.26 -10.02
CA ARG A 21 1.42 -18.94 -11.20
C ARG A 21 1.65 -18.14 -12.47
N GLY A 22 1.26 -16.85 -12.43
CA GLY A 22 1.41 -15.99 -13.59
C GLY A 22 2.77 -15.34 -13.72
N GLN A 23 3.50 -15.21 -12.61
CA GLN A 23 4.85 -14.66 -12.69
C GLN A 23 5.76 -15.60 -13.48
N ILE A 24 5.70 -16.90 -13.18
CA ILE A 24 6.55 -17.85 -13.87
C ILE A 24 6.18 -17.91 -15.34
N LEU A 25 4.88 -18.01 -15.63
CA LEU A 25 4.46 -18.26 -17.00
C LEU A 25 4.75 -17.08 -17.92
N SER A 26 4.56 -15.86 -17.42
CA SER A 26 4.82 -14.69 -18.26
C SER A 26 6.31 -14.43 -18.41
N LYS A 27 7.14 -14.89 -17.46
CA LYS A 27 8.58 -14.77 -17.65
C LYS A 27 9.05 -15.68 -18.78
N LEU A 28 8.44 -16.85 -18.92
CA LEU A 28 8.77 -17.78 -19.99
C LEU A 28 8.09 -17.42 -21.31
N ARG A 29 7.34 -16.31 -21.36
CA ARG A 29 6.45 -15.98 -22.48
C ARG A 29 5.60 -17.19 -22.89
N LEU A 30 4.94 -17.77 -21.89
CA LEU A 30 4.10 -18.95 -22.03
C LEU A 30 2.68 -18.61 -21.55
N ALA A 31 1.68 -19.04 -22.31
CA ALA A 31 0.30 -18.80 -21.92
C ALA A 31 -0.23 -19.88 -20.99
N SER A 32 0.41 -21.03 -20.96
CA SER A 32 -0.03 -22.18 -20.19
C SER A 32 1.14 -23.15 -20.10
N PRO A 33 1.22 -23.98 -19.08
CA PRO A 33 2.38 -24.88 -18.95
C PRO A 33 2.53 -25.73 -20.19
N PRO A 34 3.76 -25.95 -20.65
CA PRO A 34 3.94 -26.69 -21.91
C PRO A 34 3.39 -28.09 -21.79
N SER A 35 2.86 -28.60 -22.91
CA SER A 35 2.33 -29.95 -22.95
C SER A 35 3.44 -30.94 -22.61
N GLN A 36 3.14 -31.88 -21.70
CA GLN A 36 4.13 -32.83 -21.20
C GLN A 36 3.73 -34.29 -21.44
N GLY A 37 2.95 -34.54 -22.49
CA GLY A 37 2.55 -35.87 -22.90
C GLY A 37 3.55 -36.60 -23.80
N GLU A 38 4.64 -35.93 -24.15
CA GLU A 38 5.73 -36.43 -24.99
C GLU A 38 7.04 -36.55 -24.22
N VAL A 39 7.00 -36.39 -22.90
CA VAL A 39 8.20 -36.26 -22.07
C VAL A 39 8.94 -37.58 -22.02
N PRO A 40 10.23 -37.62 -22.34
CA PRO A 40 11.01 -38.87 -22.22
C PRO A 40 11.02 -39.33 -20.78
N PRO A 41 10.69 -40.60 -20.53
CA PRO A 41 10.34 -41.03 -19.17
C PRO A 41 11.56 -41.21 -18.27
N GLY A 42 11.26 -41.46 -17.00
CA GLY A 42 12.26 -41.81 -16.02
C GLY A 42 13.08 -40.63 -15.53
N PRO A 43 14.36 -40.87 -15.23
CA PRO A 43 15.23 -39.79 -14.75
C PRO A 43 15.57 -38.83 -15.86
N LEU A 44 16.32 -37.78 -15.54
CA LEU A 44 16.64 -36.80 -16.58
C LEU A 44 18.14 -36.82 -16.88
N PRO A 45 18.56 -36.41 -18.09
CA PRO A 45 19.95 -36.64 -18.49
C PRO A 45 20.92 -35.91 -17.56
N GLU A 46 21.97 -36.63 -17.14
CA GLU A 46 22.92 -36.06 -16.21
C GLU A 46 23.67 -34.88 -16.82
N ALA A 47 23.76 -34.81 -18.16
CA ALA A 47 24.27 -33.62 -18.80
C ALA A 47 23.39 -32.42 -18.48
N VAL A 48 22.08 -32.62 -18.47
CA VAL A 48 21.15 -31.55 -18.12
C VAL A 48 21.29 -31.19 -16.65
N LEU A 49 21.34 -32.21 -15.78
CA LEU A 49 21.42 -31.98 -14.34
C LEU A 49 22.75 -31.32 -13.96
N ALA A 50 23.85 -31.73 -14.57
CA ALA A 50 25.11 -31.06 -14.35
C ALA A 50 25.02 -29.59 -14.73
N LEU A 51 24.33 -29.28 -15.82
CA LEU A 51 24.15 -27.89 -16.20
C LEU A 51 23.23 -27.17 -15.22
N TYR A 52 22.21 -27.84 -14.73
CA TYR A 52 21.39 -27.26 -13.68
C TYR A 52 22.20 -27.04 -12.40
N ASN A 53 23.04 -28.02 -12.03
CA ASN A 53 23.85 -27.90 -10.82
C ASN A 53 24.78 -26.68 -10.90
N SER A 54 25.40 -26.47 -12.07
CA SER A 54 26.36 -25.39 -12.26
C SER A 54 25.69 -24.01 -12.12
N THR A 55 24.45 -23.86 -12.59
CA THR A 55 23.75 -22.59 -12.41
C THR A 55 23.31 -22.38 -10.96
N ARG A 56 22.84 -23.44 -10.30
CA ARG A 56 22.30 -23.27 -8.96
C ARG A 56 23.38 -22.82 -7.99
N ASP A 57 24.52 -23.51 -7.95
CA ASP A 57 25.59 -23.15 -7.02
C ASP A 57 26.43 -22.02 -7.58
N ARG A 58 26.93 -21.17 -6.68
CA ARG A 58 27.78 -20.04 -7.03
C ARG A 58 29.14 -20.19 -6.36
N VAL A 59 30.13 -19.49 -6.93
CA VAL A 59 31.47 -19.39 -6.35
C VAL A 59 31.95 -17.96 -6.54
N ALA A 60 33.19 -17.66 -6.14
CA ALA A 60 33.77 -16.32 -6.25
C ALA A 60 33.44 -15.70 -7.60
N GLY A 61 32.62 -14.64 -7.58
CA GLY A 61 31.92 -14.19 -8.77
C GLY A 61 32.61 -13.13 -9.61
N ASP A 73 17.17 -7.94 -15.92
CA ASP A 73 16.13 -7.96 -16.96
C ASP A 73 14.96 -8.90 -16.57
N TYR A 74 13.78 -8.67 -17.14
CA TYR A 74 12.55 -9.29 -16.63
C TYR A 74 12.35 -10.72 -17.10
N TYR A 75 12.58 -11.00 -18.39
CA TYR A 75 12.16 -12.24 -19.02
C TYR A 75 13.18 -13.37 -18.86
N ALA A 76 12.67 -14.59 -18.79
CA ALA A 76 13.51 -15.76 -18.56
C ALA A 76 14.59 -15.85 -19.61
N LYS A 77 15.82 -16.14 -19.17
CA LYS A 77 16.95 -16.36 -20.05
C LYS A 77 17.28 -17.84 -20.05
N GLU A 78 17.54 -18.37 -21.25
CA GLU A 78 17.88 -19.78 -21.40
C GLU A 78 19.35 -20.00 -21.05
N VAL A 79 19.64 -21.13 -20.39
CA VAL A 79 20.96 -21.42 -19.85
C VAL A 79 21.60 -22.54 -20.65
N THR A 80 22.82 -22.29 -21.12
CA THR A 80 23.59 -23.32 -21.89
C THR A 80 25.03 -23.36 -21.37
N ARG A 81 25.68 -24.53 -21.40
CA ARG A 81 27.08 -24.66 -20.91
C ARG A 81 27.96 -25.28 -21.99
N VAL A 82 29.22 -24.84 -22.08
CA VAL A 82 30.18 -25.44 -23.05
C VAL A 82 31.47 -25.78 -22.32
N LEU A 83 31.85 -27.06 -22.29
CA LEU A 83 33.07 -27.49 -21.62
C LEU A 83 34.28 -27.14 -22.48
N MET A 84 35.45 -27.51 -21.95
CA MET A 84 36.69 -27.10 -22.63
C MET A 84 37.40 -28.29 -23.28
N VAL A 85 38.28 -27.99 -24.23
CA VAL A 85 39.07 -28.96 -24.98
C VAL A 85 40.52 -28.90 -24.50
N GLU A 86 41.21 -30.04 -24.54
CA GLU A 86 42.60 -30.14 -24.09
C GLU A 86 43.46 -28.97 -24.55
N GLN A 97 50.75 -26.49 -20.24
CA GLN A 97 49.98 -26.33 -19.02
C GLN A 97 50.88 -26.54 -17.81
N SER A 98 50.44 -26.06 -16.64
CA SER A 98 51.34 -25.90 -15.50
C SER A 98 50.54 -25.85 -14.20
N THR A 99 51.19 -25.39 -13.13
CA THR A 99 50.51 -24.70 -12.03
C THR A 99 50.97 -23.24 -11.94
N HIS A 100 51.60 -22.74 -13.01
CA HIS A 100 51.93 -21.32 -13.19
C HIS A 100 51.01 -20.63 -14.19
N SER A 101 50.35 -21.41 -15.05
CA SER A 101 49.44 -20.91 -16.09
C SER A 101 48.52 -22.05 -16.48
N ILE A 102 47.27 -21.70 -16.83
CA ILE A 102 46.30 -22.66 -17.33
C ILE A 102 45.64 -22.05 -18.56
N TYR A 103 45.79 -22.70 -19.73
CA TYR A 103 45.22 -22.24 -21.00
C TYR A 103 43.92 -22.97 -21.31
N MET A 104 42.86 -22.20 -21.58
CA MET A 104 41.53 -22.75 -21.84
C MET A 104 41.03 -22.27 -23.19
N PHE A 105 40.71 -23.22 -24.07
CA PHE A 105 40.23 -22.94 -25.42
C PHE A 105 38.84 -23.54 -25.64
N PHE A 106 38.07 -22.85 -26.47
CA PHE A 106 36.79 -23.30 -26.96
C PHE A 106 36.71 -22.94 -28.42
N ASN A 107 36.02 -23.75 -29.22
CA ASN A 107 35.74 -23.39 -30.60
C ASN A 107 34.44 -22.57 -30.64
N THR A 108 34.47 -21.44 -31.36
CA THR A 108 33.27 -20.62 -31.47
C THR A 108 32.18 -21.29 -32.28
N SER A 109 32.49 -22.38 -33.00
CA SER A 109 31.42 -23.22 -33.55
C SER A 109 30.53 -23.74 -32.43
N GLU A 110 31.11 -24.52 -31.50
CA GLU A 110 30.34 -25.11 -30.41
C GLU A 110 29.57 -24.07 -29.59
N LEU A 111 30.14 -22.87 -29.40
CA LEU A 111 29.44 -21.79 -28.68
C LEU A 111 28.34 -21.16 -29.53
N ARG A 112 28.53 -21.09 -30.85
CA ARG A 112 27.47 -20.55 -31.70
C ARG A 112 26.24 -21.44 -31.68
N GLU A 113 26.42 -22.75 -31.44
CA GLU A 113 25.27 -23.65 -31.29
C GLU A 113 24.55 -23.42 -29.97
N ALA A 114 25.27 -23.00 -28.93
CA ALA A 114 24.60 -22.71 -27.66
C ALA A 114 23.80 -21.43 -27.74
N VAL A 115 24.48 -20.29 -27.95
CA VAL A 115 23.82 -19.03 -28.19
C VAL A 115 23.87 -18.79 -29.70
N PRO A 116 22.72 -18.83 -30.39
CA PRO A 116 22.78 -18.94 -31.86
C PRO A 116 23.22 -17.65 -32.54
N GLU A 117 22.78 -16.49 -32.06
CA GLU A 117 23.24 -15.20 -32.59
C GLU A 117 23.77 -14.31 -31.48
N PRO A 118 24.85 -13.55 -31.74
CA PRO A 118 25.58 -12.90 -30.64
C PRO A 118 24.77 -11.91 -29.81
N VAL A 119 23.80 -11.21 -30.40
CA VAL A 119 23.08 -10.18 -29.64
C VAL A 119 22.11 -10.75 -28.63
N LEU A 120 21.81 -12.06 -28.71
CA LEU A 120 20.98 -12.73 -27.73
C LEU A 120 21.70 -12.97 -26.41
N LEU A 121 23.02 -12.79 -26.37
CA LEU A 121 23.79 -13.19 -25.20
C LEU A 121 23.52 -12.27 -24.03
N SER A 122 23.04 -12.84 -22.93
CA SER A 122 22.74 -12.05 -21.75
C SER A 122 23.92 -12.01 -20.78
N ARG A 123 24.54 -13.17 -20.53
CA ARG A 123 25.67 -13.25 -19.63
C ARG A 123 26.46 -14.52 -19.94
N ALA A 124 27.77 -14.44 -19.74
CA ALA A 124 28.66 -15.58 -20.00
C ALA A 124 29.68 -15.63 -18.87
N GLU A 125 29.77 -16.78 -18.21
CA GLU A 125 30.68 -16.99 -17.08
C GLU A 125 31.62 -18.15 -17.37
N LEU A 126 32.86 -18.02 -16.93
CA LEU A 126 33.87 -19.05 -17.09
C LEU A 126 34.06 -19.75 -15.75
N ARG A 127 34.04 -21.09 -15.76
CA ARG A 127 34.08 -21.85 -14.53
C ARG A 127 35.31 -22.75 -14.46
N LEU A 128 35.83 -22.92 -13.25
CA LEU A 128 37.06 -23.66 -12.97
C LEU A 128 36.92 -24.30 -11.60
N LEU A 129 37.95 -25.04 -11.17
CA LEU A 129 37.96 -25.59 -9.82
C LEU A 129 39.22 -25.20 -9.03
N LEU A 133 44.16 -25.08 -2.20
CA LEU A 133 45.55 -24.64 -2.09
C LEU A 133 45.91 -24.20 -0.68
N LYS A 134 47.22 -24.16 -0.41
CA LYS A 134 47.80 -23.99 0.91
C LYS A 134 47.91 -22.54 1.33
N VAL A 135 48.43 -21.69 0.44
CA VAL A 135 48.75 -20.30 0.73
C VAL A 135 48.13 -19.43 -0.36
N GLU A 136 47.93 -18.14 -0.03
CA GLU A 136 47.38 -17.18 -0.98
C GLU A 136 48.13 -17.23 -2.30
N GLN A 137 47.37 -17.16 -3.41
CA GLN A 137 47.97 -16.88 -4.70
C GLN A 137 47.02 -16.02 -5.51
N HIS A 138 47.60 -15.32 -6.49
CA HIS A 138 46.98 -14.18 -7.14
C HIS A 138 47.06 -14.39 -8.64
N VAL A 139 45.90 -14.56 -9.27
CA VAL A 139 45.82 -14.98 -10.66
C VAL A 139 45.32 -13.82 -11.53
N GLU A 140 45.39 -14.00 -12.85
CA GLU A 140 45.06 -12.95 -13.80
C GLU A 140 44.41 -13.57 -15.04
N LEU A 141 43.46 -12.84 -15.65
CA LEU A 141 42.82 -13.24 -16.90
C LEU A 141 43.11 -12.20 -17.97
N TYR A 142 43.71 -12.61 -19.10
CA TYR A 142 44.23 -11.68 -20.09
C TYR A 142 43.41 -11.63 -21.38
N GLN A 143 43.03 -12.80 -21.93
CA GLN A 143 42.18 -13.03 -23.13
C GLN A 143 42.69 -14.25 -23.91
N LEU A 153 42.04 -8.66 -19.03
CA LEU A 153 40.75 -8.67 -18.33
C LEU A 153 40.93 -8.56 -16.82
N SER A 154 40.16 -9.36 -16.07
CA SER A 154 40.10 -9.26 -14.62
C SER A 154 41.20 -10.07 -13.93
N ASN A 155 41.25 -9.99 -12.60
CA ASN A 155 42.12 -10.83 -11.79
C ASN A 155 41.48 -11.06 -10.44
N ARG A 156 41.91 -12.15 -9.80
CA ARG A 156 41.29 -12.54 -8.51
C ARG A 156 42.34 -13.04 -7.51
N LEU A 157 42.05 -12.89 -6.23
CA LEU A 157 42.90 -13.40 -5.15
C LEU A 157 42.19 -14.58 -4.52
N LEU A 158 42.84 -15.75 -4.54
CA LEU A 158 42.23 -16.98 -4.06
C LEU A 158 42.69 -17.28 -2.64
N ALA A 159 41.72 -17.56 -1.75
CA ALA A 159 42.01 -17.88 -0.36
C ALA A 159 42.27 -19.38 -0.19
N PRO A 160 43.03 -19.78 0.82
CA PRO A 160 43.36 -21.20 0.98
C PRO A 160 42.15 -22.06 1.33
N SER A 161 42.21 -23.33 0.91
CA SER A 161 41.20 -24.34 1.29
C SER A 161 41.68 -25.76 1.00
N TRP A 166 34.74 -24.29 -6.60
CA TRP A 166 34.84 -23.88 -8.00
C TRP A 166 35.43 -22.48 -8.09
N LEU A 167 35.00 -21.72 -9.10
CA LEU A 167 35.43 -20.35 -9.35
C LEU A 167 34.69 -19.88 -10.60
N SER A 168 34.49 -18.55 -10.70
CA SER A 168 33.68 -18.00 -11.78
C SER A 168 34.20 -16.63 -12.20
N PHE A 169 34.21 -16.39 -13.52
CA PHE A 169 34.64 -15.12 -14.11
C PHE A 169 33.58 -14.61 -15.08
N ASP A 170 33.22 -13.34 -14.95
CA ASP A 170 32.30 -12.73 -15.90
C ASP A 170 33.08 -12.33 -17.14
N VAL A 171 32.76 -12.97 -18.27
CA VAL A 171 33.47 -12.76 -19.53
C VAL A 171 32.46 -12.44 -20.64
N THR A 172 31.38 -11.74 -20.29
CA THR A 172 30.28 -11.56 -21.22
C THR A 172 30.73 -10.82 -22.49
N GLY A 173 31.46 -9.72 -22.33
CA GLY A 173 31.89 -8.95 -23.49
C GLY A 173 32.84 -9.72 -24.39
N VAL A 174 33.80 -10.44 -23.81
CA VAL A 174 34.70 -11.26 -24.59
C VAL A 174 33.93 -12.36 -25.32
N VAL A 175 33.04 -13.04 -24.61
CA VAL A 175 32.23 -14.09 -25.25
C VAL A 175 31.20 -13.50 -26.20
N ARG A 176 30.86 -12.20 -26.06
CA ARG A 176 29.97 -11.58 -27.03
C ARG A 176 30.59 -11.54 -28.43
N GLN A 177 31.82 -11.05 -28.55
CA GLN A 177 32.45 -10.93 -29.86
C GLN A 177 32.88 -12.29 -30.42
N TRP A 178 33.26 -13.24 -29.55
CA TRP A 178 33.64 -14.58 -30.03
C TRP A 178 32.52 -15.21 -30.85
N LEU A 179 31.27 -14.84 -30.59
CA LEU A 179 30.13 -15.37 -31.32
C LEU A 179 29.95 -14.73 -32.69
N SER A 180 30.91 -13.94 -33.16
CA SER A 180 30.81 -13.25 -34.43
C SER A 180 30.56 -14.21 -35.59
N GLU A 184 37.88 -17.78 -35.16
CA GLU A 184 36.92 -18.85 -35.00
C GLU A 184 37.26 -19.73 -33.80
N ILE A 185 38.53 -19.83 -33.42
CA ILE A 185 38.91 -20.53 -32.19
C ILE A 185 39.60 -19.54 -31.26
N GLU A 186 39.05 -19.39 -30.05
CA GLU A 186 39.55 -18.44 -29.07
C GLU A 186 39.72 -19.12 -27.72
N GLY A 187 40.52 -18.49 -26.87
CA GLY A 187 40.84 -19.07 -25.59
C GLY A 187 41.12 -18.01 -24.53
N PHE A 188 41.28 -18.48 -23.30
CA PHE A 188 41.44 -17.61 -22.15
C PHE A 188 42.78 -17.84 -21.49
N ARG A 189 43.34 -16.77 -20.92
CA ARG A 189 44.66 -16.80 -20.26
C ARG A 189 44.47 -16.67 -18.75
N LEU A 190 44.93 -17.66 -17.99
CA LEU A 190 44.96 -17.58 -16.52
C LEU A 190 46.41 -17.68 -16.05
N SER A 191 47.10 -16.55 -16.05
CA SER A 191 48.50 -16.49 -15.65
C SER A 191 48.58 -16.19 -14.15
N ALA A 192 49.80 -16.07 -13.64
CA ALA A 192 49.99 -15.58 -12.28
C ALA A 192 50.39 -14.11 -12.32
N HIS A 193 50.31 -13.46 -11.16
CA HIS A 193 50.54 -12.03 -11.09
C HIS A 193 51.97 -11.74 -10.62
N CYS A 194 52.51 -10.61 -11.09
CA CYS A 194 53.84 -10.18 -10.69
C CYS A 194 53.87 -8.67 -10.45
N SER A 195 54.70 -8.28 -9.50
CA SER A 195 54.97 -6.88 -9.20
C SER A 195 56.30 -6.48 -9.81
N CYS A 196 56.42 -5.23 -10.24
CA CYS A 196 57.66 -4.70 -10.79
C CYS A 196 57.90 -3.28 -10.28
N ASP A 197 59.17 -2.97 -9.98
CA ASP A 197 59.53 -1.59 -9.63
C ASP A 197 61.04 -1.39 -9.78
N SER A 198 61.52 -0.24 -9.33
CA SER A 198 62.85 0.25 -9.63
C SER A 198 63.56 0.70 -8.34
N ARG A 199 64.72 0.11 -8.06
CA ARG A 199 65.46 0.39 -6.82
C ARG A 199 66.63 1.35 -7.01
N ASP A 200 67.59 0.99 -7.85
CA ASP A 200 68.64 1.97 -8.20
C ASP A 200 68.50 2.03 -9.70
N ASN A 201 69.30 1.25 -10.41
CA ASN A 201 69.04 1.07 -11.85
C ASN A 201 68.50 -0.35 -11.87
N THR A 202 68.10 -0.84 -10.69
CA THR A 202 67.65 -2.24 -10.56
C THR A 202 66.13 -2.38 -10.66
N LEU A 203 65.67 -3.23 -11.57
CA LEU A 203 64.22 -3.52 -11.69
C LEU A 203 64.00 -4.90 -11.09
N GLN A 204 62.82 -5.14 -10.51
CA GLN A 204 62.60 -6.44 -9.82
C GLN A 204 61.20 -6.97 -10.13
N VAL A 205 61.07 -8.30 -10.22
CA VAL A 205 59.77 -8.93 -10.46
C VAL A 205 59.63 -10.13 -9.52
N ASP A 206 58.41 -10.34 -8.99
CA ASP A 206 58.12 -11.42 -8.06
C ASP A 206 56.83 -12.14 -8.42
N ILE A 207 56.86 -13.48 -8.33
CA ILE A 207 55.72 -14.33 -8.65
C ILE A 207 55.63 -15.46 -7.61
N ASN A 208 54.41 -15.80 -7.18
CA ASN A 208 54.22 -16.89 -6.22
C ASN A 208 53.73 -18.17 -6.89
N ASN A 225 34.75 -32.90 -15.59
CA ASN A 225 34.65 -31.68 -14.78
C ASN A 225 35.68 -30.63 -15.18
N ARG A 226 36.06 -30.66 -16.46
CA ARG A 226 37.08 -29.71 -16.96
C ARG A 226 36.50 -28.31 -17.02
N PRO A 227 37.33 -27.26 -17.07
CA PRO A 227 36.84 -25.88 -17.24
C PRO A 227 35.73 -25.77 -18.26
N PHE A 228 35.00 -24.68 -18.17
CA PHE A 228 33.63 -24.69 -18.64
C PHE A 228 33.12 -23.25 -18.71
N LEU A 229 32.29 -23.01 -19.73
CA LEU A 229 31.72 -21.69 -20.01
C LEU A 229 30.19 -21.71 -19.93
N LEU A 230 29.63 -21.02 -18.93
CA LEU A 230 28.18 -21.01 -18.68
C LEU A 230 27.56 -19.74 -19.23
N LEU A 231 26.55 -19.90 -20.09
CA LEU A 231 25.97 -18.80 -20.84
C LEU A 231 24.46 -18.75 -20.67
N MET A 232 23.93 -17.54 -20.56
CA MET A 232 22.50 -17.31 -20.57
C MET A 232 22.13 -16.38 -21.71
N ALA A 233 20.93 -16.58 -22.27
CA ALA A 233 20.55 -15.86 -23.48
C ALA A 233 19.03 -15.81 -23.64
N THR A 234 18.58 -14.76 -24.32
CA THR A 234 17.20 -14.70 -24.81
C THR A 234 17.06 -15.57 -26.04
N PRO A 235 16.02 -16.41 -26.12
CA PRO A 235 15.91 -17.33 -27.26
C PRO A 235 15.48 -16.61 -28.53
N LEU A 236 15.73 -17.27 -29.66
CA LEU A 236 15.29 -16.80 -30.98
C LEU A 236 13.81 -16.37 -31.02
N THR A 253 12.95 2.35 -17.65
CA THR A 253 13.17 3.55 -16.84
C THR A 253 12.52 4.79 -17.49
N ASN A 254 11.57 5.40 -16.78
CA ASN A 254 10.84 6.54 -17.33
C ASN A 254 11.17 7.82 -16.57
N TYR A 255 11.19 8.92 -17.32
CA TYR A 255 11.36 10.27 -16.77
C TYR A 255 10.11 11.06 -17.14
N CYS A 256 9.50 11.74 -16.18
CA CYS A 256 8.35 12.56 -16.51
C CYS A 256 8.72 14.05 -16.46
N PHE A 257 8.20 14.77 -17.42
CA PHE A 257 8.31 16.23 -17.43
C PHE A 257 6.98 16.85 -17.87
N SER A 258 5.88 16.10 -17.75
CA SER A 258 4.66 16.37 -18.51
C SER A 258 3.51 16.92 -17.67
N SER A 259 3.26 16.36 -16.47
CA SER A 259 1.97 16.36 -15.76
C SER A 259 1.05 15.22 -16.16
N THR A 260 1.58 14.28 -16.92
CA THR A 260 0.83 13.10 -17.28
C THR A 260 1.30 11.95 -16.40
N GLU A 261 0.35 11.26 -15.76
CA GLU A 261 0.67 10.09 -14.95
C GLU A 261 0.18 8.85 -15.70
N LYS A 262 1.07 8.21 -16.46
CA LYS A 262 0.71 6.96 -17.13
C LYS A 262 1.63 5.80 -16.77
N ASN A 263 2.78 6.07 -16.17
CA ASN A 263 3.79 5.08 -15.89
C ASN A 263 4.44 5.47 -14.58
N CYS A 264 5.32 4.61 -14.06
CA CYS A 264 6.13 4.94 -12.90
C CYS A 264 7.40 5.65 -13.37
N CYS A 265 7.69 6.83 -12.81
CA CYS A 265 8.80 7.62 -13.32
C CYS A 265 9.33 8.52 -12.22
N VAL A 266 10.60 8.96 -12.40
CA VAL A 266 11.17 9.99 -11.55
C VAL A 266 10.71 11.36 -12.03
N ARG A 267 10.32 12.17 -11.06
CA ARG A 267 9.83 13.52 -11.38
C ARG A 267 10.74 14.53 -10.67
N GLN A 268 10.90 15.70 -11.26
CA GLN A 268 11.77 16.73 -10.72
C GLN A 268 11.16 17.37 -9.45
N LEU A 269 12.02 17.61 -8.47
CA LEU A 269 11.63 18.34 -7.26
C LEU A 269 12.88 19.02 -6.72
N TYR A 270 12.89 20.35 -6.73
CA TYR A 270 13.97 21.13 -6.11
C TYR A 270 13.56 21.60 -4.72
N ILE A 271 14.46 21.38 -3.75
CA ILE A 271 14.27 21.78 -2.36
C ILE A 271 15.25 22.91 -2.04
N ASP A 272 14.72 24.03 -1.55
CA ASP A 272 15.50 25.20 -1.16
C ASP A 272 15.42 25.24 0.36
N PHE A 273 16.56 25.10 1.05
CA PHE A 273 16.52 24.94 2.50
C PHE A 273 15.82 26.13 3.15
N ARG A 274 16.18 27.34 2.76
CA ARG A 274 15.57 28.52 3.39
C ARG A 274 14.10 28.66 2.99
N LYS A 275 13.80 28.57 1.69
CA LYS A 275 12.46 28.82 1.20
C LYS A 275 11.48 27.72 1.61
N ASP A 276 11.90 26.46 1.52
CA ASP A 276 10.95 25.39 1.79
C ASP A 276 10.86 25.00 3.27
N LEU A 277 11.92 25.14 4.06
CA LEU A 277 11.96 24.62 5.42
C LEU A 277 12.18 25.66 6.48
N GLY A 278 12.41 26.93 6.11
CA GLY A 278 12.73 27.95 7.08
C GLY A 278 14.11 27.77 7.70
N TRP A 279 14.99 27.04 7.03
CA TRP A 279 16.29 26.65 7.58
C TRP A 279 17.40 27.56 7.10
N LYS A 280 18.07 28.23 8.04
CA LYS A 280 19.20 29.08 7.70
C LYS A 280 20.56 28.46 8.02
N TRP A 281 20.59 27.32 8.72
CA TRP A 281 21.81 26.79 9.33
C TRP A 281 22.67 25.93 8.41
N ILE A 282 22.17 25.54 7.25
CA ILE A 282 23.00 24.84 6.27
C ILE A 282 23.65 25.90 5.40
N HIS A 283 24.97 25.94 5.41
CA HIS A 283 25.67 27.05 4.73
C HIS A 283 25.98 26.74 3.27
N GLU A 284 26.34 25.50 2.96
CA GLU A 284 26.79 25.33 1.55
C GLU A 284 25.62 25.02 0.63
N PRO A 285 25.16 23.77 0.44
CA PRO A 285 24.12 23.57 -0.56
C PRO A 285 22.96 24.50 -0.19
N LYS A 286 22.68 25.53 -1.00
CA LYS A 286 21.49 26.29 -0.71
C LYS A 286 20.24 25.43 -0.86
N GLY A 287 20.34 24.34 -1.60
CA GLY A 287 19.24 23.47 -1.94
C GLY A 287 19.73 22.38 -2.90
N TYR A 288 18.85 21.41 -3.19
CA TYR A 288 19.28 20.33 -4.07
C TYR A 288 18.10 19.72 -4.81
N HIS A 289 18.40 18.99 -5.89
CA HIS A 289 17.35 18.32 -6.66
C HIS A 289 17.05 16.95 -6.03
N ALA A 290 16.21 16.97 -5.00
CA ALA A 290 15.82 15.72 -4.34
C ALA A 290 15.08 14.75 -5.27
N ASN A 291 14.18 15.29 -6.12
CA ASN A 291 13.24 14.53 -6.95
C ASN A 291 12.38 13.55 -6.13
N PHE A 292 11.60 12.71 -6.80
CA PHE A 292 10.71 11.74 -6.14
C PHE A 292 10.17 10.82 -7.21
N CYS A 293 9.68 9.66 -6.80
CA CYS A 293 9.09 8.68 -7.68
C CYS A 293 7.58 8.74 -7.62
N LEU A 294 6.94 8.46 -8.74
CA LEU A 294 5.48 8.43 -8.76
C LEU A 294 4.97 7.88 -10.09
N GLY A 295 3.89 7.12 -10.02
CA GLY A 295 3.22 6.63 -11.20
C GLY A 295 2.72 5.21 -11.04
N PRO A 296 1.70 4.83 -11.81
CA PRO A 296 1.11 3.51 -11.62
C PRO A 296 2.03 2.39 -12.08
N CYS A 297 1.67 1.20 -11.63
CA CYS A 297 2.42 0.02 -12.13
C CYS A 297 1.47 -1.18 -12.18
N PRO A 298 1.53 -1.99 -13.24
CA PRO A 298 0.71 -3.19 -13.31
C PRO A 298 1.37 -4.33 -12.54
N PRO A 325 2.20 -3.29 -6.12
CA PRO A 325 3.44 -2.84 -6.76
C PRO A 325 3.58 -1.33 -6.67
N CYS A 326 4.65 -0.86 -6.04
CA CYS A 326 4.86 0.57 -5.83
C CYS A 326 5.97 1.10 -6.73
N CYS A 327 5.84 2.39 -7.09
CA CYS A 327 6.88 3.14 -7.79
C CYS A 327 7.85 3.69 -6.76
N VAL A 328 9.08 3.21 -6.77
CA VAL A 328 10.05 3.52 -5.72
C VAL A 328 11.40 3.85 -6.34
N PRO A 329 12.28 4.48 -5.54
CA PRO A 329 13.64 4.73 -6.03
C PRO A 329 14.33 3.46 -6.49
N GLN A 330 15.02 3.57 -7.61
CA GLN A 330 15.96 2.55 -8.05
C GLN A 330 17.39 2.95 -7.74
N ALA A 331 17.83 4.10 -8.21
CA ALA A 331 19.16 4.60 -7.91
C ALA A 331 19.02 5.88 -7.11
N LEU A 332 19.79 6.00 -6.02
CA LEU A 332 19.83 7.20 -5.19
C LEU A 332 21.25 7.75 -5.19
N GLU A 333 21.37 9.02 -4.83
CA GLU A 333 22.69 9.58 -4.62
C GLU A 333 22.77 10.27 -3.26
N PRO A 334 23.98 10.36 -2.71
CA PRO A 334 24.15 11.04 -1.42
C PRO A 334 24.16 12.56 -1.61
N LEU A 335 23.98 13.27 -0.50
CA LEU A 335 24.07 14.73 -0.48
C LEU A 335 25.05 15.18 0.58
N PRO A 336 26.15 15.85 0.21
CA PRO A 336 27.00 16.49 1.21
C PRO A 336 26.54 17.90 1.55
N ILE A 337 26.70 18.25 2.83
CA ILE A 337 26.28 19.54 3.36
C ILE A 337 27.36 20.12 4.26
N VAL A 338 27.31 21.44 4.46
CA VAL A 338 28.25 22.13 5.31
C VAL A 338 27.45 22.93 6.32
N TYR A 339 27.73 22.71 7.59
CA TYR A 339 27.13 23.58 8.59
C TYR A 339 28.09 23.76 9.77
N TYR A 340 27.76 24.69 10.62
CA TYR A 340 28.57 24.97 11.79
C TYR A 340 27.95 24.38 13.04
N VAL A 341 28.80 23.81 13.87
CA VAL A 341 28.46 23.55 15.25
C VAL A 341 29.36 24.45 16.08
N GLY A 342 28.74 25.39 16.80
CA GLY A 342 29.55 26.38 17.51
C GLY A 342 30.33 27.21 16.50
N ARG A 343 31.64 27.29 16.72
CA ARG A 343 32.53 27.97 15.77
C ARG A 343 33.14 27.01 14.75
N LYS A 344 32.69 25.75 14.73
CA LYS A 344 33.33 24.70 13.94
C LYS A 344 32.52 24.40 12.68
N PRO A 345 33.03 24.69 11.48
CA PRO A 345 32.35 24.23 10.26
C PRO A 345 32.55 22.74 10.08
N LYS A 346 31.50 22.05 9.63
CA LYS A 346 31.54 20.61 9.45
C LYS A 346 31.00 20.22 8.08
N VAL A 347 31.68 19.25 7.45
CA VAL A 347 31.19 18.62 6.23
C VAL A 347 30.56 17.28 6.61
N GLU A 348 29.31 17.07 6.24
CA GLU A 348 28.63 15.82 6.50
C GLU A 348 28.10 15.27 5.19
N GLN A 349 28.16 13.94 5.01
CA GLN A 349 27.52 13.29 3.89
C GLN A 349 26.29 12.51 4.34
N LEU A 350 25.18 12.71 3.64
CA LEU A 350 23.93 12.04 3.92
C LEU A 350 23.62 11.08 2.78
N SER A 351 23.31 9.83 3.11
CA SER A 351 23.05 8.84 2.06
C SER A 351 21.61 8.93 1.56
N ASN A 352 21.39 8.43 0.33
CA ASN A 352 20.03 8.23 -0.21
C ASN A 352 19.19 9.50 -0.24
N MET A 353 19.82 10.61 -0.59
CA MET A 353 19.09 11.88 -0.55
C MET A 353 18.44 12.23 -1.90
N ILE A 354 19.05 11.84 -3.01
CA ILE A 354 18.67 12.31 -4.33
C ILE A 354 18.19 11.10 -5.13
N VAL A 355 16.96 11.18 -5.62
CA VAL A 355 16.40 10.10 -6.43
C VAL A 355 16.83 10.31 -7.87
N ARG A 356 17.58 9.37 -8.41
CA ARG A 356 17.97 9.56 -9.79
C ARG A 356 17.07 8.79 -10.74
N SER A 357 16.49 7.68 -10.30
CA SER A 357 15.63 6.89 -11.16
C SER A 357 14.68 6.05 -10.32
N CYS A 358 13.59 5.63 -10.95
CA CYS A 358 12.51 4.92 -10.29
C CYS A 358 12.26 3.59 -10.98
N LYS A 359 11.81 2.62 -10.20
CA LYS A 359 11.44 1.31 -10.70
C LYS A 359 10.15 0.92 -10.01
N CYS A 360 9.58 -0.18 -10.44
CA CYS A 360 8.49 -0.77 -9.70
C CYS A 360 8.94 -2.07 -9.09
N SER A 361 8.93 -2.12 -7.77
CA SER A 361 9.05 -3.42 -7.07
C SER A 361 7.81 -3.63 -6.26
N ILE B 7 -5.12 11.72 -8.84
CA ILE B 7 -3.83 11.63 -8.15
C ILE B 7 -3.04 12.95 -8.25
N ASP B 8 -2.82 13.59 -7.10
CA ASP B 8 -2.38 15.00 -7.06
C ASP B 8 -0.89 15.05 -6.76
N MET B 9 -0.08 15.30 -7.80
CA MET B 9 1.36 15.37 -7.61
CA MET B 9 1.35 15.36 -7.61
C MET B 9 1.75 16.52 -6.70
N GLU B 10 0.91 17.55 -6.61
CA GLU B 10 1.20 18.68 -5.74
C GLU B 10 1.14 18.23 -4.28
N LEU B 11 0.18 17.35 -3.95
CA LEU B 11 0.13 16.78 -2.61
C LEU B 11 1.31 15.87 -2.35
N VAL B 12 1.76 15.13 -3.37
CA VAL B 12 2.92 14.26 -3.18
C VAL B 12 4.15 15.10 -2.89
N LYS B 13 4.33 16.19 -3.63
CA LYS B 13 5.48 17.06 -3.38
C LYS B 13 5.45 17.58 -1.95
N ARG B 14 4.26 17.92 -1.44
CA ARG B 14 4.14 18.41 -0.08
C ARG B 14 4.65 17.36 0.89
N LYS B 15 4.23 16.13 0.68
CA LYS B 15 4.59 15.07 1.61
C LYS B 15 6.07 14.71 1.44
N ARG B 16 6.57 14.74 0.20
CA ARG B 16 7.99 14.52 -0.03
C ARG B 16 8.83 15.56 0.71
N ILE B 17 8.39 16.82 0.67
CA ILE B 17 9.16 17.88 1.32
C ILE B 17 9.19 17.69 2.83
N GLU B 18 8.04 17.39 3.44
CA GLU B 18 8.03 17.26 4.90
C GLU B 18 8.84 16.05 5.33
N ALA B 19 8.82 14.98 4.52
CA ALA B 19 9.68 13.84 4.81
C ALA B 19 11.16 14.23 4.74
N ILE B 20 11.53 15.10 3.79
CA ILE B 20 12.92 15.57 3.73
C ILE B 20 13.32 16.23 5.05
N ARG B 21 12.46 17.09 5.60
CA ARG B 21 12.77 17.74 6.86
C ARG B 21 13.14 16.70 7.91
N GLY B 22 12.35 15.63 8.03
CA GLY B 22 12.60 14.64 9.06
C GLY B 22 13.82 13.81 8.76
N GLN B 23 14.04 13.50 7.48
CA GLN B 23 15.16 12.67 7.04
C GLN B 23 16.49 13.31 7.40
N ILE B 24 16.63 14.62 7.14
CA ILE B 24 17.90 15.29 7.38
C ILE B 24 18.18 15.40 8.87
N LEU B 25 17.16 15.75 9.66
CA LEU B 25 17.40 15.88 11.10
C LEU B 25 17.69 14.52 11.73
N SER B 26 16.96 13.49 11.33
CA SER B 26 17.18 12.19 11.96
C SER B 26 18.53 11.62 11.54
N LYS B 27 18.91 11.82 10.27
CA LYS B 27 20.21 11.33 9.79
C LYS B 27 21.38 11.98 10.54
N LEU B 28 21.20 13.21 11.01
CA LEU B 28 22.19 13.88 11.83
C LEU B 28 21.98 13.64 13.32
N ARG B 29 21.00 12.78 13.67
CA ARG B 29 20.62 12.50 15.05
C ARG B 29 20.46 13.81 15.83
N LEU B 30 19.74 14.73 15.21
CA LEU B 30 19.28 15.97 15.85
C LEU B 30 17.76 15.91 15.99
N ALA B 31 17.27 16.47 17.08
CA ALA B 31 15.82 16.54 17.26
C ALA B 31 15.22 17.79 16.66
N SER B 32 16.01 18.85 16.55
CA SER B 32 15.58 20.13 16.03
C SER B 32 16.80 20.81 15.44
N PRO B 33 16.62 21.66 14.43
CA PRO B 33 17.78 22.23 13.72
C PRO B 33 18.66 23.04 14.66
N PRO B 34 19.96 23.01 14.48
CA PRO B 34 20.86 23.63 15.46
C PRO B 34 20.88 25.15 15.38
N SER B 35 21.64 25.79 16.26
CA SER B 35 21.71 27.25 16.28
C SER B 35 22.64 27.77 15.19
N GLN B 36 22.86 29.08 15.19
CA GLN B 36 23.77 29.84 14.34
C GLN B 36 24.21 31.06 15.15
N GLY B 37 24.72 32.09 14.47
CA GLY B 37 24.88 33.37 15.14
C GLY B 37 26.12 33.41 15.98
N GLU B 38 26.45 32.25 16.56
CA GLU B 38 27.83 31.93 16.94
C GLU B 38 28.69 31.79 15.69
N VAL B 39 28.05 31.61 14.53
CA VAL B 39 28.69 31.61 13.22
C VAL B 39 28.85 33.06 12.74
N PRO B 40 30.00 33.42 12.16
CA PRO B 40 30.18 34.80 11.68
C PRO B 40 29.59 34.92 10.29
N PRO B 41 29.59 36.11 9.69
CA PRO B 41 28.93 36.25 8.37
C PRO B 41 29.85 35.91 7.20
N GLY B 42 29.32 35.90 5.97
CA GLY B 42 30.17 35.71 4.79
C GLY B 42 30.62 34.29 4.48
N PRO B 43 31.79 34.15 3.84
CA PRO B 43 32.14 32.91 3.16
C PRO B 43 32.95 31.92 3.98
N LEU B 44 32.68 30.64 3.71
CA LEU B 44 33.33 29.56 4.42
C LEU B 44 34.85 29.59 4.22
N PRO B 45 35.62 29.06 5.17
CA PRO B 45 37.07 28.95 4.96
C PRO B 45 37.39 28.03 3.78
N GLU B 46 38.49 28.34 3.08
CA GLU B 46 38.76 27.62 1.84
C GLU B 46 39.16 26.17 2.09
N ALA B 47 39.72 25.86 3.26
CA ALA B 47 39.95 24.46 3.59
C ALA B 47 38.62 23.71 3.70
N VAL B 48 37.58 24.35 4.23
CA VAL B 48 36.26 23.73 4.26
C VAL B 48 35.72 23.56 2.85
N LEU B 49 35.83 24.59 2.01
CA LEU B 49 35.37 24.47 0.63
C LEU B 49 36.15 23.42 -0.13
N ALA B 50 37.47 23.36 0.06
CA ALA B 50 38.25 22.33 -0.61
C ALA B 50 37.76 20.94 -0.20
N LEU B 51 37.57 20.73 1.10
CA LEU B 51 37.06 19.44 1.56
C LEU B 51 35.68 19.17 0.99
N TYR B 52 34.80 20.16 1.03
CA TYR B 52 33.45 19.99 0.51
C TYR B 52 33.49 19.72 -0.99
N ASN B 53 34.32 20.46 -1.73
CA ASN B 53 34.46 20.19 -3.15
C ASN B 53 34.98 18.78 -3.39
N SER B 54 35.94 18.34 -2.59
CA SER B 54 36.49 16.99 -2.74
C SER B 54 35.39 15.93 -2.66
N THR B 55 34.46 16.07 -1.71
CA THR B 55 33.44 15.05 -1.58
C THR B 55 32.34 15.18 -2.63
N ARG B 56 32.34 16.24 -3.43
CA ARG B 56 31.44 16.39 -4.57
C ARG B 56 32.12 16.08 -5.90
N ASP B 57 33.45 16.05 -5.95
CA ASP B 57 34.15 15.53 -7.12
C ASP B 57 33.60 14.16 -7.47
N ARG B 58 33.57 13.83 -8.76
CA ARG B 58 33.16 12.50 -9.17
C ARG B 58 34.34 11.74 -9.78
N VAL B 59 34.36 10.44 -9.53
CA VAL B 59 35.53 9.63 -9.71
C VAL B 59 35.22 8.40 -10.56
N ASP B 73 24.66 2.60 5.35
CA ASP B 73 24.10 2.94 6.66
C ASP B 73 23.29 4.26 6.63
N TYR B 74 22.33 4.35 7.55
CA TYR B 74 21.32 5.41 7.50
C TYR B 74 21.90 6.76 7.90
N TYR B 75 22.77 6.78 8.90
CA TYR B 75 23.14 8.00 9.58
C TYR B 75 24.33 8.71 8.93
N ALA B 76 24.30 10.04 9.00
CA ALA B 76 25.28 10.87 8.32
C ALA B 76 26.69 10.61 8.82
N LYS B 77 27.65 10.76 7.90
CA LYS B 77 29.06 10.61 8.21
C LYS B 77 29.75 11.95 8.13
N GLU B 78 30.60 12.20 9.11
CA GLU B 78 31.47 13.36 9.06
C GLU B 78 32.58 13.09 8.05
N VAL B 79 32.84 14.08 7.20
CA VAL B 79 33.82 13.97 6.14
C VAL B 79 35.06 14.74 6.52
N THR B 80 36.22 14.11 6.44
CA THR B 80 37.48 14.79 6.65
C THR B 80 38.46 14.41 5.56
N ARG B 81 39.57 15.12 5.55
CA ARG B 81 40.55 15.05 4.48
C ARG B 81 41.93 15.10 5.12
N VAL B 82 42.84 14.22 4.70
CA VAL B 82 44.24 14.38 5.08
C VAL B 82 45.09 14.22 3.83
N LEU B 83 45.82 15.27 3.48
CA LEU B 83 46.70 15.25 2.33
C LEU B 83 47.98 14.50 2.64
N MET B 84 48.51 13.85 1.61
CA MET B 84 49.71 13.05 1.74
C MET B 84 50.94 13.93 1.93
N VAL B 85 51.89 13.41 2.72
CA VAL B 85 53.01 14.24 3.18
C VAL B 85 53.79 14.78 1.98
N GLU B 86 54.23 16.03 2.11
CA GLU B 86 54.82 16.73 0.97
C GLU B 86 56.08 16.01 0.51
N THR B 87 56.31 16.07 -0.79
CA THR B 87 57.19 15.14 -1.47
C THR B 87 58.68 15.39 -1.22
N HIS B 88 59.05 16.45 -0.49
CA HIS B 88 60.45 16.75 -0.25
C HIS B 88 60.80 16.63 1.24
N ASN B 89 60.33 15.58 1.93
CA ASN B 89 60.48 15.49 3.37
C ASN B 89 61.42 14.35 3.80
N GLU B 90 61.02 13.10 3.60
CA GLU B 90 61.92 11.94 3.53
C GLU B 90 61.46 10.95 2.47
N ILE B 91 60.23 11.09 1.98
CA ILE B 91 59.88 10.65 0.64
C ILE B 91 61.06 11.13 -0.20
N TYR B 92 61.58 10.28 -1.08
CA TYR B 92 62.54 10.76 -2.08
C TYR B 92 63.90 11.00 -1.42
N ASP B 93 63.95 10.92 -0.08
CA ASP B 93 65.22 10.63 0.56
C ASP B 93 65.60 9.18 0.37
N LYS B 94 64.63 8.31 0.05
CA LYS B 94 64.90 6.88 -0.08
C LYS B 94 64.61 6.34 -1.47
N PHE B 95 63.35 6.32 -1.91
CA PHE B 95 62.91 5.44 -3.00
C PHE B 95 62.54 6.16 -4.30
N LYS B 96 62.23 7.46 -4.24
CA LYS B 96 62.26 8.33 -5.41
C LYS B 96 61.01 8.18 -6.27
N GLN B 97 60.35 9.30 -6.53
CA GLN B 97 59.18 9.36 -7.40
C GLN B 97 59.60 9.20 -8.85
N SER B 98 58.63 8.99 -9.73
CA SER B 98 58.93 8.49 -11.06
C SER B 98 57.72 8.73 -11.96
N THR B 99 57.78 8.16 -13.17
CA THR B 99 56.65 8.13 -14.08
C THR B 99 56.04 6.73 -14.24
N HIS B 100 56.73 5.70 -13.74
CA HIS B 100 56.18 4.35 -13.66
C HIS B 100 55.78 3.93 -12.25
N SER B 101 56.08 4.75 -11.24
CA SER B 101 55.77 4.40 -9.86
C SER B 101 55.74 5.67 -9.03
N ILE B 102 54.70 5.81 -8.22
CA ILE B 102 54.51 6.99 -7.38
C ILE B 102 54.36 6.49 -5.95
N TYR B 103 54.81 7.30 -5.00
CA TYR B 103 54.81 6.95 -3.59
C TYR B 103 54.03 7.98 -2.78
N MET B 104 53.15 7.50 -1.89
CA MET B 104 52.19 8.36 -1.19
C MET B 104 52.13 8.02 0.29
N PHE B 105 52.75 8.86 1.14
CA PHE B 105 52.88 8.57 2.56
C PHE B 105 51.99 9.47 3.42
N PHE B 106 51.51 8.91 4.54
CA PHE B 106 50.56 9.60 5.39
C PHE B 106 51.00 9.54 6.86
N ASN B 107 50.91 10.68 7.53
CA ASN B 107 51.20 10.81 8.97
C ASN B 107 49.98 10.29 9.71
N THR B 108 50.14 9.12 10.37
CA THR B 108 48.98 8.49 10.99
C THR B 108 48.44 9.31 12.15
N SER B 109 49.30 10.11 12.77
CA SER B 109 48.82 10.97 13.84
C SER B 109 47.80 11.97 13.30
N GLU B 110 48.02 12.47 12.07
CA GLU B 110 47.04 13.33 11.41
C GLU B 110 45.77 12.57 11.07
N LEU B 111 45.92 11.32 10.61
CA LEU B 111 44.75 10.49 10.36
C LEU B 111 43.94 10.32 11.63
N ARG B 112 44.62 10.01 12.73
CA ARG B 112 43.94 9.85 14.01
C ARG B 112 43.34 11.18 14.47
N GLU B 113 43.93 12.31 14.06
CA GLU B 113 43.34 13.60 14.36
C GLU B 113 41.97 13.76 13.71
N ALA B 114 41.80 13.24 12.49
CA ALA B 114 40.55 13.37 11.76
C ALA B 114 39.53 12.30 12.14
N VAL B 115 39.98 11.06 12.36
CA VAL B 115 39.13 9.96 12.82
C VAL B 115 39.77 9.34 14.06
N PRO B 116 39.34 9.73 15.28
CA PRO B 116 40.02 9.31 16.52
C PRO B 116 40.21 7.80 16.72
N GLU B 117 39.13 7.02 16.73
CA GLU B 117 39.36 5.60 16.88
C GLU B 117 38.95 4.84 15.61
N PRO B 118 39.58 3.68 15.35
CA PRO B 118 39.32 2.98 14.08
C PRO B 118 37.86 2.55 13.92
N VAL B 119 37.16 2.20 15.01
CA VAL B 119 35.78 1.74 14.89
C VAL B 119 34.91 2.82 14.25
N LEU B 120 35.31 4.09 14.40
CA LEU B 120 34.54 5.22 13.88
C LEU B 120 34.60 5.29 12.36
N LEU B 121 35.67 4.81 11.76
CA LEU B 121 35.85 4.92 10.31
C LEU B 121 34.77 4.14 9.59
N SER B 122 34.09 4.78 8.65
CA SER B 122 33.16 4.04 7.82
C SER B 122 33.64 3.90 6.38
N ARG B 123 34.40 4.85 5.87
CA ARG B 123 34.96 4.68 4.53
C ARG B 123 36.18 5.58 4.38
N ALA B 124 37.19 5.08 3.67
CA ALA B 124 38.41 5.83 3.39
C ALA B 124 38.76 5.66 1.90
N GLU B 125 38.95 6.78 1.20
CA GLU B 125 39.25 6.78 -0.23
C GLU B 125 40.59 7.46 -0.48
N LEU B 126 41.45 6.82 -1.26
CA LEU B 126 42.70 7.43 -1.69
C LEU B 126 42.45 8.10 -3.01
N ARG B 127 42.75 9.41 -3.09
CA ARG B 127 42.40 10.22 -4.25
C ARG B 127 43.66 10.70 -4.94
N LEU B 128 43.78 10.41 -6.24
CA LEU B 128 44.88 10.81 -7.09
C LEU B 128 44.35 11.60 -8.26
N LEU B 129 45.03 12.70 -8.59
CA LEU B 129 44.66 13.56 -9.72
C LEU B 129 45.53 13.15 -10.91
N ARG B 130 44.95 12.36 -11.83
CA ARG B 130 45.72 11.84 -12.95
C ARG B 130 45.96 12.94 -13.97
N LEU B 131 47.12 12.88 -14.62
CA LEU B 131 47.65 13.91 -15.50
C LEU B 131 47.23 13.70 -16.96
N LYS B 132 47.89 14.44 -17.85
CA LYS B 132 47.89 14.16 -19.29
C LYS B 132 48.14 12.68 -19.57
N LEU B 133 47.17 12.02 -20.19
CA LEU B 133 47.35 10.61 -20.52
C LEU B 133 47.01 10.41 -21.99
N LYS B 134 47.84 9.64 -22.70
CA LYS B 134 47.58 9.41 -24.12
C LYS B 134 47.78 7.97 -24.54
N VAL B 135 47.78 7.02 -23.59
CA VAL B 135 47.78 5.61 -23.92
C VAL B 135 47.33 4.85 -22.68
N GLU B 136 46.65 3.73 -22.90
CA GLU B 136 46.29 2.83 -21.81
C GLU B 136 47.48 2.57 -20.90
N GLN B 137 47.34 3.00 -19.64
CA GLN B 137 48.22 2.56 -18.57
C GLN B 137 47.41 1.71 -17.60
N HIS B 138 47.91 0.53 -17.30
CA HIS B 138 47.33 -0.36 -16.30
C HIS B 138 48.19 -0.23 -15.04
N VAL B 139 47.57 0.23 -13.96
CA VAL B 139 48.27 0.54 -12.72
C VAL B 139 47.71 -0.32 -11.59
N GLU B 140 48.54 -0.53 -10.57
CA GLU B 140 48.18 -1.30 -9.39
C GLU B 140 48.48 -0.50 -8.13
N LEU B 141 47.62 -0.63 -7.13
CA LEU B 141 47.78 0.05 -5.85
C LEU B 141 48.34 -0.94 -4.83
N TYR B 142 49.40 -0.55 -4.14
CA TYR B 142 50.02 -1.38 -3.13
C TYR B 142 50.12 -0.65 -1.81
N GLN B 143 49.99 -1.40 -0.73
CA GLN B 143 50.17 -0.89 0.62
C GLN B 143 51.60 -1.15 1.10
N LYS B 144 52.17 -0.19 1.83
CA LYS B 144 53.45 -0.43 2.50
C LYS B 144 53.24 -1.18 3.80
N TYR B 145 54.18 -2.07 4.11
CA TYR B 145 54.00 -2.91 5.31
C TYR B 145 55.18 -2.81 6.28
N SER B 146 55.32 -3.79 7.16
CA SER B 146 56.32 -3.87 8.22
C SER B 146 57.19 -2.62 8.21
N ASN B 147 58.36 -2.73 7.57
CA ASN B 147 59.00 -1.55 6.99
C ASN B 147 59.54 -1.84 5.59
N ASN B 148 59.25 -3.02 5.02
CA ASN B 148 59.91 -3.46 3.80
C ASN B 148 58.97 -3.73 2.63
N SER B 149 57.97 -4.60 2.78
CA SER B 149 57.35 -5.23 1.62
C SER B 149 55.99 -4.59 1.28
N TRP B 150 55.27 -5.21 0.33
CA TRP B 150 54.09 -4.61 -0.27
C TRP B 150 52.99 -5.66 -0.44
N ARG B 151 51.74 -5.19 -0.40
CA ARG B 151 50.59 -6.04 -0.65
C ARG B 151 49.74 -5.38 -1.73
N TYR B 152 49.54 -6.10 -2.84
CA TYR B 152 48.62 -5.64 -3.87
C TYR B 152 47.26 -5.36 -3.23
N LEU B 153 46.72 -4.17 -3.49
CA LEU B 153 45.40 -3.78 -3.00
C LEU B 153 44.33 -3.80 -4.08
N SER B 154 44.64 -3.27 -5.25
CA SER B 154 43.70 -3.23 -6.38
C SER B 154 44.37 -2.60 -7.59
N ASN B 155 43.66 -2.57 -8.71
CA ASN B 155 44.21 -2.03 -9.95
C ASN B 155 43.11 -1.33 -10.74
N ARG B 156 43.56 -0.53 -11.71
CA ARG B 156 42.62 0.21 -12.59
C ARG B 156 43.19 0.22 -14.01
N LEU B 157 42.33 0.18 -15.02
CA LEU B 157 42.71 0.22 -16.43
C LEU B 157 42.22 1.56 -16.97
N LEU B 158 43.15 2.46 -17.27
CA LEU B 158 42.85 3.87 -17.49
C LEU B 158 42.90 4.17 -18.99
N ALA B 159 41.73 4.45 -19.58
CA ALA B 159 41.68 4.89 -20.96
C ALA B 159 42.42 6.21 -21.11
N PRO B 160 43.12 6.44 -22.24
CA PRO B 160 43.71 7.77 -22.47
C PRO B 160 42.68 8.88 -22.30
N SER B 161 43.15 10.10 -22.03
CA SER B 161 42.30 11.28 -22.00
C SER B 161 43.18 12.52 -21.91
N ASP B 162 42.75 13.60 -22.57
CA ASP B 162 43.42 14.89 -22.47
C ASP B 162 42.72 15.80 -21.46
N SER B 163 42.13 15.22 -20.42
CA SER B 163 41.51 15.96 -19.35
C SER B 163 41.97 15.34 -18.03
N PRO B 164 42.52 16.13 -17.10
CA PRO B 164 42.87 15.56 -15.80
C PRO B 164 41.63 15.06 -15.08
N GLU B 165 41.67 13.79 -14.68
CA GLU B 165 40.60 13.18 -13.91
C GLU B 165 41.13 12.61 -12.62
N TRP B 166 40.32 12.72 -11.57
CA TRP B 166 40.66 12.14 -10.28
C TRP B 166 40.45 10.64 -10.30
N LEU B 167 41.37 9.91 -9.68
CA LEU B 167 41.15 8.52 -9.38
C LEU B 167 40.83 8.35 -7.89
N SER B 168 40.00 7.37 -7.59
CA SER B 168 39.61 7.09 -6.22
C SER B 168 39.74 5.59 -5.99
N PHE B 169 40.47 5.21 -4.95
CA PHE B 169 40.65 3.84 -4.51
C PHE B 169 40.08 3.68 -3.12
N ASP B 170 39.33 2.61 -2.90
CA ASP B 170 38.79 2.29 -1.58
C ASP B 170 39.86 1.60 -0.74
N VAL B 171 40.30 2.26 0.33
CA VAL B 171 41.36 1.75 1.19
C VAL B 171 40.91 1.70 2.65
N THR B 172 39.61 1.53 2.87
CA THR B 172 39.04 1.57 4.21
C THR B 172 39.74 0.61 5.18
N GLY B 173 39.86 -0.67 4.80
CA GLY B 173 40.48 -1.62 5.71
C GLY B 173 41.91 -1.24 6.07
N VAL B 174 42.68 -0.80 5.08
CA VAL B 174 44.06 -0.40 5.37
C VAL B 174 44.09 0.77 6.35
N VAL B 175 43.32 1.84 6.04
CA VAL B 175 43.34 3.03 6.89
C VAL B 175 42.85 2.70 8.30
N ARG B 176 41.88 1.79 8.40
CA ARG B 176 41.42 1.36 9.71
C ARG B 176 42.59 0.83 10.55
N GLN B 177 43.47 0.03 9.94
CA GLN B 177 44.64 -0.47 10.64
C GLN B 177 45.58 0.66 11.02
N TRP B 178 45.89 1.53 10.07
CA TRP B 178 46.73 2.69 10.36
C TRP B 178 46.19 3.49 11.54
N LEU B 179 44.88 3.57 11.68
CA LEU B 179 44.31 4.34 12.79
C LEU B 179 44.62 3.71 14.15
N SER B 180 45.12 2.47 14.16
CA SER B 180 45.66 1.86 15.37
C SER B 180 47.18 1.86 15.34
N GLY B 183 51.86 1.62 13.48
CA GLY B 183 52.92 2.45 12.94
C GLY B 183 52.73 3.94 13.18
N GLU B 184 53.54 4.80 12.51
CA GLU B 184 53.35 6.24 12.53
C GLU B 184 53.45 6.93 11.16
N ILE B 185 54.26 6.43 10.24
CA ILE B 185 54.26 6.87 8.85
C ILE B 185 53.97 5.63 8.02
N GLU B 186 52.87 5.65 7.29
CA GLU B 186 52.47 4.54 6.43
C GLU B 186 52.19 5.08 5.04
N GLY B 187 52.36 4.23 4.03
CA GLY B 187 52.35 4.71 2.67
C GLY B 187 51.68 3.76 1.71
N PHE B 188 51.40 4.28 0.53
CA PHE B 188 50.94 3.50 -0.62
C PHE B 188 51.97 3.64 -1.74
N ARG B 189 51.88 2.71 -2.70
CA ARG B 189 52.61 2.80 -3.96
C ARG B 189 51.63 2.55 -5.08
N LEU B 190 51.66 3.39 -6.10
CA LEU B 190 50.94 3.16 -7.35
C LEU B 190 51.97 2.95 -8.44
N SER B 191 51.99 1.74 -9.01
CA SER B 191 53.01 1.31 -9.96
C SER B 191 52.33 0.93 -11.26
N ALA B 192 53.14 0.48 -12.22
CA ALA B 192 52.62 -0.03 -13.47
C ALA B 192 52.48 -1.54 -13.40
N HIS B 193 51.54 -2.07 -14.19
CA HIS B 193 51.23 -3.48 -14.21
C HIS B 193 52.30 -4.24 -15.02
N CYS B 194 52.37 -5.54 -14.78
CA CYS B 194 53.33 -6.42 -15.44
C CYS B 194 52.62 -7.66 -15.93
N SER B 195 52.78 -7.96 -17.22
CA SER B 195 52.31 -9.22 -17.78
C SER B 195 53.37 -10.29 -17.57
N CYS B 196 52.94 -11.49 -17.19
CA CYS B 196 53.82 -12.57 -16.77
C CYS B 196 53.46 -13.86 -17.49
N ASP B 197 54.38 -14.37 -18.30
CA ASP B 197 54.19 -15.67 -18.93
C ASP B 197 55.52 -16.43 -18.99
N THR B 202 62.19 -20.20 -18.84
CA THR B 202 61.11 -19.96 -19.79
C THR B 202 59.99 -19.10 -19.18
N LEU B 203 60.29 -17.84 -18.85
CA LEU B 203 59.28 -16.88 -18.41
C LEU B 203 59.50 -15.55 -19.12
N GLN B 204 58.41 -14.91 -19.56
CA GLN B 204 58.49 -13.61 -20.19
C GLN B 204 57.71 -12.57 -19.40
N VAL B 205 58.12 -11.31 -19.55
CA VAL B 205 57.54 -10.18 -18.82
C VAL B 205 57.49 -8.96 -19.73
N ASP B 206 56.38 -8.23 -19.70
CA ASP B 206 56.23 -6.98 -20.44
C ASP B 206 56.56 -5.79 -19.54
N ILE B 207 57.17 -4.76 -20.14
CA ILE B 207 57.63 -3.59 -19.38
C ILE B 207 57.00 -2.32 -19.95
N ASN B 208 56.75 -1.36 -19.05
CA ASN B 208 56.36 0.01 -19.38
C ASN B 208 57.41 1.04 -19.02
N GLY B 209 58.05 0.92 -17.86
CA GLY B 209 58.90 1.97 -17.32
C GLY B 209 60.23 2.17 -18.02
N PHE B 210 60.20 2.69 -19.26
CA PHE B 210 61.43 3.10 -19.93
C PHE B 210 61.25 4.38 -20.75
N THR B 211 60.20 5.17 -20.48
CA THR B 211 59.96 6.42 -21.19
C THR B 211 59.49 7.48 -20.19
N THR B 212 59.56 8.75 -20.60
CA THR B 212 59.32 9.87 -19.70
C THR B 212 57.94 10.52 -19.90
N ASP B 217 56.35 12.50 -14.38
CA ASP B 217 55.57 12.26 -13.17
C ASP B 217 54.25 11.55 -13.49
N LEU B 218 53.98 10.45 -12.77
CA LEU B 218 52.87 9.58 -13.15
C LEU B 218 51.53 10.30 -13.00
N ALA B 219 51.15 10.58 -11.76
CA ALA B 219 49.96 11.35 -11.43
C ALA B 219 50.40 12.58 -10.64
N THR B 220 49.46 13.48 -10.37
CA THR B 220 49.82 14.73 -9.72
C THR B 220 50.37 14.44 -8.33
N ILE B 221 51.66 14.66 -8.15
CA ILE B 221 52.20 14.98 -6.84
C ILE B 221 52.68 16.43 -6.95
N HIS B 222 53.12 16.98 -5.81
CA HIS B 222 53.43 18.42 -5.69
C HIS B 222 52.18 19.27 -5.77
N GLY B 223 52.09 20.29 -4.92
CA GLY B 223 50.96 21.19 -4.95
C GLY B 223 49.81 20.71 -4.10
N MET B 224 48.79 21.54 -4.02
CA MET B 224 47.72 21.22 -3.10
C MET B 224 46.59 20.44 -3.76
N ASN B 225 46.84 19.90 -4.95
CA ASN B 225 46.06 18.79 -5.48
C ASN B 225 46.82 17.46 -5.44
N ARG B 226 47.85 17.36 -4.61
CA ARG B 226 48.57 16.10 -4.45
C ARG B 226 47.64 15.03 -3.86
N PRO B 227 48.03 13.76 -3.84
CA PRO B 227 47.13 12.73 -3.32
C PRO B 227 46.74 12.98 -1.87
N PHE B 228 45.52 12.59 -1.54
CA PHE B 228 44.99 12.74 -0.19
C PHE B 228 44.08 11.56 0.11
N LEU B 229 43.93 11.32 1.42
CA LEU B 229 42.92 10.39 1.92
C LEU B 229 41.67 11.18 2.27
N LEU B 230 40.54 10.76 1.71
CA LEU B 230 39.22 11.27 2.06
C LEU B 230 38.56 10.28 3.00
N LEU B 231 38.10 10.77 4.14
CA LEU B 231 37.66 9.93 5.25
C LEU B 231 36.24 10.27 5.64
N MET B 232 35.43 9.22 5.81
CA MET B 232 34.08 9.33 6.35
C MET B 232 33.96 8.46 7.59
N ALA B 233 33.44 9.05 8.67
CA ALA B 233 33.46 8.42 9.97
C ALA B 233 32.22 8.79 10.79
N THR B 234 31.83 7.90 11.68
CA THR B 234 30.86 8.24 12.70
C THR B 234 31.54 9.12 13.75
N PRO B 235 30.91 10.21 14.18
CA PRO B 235 31.56 11.09 15.17
C PRO B 235 31.38 10.58 16.58
N LEU B 236 32.02 11.28 17.52
CA LEU B 236 31.89 10.98 18.95
C LEU B 236 30.84 11.84 19.64
N CYS B 264 7.37 -3.98 8.56
CA CYS B 264 7.88 -4.29 7.20
C CYS B 264 9.07 -5.20 7.29
N CYS B 265 8.89 -6.46 6.92
CA CYS B 265 9.97 -7.43 7.06
C CYS B 265 9.75 -8.50 6.00
N VAL B 266 10.83 -9.19 5.61
CA VAL B 266 10.68 -10.34 4.73
C VAL B 266 9.98 -11.45 5.51
N ARG B 267 8.97 -12.03 4.86
CA ARG B 267 8.16 -13.09 5.48
C ARG B 267 8.35 -14.39 4.69
N GLN B 268 8.64 -15.50 5.35
CA GLN B 268 8.89 -16.79 4.73
C GLN B 268 7.64 -17.35 4.03
N LEU B 269 7.82 -17.83 2.80
CA LEU B 269 6.74 -18.52 2.10
C LEU B 269 7.36 -19.53 1.15
N TYR B 270 7.11 -20.82 1.35
CA TYR B 270 7.65 -21.86 0.49
C TYR B 270 6.59 -22.31 -0.51
N ILE B 271 6.97 -22.40 -1.78
CA ILE B 271 6.07 -22.80 -2.87
C ILE B 271 6.48 -24.18 -3.34
N ASP B 272 5.59 -25.15 -3.22
CA ASP B 272 5.80 -26.47 -3.79
C ASP B 272 5.00 -26.58 -5.09
N PHE B 273 5.70 -26.79 -6.21
CA PHE B 273 5.07 -26.66 -7.51
C PHE B 273 3.89 -27.63 -7.63
N ARG B 274 4.09 -28.88 -7.23
CA ARG B 274 3.01 -29.85 -7.23
C ARG B 274 1.97 -29.52 -6.17
N LYS B 275 2.42 -29.27 -4.93
CA LYS B 275 1.47 -29.18 -3.82
C LYS B 275 0.63 -27.91 -3.88
N ASP B 276 1.21 -26.80 -4.33
CA ASP B 276 0.51 -25.53 -4.30
C ASP B 276 -0.20 -25.20 -5.60
N LEU B 277 0.38 -25.57 -6.74
CA LEU B 277 -0.12 -25.18 -8.04
C LEU B 277 -0.56 -26.34 -8.91
N GLY B 278 -0.39 -27.58 -8.45
CA GLY B 278 -0.70 -28.72 -9.28
C GLY B 278 0.15 -28.79 -10.52
N TRP B 279 1.38 -28.28 -10.45
CA TRP B 279 2.27 -28.18 -11.59
C TRP B 279 3.24 -29.35 -11.57
N LYS B 280 3.08 -30.25 -12.54
CA LYS B 280 4.01 -31.35 -12.71
C LYS B 280 5.10 -31.06 -13.75
N TRP B 281 4.95 -30.00 -14.56
CA TRP B 281 5.82 -29.83 -15.71
C TRP B 281 7.20 -29.32 -15.34
N ILE B 282 7.37 -28.75 -14.15
CA ILE B 282 8.67 -28.30 -13.68
C ILE B 282 9.32 -29.49 -12.98
N HIS B 283 10.41 -30.00 -13.56
CA HIS B 283 11.08 -31.19 -13.04
C HIS B 283 12.10 -30.87 -11.96
N GLU B 284 12.51 -29.60 -11.90
CA GLU B 284 13.51 -29.15 -10.90
C GLU B 284 13.54 -27.62 -10.88
N PRO B 285 13.57 -26.96 -9.70
CA PRO B 285 13.54 -27.65 -8.41
C PRO B 285 12.12 -28.09 -8.04
N LYS B 286 11.98 -28.88 -6.97
CA LYS B 286 10.67 -29.30 -6.54
C LYS B 286 9.87 -28.15 -5.93
N GLY B 287 10.56 -27.10 -5.50
CA GLY B 287 9.91 -26.00 -4.82
C GLY B 287 10.98 -24.98 -4.49
N TYR B 288 10.54 -23.87 -3.90
CA TYR B 288 11.50 -22.83 -3.59
C TYR B 288 10.89 -21.86 -2.58
N HIS B 289 11.78 -21.05 -1.99
CA HIS B 289 11.42 -20.03 -1.01
C HIS B 289 11.18 -18.72 -1.74
N ALA B 290 9.94 -18.51 -2.16
CA ALA B 290 9.59 -17.24 -2.79
C ALA B 290 9.64 -16.11 -1.77
N ASN B 291 9.05 -16.33 -0.60
CA ASN B 291 8.89 -15.31 0.43
C ASN B 291 8.13 -14.12 -0.11
N PHE B 292 7.98 -13.07 0.71
CA PHE B 292 7.25 -11.88 0.33
C PHE B 292 7.51 -10.79 1.37
N CYS B 293 7.04 -9.59 1.05
CA CYS B 293 7.20 -8.41 1.90
C CYS B 293 5.85 -8.01 2.47
N LEU B 294 5.83 -7.67 3.76
CA LEU B 294 4.62 -7.13 4.35
C LEU B 294 4.96 -6.41 5.65
N GLY B 295 4.10 -5.47 6.00
CA GLY B 295 4.27 -4.68 7.20
C GLY B 295 4.16 -3.21 6.89
N PRO B 296 3.81 -2.43 7.88
CA PRO B 296 3.51 -1.02 7.64
C PRO B 296 4.77 -0.21 7.46
N CYS B 297 4.63 0.91 6.76
CA CYS B 297 5.69 1.92 6.63
C CYS B 297 5.09 3.24 7.06
N PRO B 298 5.02 3.51 8.36
CA PRO B 298 4.36 4.73 8.84
C PRO B 298 5.11 6.00 8.48
N TYR B 299 4.35 7.09 8.35
CA TYR B 299 4.85 8.39 7.89
C TYR B 299 5.50 8.28 6.52
N LEU B 311 10.96 9.06 19.52
CA LEU B 311 11.48 10.13 18.67
C LEU B 311 11.50 9.69 17.20
N ALA B 312 12.44 10.26 16.45
CA ALA B 312 12.64 9.95 15.03
C ALA B 312 13.21 8.54 14.93
N LEU B 313 12.37 7.56 14.58
CA LEU B 313 12.97 6.34 14.08
C LEU B 313 13.46 6.59 12.66
N TYR B 314 12.51 6.76 11.73
CA TYR B 314 12.74 7.25 10.38
C TYR B 314 13.64 6.34 9.55
N ASN B 315 14.52 5.61 10.25
CA ASN B 315 15.55 4.79 9.64
C ASN B 315 15.00 3.47 9.14
N GLN B 316 13.92 3.00 9.75
CA GLN B 316 13.27 1.77 9.32
C GLN B 316 11.92 2.03 8.66
N HIS B 317 11.29 3.18 8.93
CA HIS B 317 9.94 3.47 8.47
C HIS B 317 9.93 4.24 7.15
N ASN B 318 10.92 5.10 6.92
CA ASN B 318 10.95 5.90 5.69
C ASN B 318 12.37 6.41 5.41
N PRO B 319 13.35 5.53 5.18
CA PRO B 319 14.75 6.00 5.11
C PRO B 319 15.07 6.80 3.83
N GLY B 320 14.35 6.55 2.74
CA GLY B 320 14.40 7.31 1.52
C GLY B 320 13.50 8.52 1.52
N ALA B 321 12.76 8.72 2.61
CA ALA B 321 11.86 9.88 2.74
C ALA B 321 10.90 9.96 1.56
N SER B 322 10.31 8.82 1.22
CA SER B 322 9.23 8.79 0.24
C SER B 322 8.04 9.59 0.76
N ALA B 323 7.26 10.14 -0.16
CA ALA B 323 5.98 10.71 0.28
C ALA B 323 5.01 9.63 0.76
N ALA B 324 5.27 8.36 0.45
CA ALA B 324 4.35 7.26 0.72
C ALA B 324 5.09 5.93 0.69
N PRO B 325 5.90 5.64 1.72
CA PRO B 325 6.76 4.45 1.66
C PRO B 325 5.95 3.17 1.53
N CYS B 326 6.52 2.19 0.83
CA CYS B 326 5.94 0.86 0.67
C CYS B 326 6.95 -0.18 1.10
N CYS B 327 6.44 -1.21 1.77
CA CYS B 327 7.23 -2.41 2.05
C CYS B 327 7.50 -3.14 0.74
N VAL B 328 8.74 -3.16 0.30
CA VAL B 328 9.05 -3.75 -1.01
C VAL B 328 10.32 -4.56 -0.89
N PRO B 329 10.55 -5.50 -1.83
CA PRO B 329 11.80 -6.26 -1.81
C PRO B 329 13.02 -5.36 -1.93
N GLN B 330 13.98 -5.55 -1.02
CA GLN B 330 15.26 -4.85 -1.10
C GLN B 330 16.28 -5.60 -1.92
N ALA B 331 16.40 -6.90 -1.67
CA ALA B 331 17.27 -7.77 -2.43
C ALA B 331 16.45 -8.98 -2.86
N LEU B 332 16.50 -9.29 -4.14
CA LEU B 332 15.92 -10.49 -4.73
C LEU B 332 17.03 -11.36 -5.31
N GLU B 333 16.66 -12.55 -5.79
CA GLU B 333 17.62 -13.37 -6.50
C GLU B 333 16.87 -14.33 -7.41
N PRO B 334 17.55 -14.94 -8.37
CA PRO B 334 16.86 -15.68 -9.43
C PRO B 334 16.51 -17.11 -9.02
N LEU B 335 15.75 -17.75 -9.90
CA LEU B 335 15.33 -19.14 -9.74
C LEU B 335 15.54 -19.88 -11.05
N PRO B 336 16.54 -20.75 -11.14
CA PRO B 336 16.68 -21.62 -12.32
C PRO B 336 15.79 -22.84 -12.21
N ILE B 337 15.12 -23.16 -13.31
CA ILE B 337 14.21 -24.30 -13.37
C ILE B 337 14.61 -25.17 -14.55
N VAL B 338 14.24 -26.44 -14.46
CA VAL B 338 14.42 -27.39 -15.55
C VAL B 338 13.05 -27.95 -15.90
N TYR B 339 12.65 -27.82 -17.15
CA TYR B 339 11.40 -28.37 -17.62
C TYR B 339 11.57 -28.77 -19.07
N TYR B 340 10.53 -29.41 -19.61
CA TYR B 340 10.58 -29.98 -20.94
C TYR B 340 9.69 -29.16 -21.86
N VAL B 341 10.26 -28.70 -22.97
CA VAL B 341 9.51 -28.05 -24.04
C VAL B 341 9.58 -29.00 -25.23
N GLY B 342 8.43 -29.29 -25.82
CA GLY B 342 8.39 -30.49 -26.62
C GLY B 342 8.98 -31.59 -25.75
N ARG B 343 9.93 -32.34 -26.28
CA ARG B 343 10.63 -33.29 -25.41
C ARG B 343 12.13 -33.09 -25.47
N LYS B 344 12.57 -31.84 -25.54
CA LYS B 344 13.95 -31.53 -25.24
C LYS B 344 14.02 -30.75 -23.94
N PRO B 345 14.97 -31.04 -23.08
CA PRO B 345 15.02 -30.36 -21.79
C PRO B 345 15.50 -28.94 -21.95
N LYS B 346 14.86 -28.04 -21.21
CA LYS B 346 15.26 -26.65 -21.14
C LYS B 346 15.74 -26.34 -19.73
N VAL B 347 16.63 -25.37 -19.62
CA VAL B 347 17.06 -24.84 -18.35
C VAL B 347 16.97 -23.34 -18.46
N GLU B 348 16.09 -22.73 -17.66
CA GLU B 348 15.78 -21.32 -17.78
C GLU B 348 15.97 -20.67 -16.43
N GLN B 349 16.55 -19.47 -16.45
CA GLN B 349 16.77 -18.66 -15.27
C GLN B 349 15.70 -17.59 -15.21
N LEU B 350 14.90 -17.59 -14.14
CA LEU B 350 13.87 -16.60 -13.94
C LEU B 350 14.40 -15.60 -12.91
N SER B 351 14.45 -14.34 -13.30
CA SER B 351 14.98 -13.29 -12.44
C SER B 351 13.97 -12.92 -11.35
N ASN B 352 14.50 -12.46 -10.21
CA ASN B 352 13.73 -11.78 -9.16
C ASN B 352 12.58 -12.62 -8.61
N MET B 353 12.82 -13.91 -8.39
CA MET B 353 11.78 -14.79 -7.89
C MET B 353 11.76 -14.91 -6.37
N ILE B 354 12.89 -14.69 -5.73
CA ILE B 354 13.06 -14.96 -4.31
C ILE B 354 13.35 -13.66 -3.58
N VAL B 355 12.56 -13.35 -2.56
CA VAL B 355 12.77 -12.18 -1.73
C VAL B 355 13.62 -12.60 -0.53
N ARG B 356 14.76 -11.93 -0.35
CA ARG B 356 15.61 -12.14 0.81
C ARG B 356 15.46 -11.04 1.86
N SER B 357 15.27 -9.79 1.45
CA SER B 357 15.06 -8.70 2.39
C SER B 357 14.02 -7.72 1.83
N CYS B 358 13.40 -6.97 2.75
CA CYS B 358 12.42 -5.95 2.43
C CYS B 358 12.87 -4.63 3.02
N LYS B 359 12.31 -3.53 2.52
CA LYS B 359 12.59 -2.19 3.07
C LYS B 359 11.42 -1.28 2.73
N CYS B 360 11.31 -0.19 3.49
CA CYS B 360 10.30 0.83 3.25
C CYS B 360 10.84 1.84 2.26
N SER B 361 10.22 1.93 1.08
CA SER B 361 10.70 2.94 0.15
C SER B 361 9.66 3.49 -0.82
N GLN C 1 -12.99 18.25 -11.10
CA GLN C 1 -13.39 19.65 -10.92
C GLN C 1 -13.34 20.08 -9.44
N VAL C 2 -12.24 20.70 -9.03
CA VAL C 2 -12.16 21.24 -7.68
C VAL C 2 -13.20 22.33 -7.53
N GLN C 3 -14.01 22.25 -6.46
CA GLN C 3 -14.97 23.30 -6.17
C GLN C 3 -14.98 23.62 -4.68
N LEU C 4 -15.07 24.91 -4.38
CA LEU C 4 -15.14 25.42 -3.02
C LEU C 4 -16.30 26.39 -3.00
N VAL C 5 -17.32 26.07 -2.22
CA VAL C 5 -18.52 26.88 -2.18
C VAL C 5 -18.76 27.31 -0.75
N GLU C 6 -18.74 28.63 -0.53
CA GLU C 6 -18.84 29.23 0.78
C GLU C 6 -20.22 29.82 1.04
N SER C 7 -20.55 29.94 2.32
CA SER C 7 -21.89 30.36 2.71
C SER C 7 -21.83 30.82 4.15
N GLY C 8 -22.93 31.44 4.60
CA GLY C 8 -23.06 31.92 5.96
C GLY C 8 -22.84 33.41 6.13
N GLY C 9 -22.36 34.09 5.10
CA GLY C 9 -22.17 35.53 5.20
C GLY C 9 -23.48 36.28 5.27
N GLY C 10 -23.38 37.53 5.70
CA GLY C 10 -24.56 38.35 5.88
C GLY C 10 -24.22 39.60 6.68
N VAL C 11 -25.26 40.32 7.01
CA VAL C 11 -25.13 41.52 7.81
C VAL C 11 -25.31 41.16 9.27
N VAL C 12 -24.45 41.72 10.11
CA VAL C 12 -24.50 41.47 11.53
C VAL C 12 -23.91 42.68 12.23
N GLN C 13 -24.32 42.93 13.44
CA GLN C 13 -23.80 44.13 14.09
C GLN C 13 -22.62 43.81 15.00
N PRO C 14 -21.80 44.80 15.40
CA PRO C 14 -20.57 44.49 16.14
C PRO C 14 -20.87 43.81 17.45
N GLY C 15 -20.08 42.80 17.78
CA GLY C 15 -20.29 42.00 18.97
C GLY C 15 -20.94 40.65 18.71
N ARG C 16 -21.76 40.54 17.68
CA ARG C 16 -22.44 39.29 17.37
C ARG C 16 -21.47 38.31 16.72
N SER C 17 -21.99 37.17 16.27
CA SER C 17 -21.18 36.09 15.74
C SER C 17 -21.79 35.57 14.44
N LEU C 18 -20.94 35.34 13.46
CA LEU C 18 -21.32 34.65 12.24
C LEU C 18 -20.48 33.38 12.13
N ARG C 19 -21.04 32.34 11.52
CA ARG C 19 -20.27 31.16 11.17
C ARG C 19 -20.35 30.93 9.67
N LEU C 20 -19.21 31.05 9.01
CA LEU C 20 -19.06 30.75 7.60
C LEU C 20 -18.72 29.28 7.39
N SER C 21 -19.22 28.74 6.29
CA SER C 21 -18.89 27.38 5.89
C SER C 21 -18.33 27.37 4.48
N CYS C 22 -17.46 26.41 4.21
CA CYS C 22 -16.89 26.23 2.89
C CYS C 22 -17.07 24.76 2.55
N ALA C 23 -17.92 24.49 1.57
CA ALA C 23 -18.29 23.14 1.18
C ALA C 23 -17.46 22.75 -0.04
N ALA C 24 -16.58 21.77 0.14
CA ALA C 24 -15.64 21.36 -0.89
C ALA C 24 -16.18 20.14 -1.64
N SER C 25 -15.81 20.03 -2.91
CA SER C 25 -16.05 18.81 -3.66
C SER C 25 -15.06 18.72 -4.80
N GLY C 26 -15.01 17.55 -5.43
CA GLY C 26 -14.10 17.28 -6.52
C GLY C 26 -12.69 16.92 -6.12
N PHE C 27 -12.40 16.83 -4.82
CA PHE C 27 -11.09 16.37 -4.35
C PHE C 27 -11.30 15.69 -3.01
N THR C 28 -10.31 14.88 -2.58
CA THR C 28 -10.37 14.31 -1.24
C THR C 28 -9.96 15.42 -0.26
N PHE C 29 -10.98 16.04 0.32
CA PHE C 29 -10.82 17.25 1.12
C PHE C 29 -9.89 17.03 2.31
N ARG C 30 -10.01 15.88 2.96
CA ARG C 30 -9.31 15.63 4.21
C ARG C 30 -7.80 15.43 4.04
N SER C 31 -7.27 15.40 2.83
CA SER C 31 -5.83 15.31 2.68
C SER C 31 -5.15 16.66 2.68
N TYR C 32 -5.92 17.74 2.51
CA TYR C 32 -5.35 19.05 2.22
C TYR C 32 -5.38 19.94 3.44
N VAL C 33 -4.31 20.72 3.60
CA VAL C 33 -4.40 21.91 4.42
C VAL C 33 -5.44 22.81 3.75
N MET C 34 -6.17 23.58 4.57
CA MET C 34 -7.08 24.60 4.05
C MET C 34 -6.85 25.90 4.82
N HIS C 35 -7.17 27.02 4.15
CA HIS C 35 -6.98 28.38 4.65
C HIS C 35 -8.27 29.19 4.50
N TRP C 36 -8.33 30.26 5.27
CA TRP C 36 -9.24 31.37 4.97
C TRP C 36 -8.39 32.61 4.66
N VAL C 37 -8.83 33.36 3.63
CA VAL C 37 -8.30 34.66 3.24
C VAL C 37 -9.49 35.60 3.07
N ARG C 38 -9.30 36.89 3.41
CA ARG C 38 -10.40 37.86 3.34
C ARG C 38 -9.98 39.14 2.64
N GLN C 39 -10.98 39.86 2.15
CA GLN C 39 -10.73 41.11 1.42
C GLN C 39 -11.78 42.15 1.79
N ALA C 40 -11.35 43.21 2.49
CA ALA C 40 -12.28 44.28 2.81
C ALA C 40 -12.68 45.00 1.52
N PRO C 41 -13.96 45.39 1.38
CA PRO C 41 -14.40 46.09 0.17
C PRO C 41 -13.46 47.20 -0.26
N GLY C 42 -12.88 47.07 -1.45
CA GLY C 42 -11.97 48.07 -1.97
C GLY C 42 -10.55 47.99 -1.44
N LYS C 43 -10.20 46.97 -0.66
CA LYS C 43 -8.87 46.88 -0.06
C LYS C 43 -8.18 45.58 -0.49
N GLY C 44 -7.01 45.31 0.12
CA GLY C 44 -6.17 44.21 -0.33
C GLY C 44 -6.55 42.87 0.28
N LEU C 45 -5.91 41.81 -0.22
CA LEU C 45 -6.11 40.50 0.40
C LEU C 45 -5.38 40.43 1.75
N GLU C 46 -5.95 39.64 2.66
CA GLU C 46 -5.38 39.49 3.99
C GLU C 46 -5.57 38.04 4.41
N TRP C 47 -4.48 37.37 4.78
CA TRP C 47 -4.62 35.99 5.23
C TRP C 47 -5.29 35.98 6.61
N VAL C 48 -6.20 35.03 6.83
CA VAL C 48 -6.97 34.97 8.10
C VAL C 48 -6.53 33.79 8.98
N ALA C 49 -6.55 32.58 8.45
CA ALA C 49 -6.27 31.43 9.32
C ALA C 49 -5.93 30.20 8.48
N VAL C 50 -5.23 29.27 9.11
CA VAL C 50 -4.88 28.00 8.46
C VAL C 50 -5.20 26.85 9.41
N ILE C 51 -5.57 25.70 8.83
CA ILE C 51 -5.83 24.49 9.62
C ILE C 51 -5.20 23.28 8.93
N SER C 52 -4.52 22.45 9.73
CA SER C 52 -3.95 21.20 9.24
C SER C 52 -5.05 20.22 8.81
N HIS C 53 -4.68 19.28 7.95
CA HIS C 53 -5.68 18.44 7.28
C HIS C 53 -6.50 17.60 8.27
N GLU C 54 -5.92 17.21 9.42
CA GLU C 54 -6.65 16.54 10.50
C GLU C 54 -7.27 17.52 11.50
N GLY C 55 -6.81 18.76 11.55
CA GLY C 55 -7.44 19.80 12.35
C GLY C 55 -6.79 20.18 13.67
N SER C 56 -5.60 19.67 14.00
CA SER C 56 -5.03 20.01 15.30
C SER C 56 -4.18 21.27 15.29
N LEU C 57 -3.41 21.50 14.22
CA LEU C 57 -2.66 22.75 14.10
C LEU C 57 -3.55 23.79 13.45
N LYS C 58 -3.82 24.87 14.18
CA LYS C 58 -4.55 26.00 13.64
C LYS C 58 -3.76 27.25 13.92
N TYR C 59 -3.62 28.11 12.91
CA TYR C 59 -2.90 29.37 13.07
C TYR C 59 -3.79 30.48 12.54
N TYR C 60 -3.60 31.68 13.09
CA TYR C 60 -4.44 32.85 12.82
C TYR C 60 -3.58 34.09 12.63
N ALA C 61 -4.05 35.01 11.81
CA ALA C 61 -3.46 36.34 11.77
C ALA C 61 -3.75 37.04 13.09
N ASP C 62 -2.84 37.93 13.50
CA ASP C 62 -3.00 38.57 14.81
C ASP C 62 -4.25 39.45 14.88
N SER C 63 -4.74 39.96 13.75
CA SER C 63 -5.94 40.79 13.76
C SER C 63 -7.20 40.00 14.10
N VAL C 64 -7.13 38.67 14.15
CA VAL C 64 -8.30 37.85 14.47
C VAL C 64 -8.05 36.87 15.59
N LYS C 65 -6.80 36.64 15.99
CA LYS C 65 -6.53 35.63 17.00
C LYS C 65 -7.33 35.92 18.27
N GLY C 66 -7.86 34.85 18.87
CA GLY C 66 -8.65 34.97 20.07
C GLY C 66 -10.09 35.38 19.85
N ARG C 67 -10.44 35.75 18.61
CA ARG C 67 -11.82 36.03 18.25
C ARG C 67 -12.37 35.04 17.23
N PHE C 68 -11.51 34.56 16.34
CA PHE C 68 -11.88 33.62 15.29
C PHE C 68 -11.32 32.25 15.62
N THR C 69 -12.05 31.22 15.24
CA THR C 69 -11.51 29.87 15.30
C THR C 69 -11.81 29.21 13.97
N ILE C 70 -10.83 28.55 13.42
CA ILE C 70 -11.01 27.71 12.24
C ILE C 70 -11.23 26.29 12.72
N SER C 71 -12.06 25.55 11.99
CA SER C 71 -12.26 24.14 12.26
C SER C 71 -12.67 23.46 10.97
N ARG C 72 -12.76 22.13 11.04
CA ARG C 72 -13.19 21.37 9.90
C ARG C 72 -13.90 20.12 10.40
N ASP C 73 -14.89 19.70 9.63
CA ASP C 73 -15.48 18.38 9.78
C ASP C 73 -15.12 17.65 8.50
N ASN C 74 -14.27 16.63 8.61
CA ASN C 74 -13.81 15.98 7.39
C ASN C 74 -14.84 15.00 6.84
N SER C 75 -15.65 14.39 7.71
CA SER C 75 -16.72 13.53 7.22
C SER C 75 -17.76 14.31 6.41
N LYS C 76 -17.84 15.63 6.59
CA LYS C 76 -18.74 16.46 5.81
C LYS C 76 -18.03 17.30 4.76
N ASN C 77 -16.73 17.11 4.54
CA ASN C 77 -16.01 17.79 3.46
C ASN C 77 -16.19 19.32 3.53
N THR C 78 -16.29 19.85 4.75
CA THR C 78 -16.62 21.25 5.01
C THR C 78 -15.59 21.89 5.93
N LEU C 79 -15.26 23.13 5.63
CA LEU C 79 -14.35 23.96 6.41
C LEU C 79 -15.14 25.10 7.07
N TYR C 80 -14.75 25.48 8.27
CA TYR C 80 -15.55 26.43 9.02
C TYR C 80 -14.71 27.60 9.52
N LEU C 81 -15.37 28.73 9.72
CA LEU C 81 -14.76 29.87 10.41
C LEU C 81 -15.76 30.43 11.40
N GLN C 82 -15.40 30.41 12.68
CA GLN C 82 -16.24 30.91 13.76
C GLN C 82 -15.79 32.33 14.15
N MET C 83 -16.60 33.33 13.83
CA MET C 83 -16.25 34.73 14.06
C MET C 83 -17.01 35.27 15.26
N ASN C 84 -16.26 35.68 16.29
CA ASN C 84 -16.82 36.24 17.53
C ASN C 84 -16.33 37.66 17.72
N SER C 85 -17.12 38.42 18.50
CA SER C 85 -16.85 39.83 18.79
C SER C 85 -16.48 40.59 17.52
N LEU C 86 -17.38 40.52 16.54
CA LEU C 86 -17.15 41.08 15.22
C LEU C 86 -17.04 42.61 15.28
N ARG C 87 -16.06 43.14 14.56
CA ARG C 87 -15.83 44.58 14.54
C ARG C 87 -15.98 45.10 13.12
N ALA C 88 -16.16 46.41 13.02
CA ALA C 88 -16.31 47.03 11.71
C ALA C 88 -15.21 46.57 10.78
N GLU C 89 -13.96 46.58 11.27
CA GLU C 89 -12.80 46.20 10.47
C GLU C 89 -12.92 44.80 9.89
N ASP C 90 -13.85 43.98 10.40
CA ASP C 90 -14.08 42.63 9.92
C ASP C 90 -14.98 42.57 8.69
N THR C 91 -15.52 43.70 8.23
CA THR C 91 -16.34 43.68 7.03
C THR C 91 -15.46 43.29 5.84
N ALA C 92 -15.80 42.19 5.18
CA ALA C 92 -14.95 41.71 4.09
C ALA C 92 -15.63 40.57 3.35
N VAL C 93 -15.15 40.34 2.13
CA VAL C 93 -15.43 39.10 1.44
C VAL C 93 -14.45 38.05 1.95
N TYR C 94 -14.99 36.94 2.44
CA TYR C 94 -14.17 35.87 2.99
C TYR C 94 -14.06 34.75 1.98
N TYR C 95 -12.83 34.34 1.67
CA TYR C 95 -12.53 33.23 0.78
C TYR C 95 -11.91 32.08 1.56
N CYS C 96 -12.37 30.86 1.30
CA CYS C 96 -11.58 29.69 1.64
C CYS C 96 -10.70 29.34 0.45
N ALA C 97 -9.49 28.82 0.75
CA ALA C 97 -8.46 28.60 -0.24
C ALA C 97 -7.75 27.28 0.03
N ARG C 98 -7.44 26.58 -0.99
CA ARG C 98 -6.61 25.38 -0.93
C ARG C 98 -5.20 25.69 -1.40
N PRO C 99 -4.17 25.36 -0.61
CA PRO C 99 -2.79 25.68 -1.01
C PRO C 99 -2.35 24.88 -2.21
N ARG C 100 -1.43 25.46 -2.99
CA ARG C 100 -0.72 24.76 -4.08
C ARG C 100 0.59 24.21 -3.51
N ILE C 101 0.60 22.91 -3.24
CA ILE C 101 1.67 22.25 -2.50
C ILE C 101 1.62 22.71 -1.05
N ALA C 102 2.03 23.96 -0.82
CA ALA C 102 1.94 24.63 0.47
C ALA C 102 1.97 26.12 0.18
N ALA C 103 1.21 26.90 0.99
CA ALA C 103 1.07 28.33 0.71
C ALA C 103 2.43 29.00 0.65
N ARG C 104 3.36 28.58 1.49
CA ARG C 104 4.66 29.20 1.54
C ARG C 104 5.52 28.85 0.32
N ARG C 105 5.09 27.88 -0.48
CA ARG C 105 5.87 27.49 -1.65
C ARG C 105 5.16 27.89 -2.94
N GLY C 106 3.92 27.46 -3.13
CA GLY C 106 3.20 27.73 -4.35
C GLY C 106 1.97 28.58 -4.20
N GLY C 107 1.74 29.15 -3.02
CA GLY C 107 0.56 29.96 -2.84
C GLY C 107 -0.72 29.14 -2.82
N PHE C 108 -1.81 29.78 -3.24
CA PHE C 108 -3.14 29.17 -3.22
C PHE C 108 -3.53 28.72 -4.62
N GLY C 109 -3.93 27.48 -4.74
CA GLY C 109 -4.22 26.98 -6.06
C GLY C 109 -5.70 27.07 -6.42
N TYR C 110 -6.56 27.23 -5.42
CA TYR C 110 -7.98 27.30 -5.70
C TYR C 110 -8.63 28.18 -4.65
N TRP C 111 -9.48 29.10 -5.12
CA TRP C 111 -10.27 29.97 -4.26
C TRP C 111 -11.77 29.70 -4.42
N GLY C 112 -12.50 29.84 -3.30
CA GLY C 112 -13.95 29.86 -3.39
C GLY C 112 -14.50 31.19 -3.92
N GLN C 113 -15.80 31.19 -4.17
CA GLN C 113 -16.50 32.36 -4.70
C GLN C 113 -16.41 33.55 -3.77
N GLY C 114 -16.33 33.30 -2.47
CA GLY C 114 -16.46 34.41 -1.56
C GLY C 114 -17.86 34.51 -0.97
N THR C 115 -17.92 34.90 0.30
CA THR C 115 -19.15 35.23 1.00
C THR C 115 -18.91 36.52 1.77
N LEU C 116 -19.85 37.45 1.69
CA LEU C 116 -19.62 38.79 2.20
C LEU C 116 -20.13 38.89 3.63
N VAL C 117 -19.31 39.45 4.51
CA VAL C 117 -19.70 39.75 5.87
C VAL C 117 -19.68 41.26 6.02
N THR C 118 -20.81 41.84 6.43
CA THR C 118 -20.92 43.27 6.66
C THR C 118 -21.26 43.48 8.12
N VAL C 119 -20.35 44.14 8.84
CA VAL C 119 -20.59 44.42 10.28
C VAL C 119 -21.03 45.88 10.41
N SER C 120 -22.32 46.12 10.59
CA SER C 120 -22.85 47.50 10.66
C SER C 120 -23.94 47.61 11.75
N SER C 121 -24.06 48.78 12.36
CA SER C 121 -25.11 49.01 13.38
C SER C 121 -26.43 49.26 12.66
N ALA C 122 -26.41 49.94 11.53
CA ALA C 122 -27.64 50.31 10.78
C ALA C 122 -28.71 49.22 10.81
N SER C 123 -29.96 49.61 11.09
CA SER C 123 -31.09 48.65 11.05
C SER C 123 -31.78 48.76 9.70
N THR C 124 -32.41 47.67 9.24
CA THR C 124 -33.01 47.70 7.89
C THR C 124 -33.93 48.91 7.71
N LYS C 125 -33.84 49.55 6.55
CA LYS C 125 -34.71 50.67 6.26
C LYS C 125 -34.94 50.76 4.76
N GLY C 126 -36.13 51.23 4.39
CA GLY C 126 -36.46 51.48 3.01
C GLY C 126 -36.11 52.91 2.63
N PRO C 127 -35.95 53.15 1.33
CA PRO C 127 -35.53 54.48 0.88
C PRO C 127 -36.68 55.39 0.47
N SER C 128 -36.56 56.68 0.77
CA SER C 128 -37.44 57.67 0.17
C SER C 128 -36.99 57.89 -1.27
N VAL C 129 -37.94 57.84 -2.21
CA VAL C 129 -37.63 57.95 -3.64
C VAL C 129 -38.10 59.30 -4.12
N PHE C 130 -37.14 60.21 -4.38
CA PHE C 130 -37.38 61.53 -4.93
C PHE C 130 -37.01 61.56 -6.41
N PRO C 131 -37.76 62.31 -7.22
CA PRO C 131 -37.53 62.32 -8.66
C PRO C 131 -36.55 63.39 -9.08
N LEU C 132 -35.89 63.15 -10.21
CA LEU C 132 -34.94 64.09 -10.78
C LEU C 132 -35.65 64.95 -11.81
N ALA C 133 -35.79 66.23 -11.51
CA ALA C 133 -36.56 67.16 -12.35
C ALA C 133 -35.99 67.23 -13.77
N PRO C 134 -36.83 67.07 -14.79
CA PRO C 134 -36.37 67.24 -16.17
C PRO C 134 -35.98 68.69 -16.43
N SER C 135 -34.70 68.88 -16.79
CA SER C 135 -34.19 70.12 -17.37
C SER C 135 -32.69 69.90 -17.62
N SER C 136 -32.09 70.88 -18.30
CA SER C 136 -30.64 70.93 -18.55
C SER C 136 -30.02 69.58 -18.91
N SER C 140 -26.95 70.09 -27.81
CA SER C 140 -28.31 70.11 -28.33
C SER C 140 -29.34 69.99 -27.20
N GLY C 141 -30.43 70.74 -27.33
CA GLY C 141 -31.56 70.63 -26.42
C GLY C 141 -32.47 69.46 -26.69
N GLY C 142 -32.20 68.71 -27.75
CA GLY C 142 -33.03 67.59 -28.15
C GLY C 142 -33.03 66.41 -27.20
N THR C 143 -32.40 66.57 -26.03
CA THR C 143 -32.48 65.56 -24.98
C THR C 143 -32.97 66.19 -23.67
N ALA C 144 -32.97 65.39 -22.61
CA ALA C 144 -33.44 65.83 -21.30
C ALA C 144 -33.00 64.82 -20.26
N ALA C 145 -32.69 65.31 -19.07
CA ALA C 145 -32.19 64.48 -17.98
C ALA C 145 -33.35 64.12 -17.05
N LEU C 146 -33.79 62.87 -17.11
CA LEU C 146 -34.78 62.34 -16.18
C LEU C 146 -34.10 61.31 -15.28
N GLY C 147 -34.46 61.32 -14.01
CA GLY C 147 -33.93 60.30 -13.13
C GLY C 147 -34.72 60.19 -11.85
N CYS C 148 -34.21 59.37 -10.94
CA CYS C 148 -34.82 59.16 -9.65
C CYS C 148 -33.74 59.05 -8.58
N LEU C 149 -33.92 59.79 -7.49
CA LEU C 149 -33.07 59.69 -6.30
C LEU C 149 -33.71 58.71 -5.32
N VAL C 150 -32.91 57.76 -4.81
CA VAL C 150 -33.37 56.84 -3.76
C VAL C 150 -32.38 56.92 -2.59
N LYS C 151 -32.87 57.34 -1.43
CA LYS C 151 -32.02 57.83 -0.36
C LYS C 151 -32.29 57.10 0.94
N ASP C 152 -31.21 56.83 1.69
CA ASP C 152 -31.26 56.29 3.05
C ASP C 152 -31.91 54.91 3.16
N TYR C 153 -31.23 53.89 2.62
CA TYR C 153 -31.72 52.48 2.79
C TYR C 153 -30.59 51.63 3.37
N PHE C 154 -30.90 50.54 4.08
CA PHE C 154 -29.82 49.78 4.78
C PHE C 154 -29.25 48.62 3.93
N PRO C 155 -29.78 47.37 3.94
CA PRO C 155 -29.14 46.26 3.21
C PRO C 155 -29.03 46.85 1.81
N GLU C 156 -27.87 46.70 1.14
CA GLU C 156 -27.81 47.44 -0.11
C GLU C 156 -28.80 46.89 -1.15
N PRO C 157 -28.62 45.65 -1.66
CA PRO C 157 -29.14 45.35 -3.01
C PRO C 157 -30.51 45.94 -3.32
N VAL C 158 -30.54 46.89 -4.27
CA VAL C 158 -31.76 47.58 -4.67
C VAL C 158 -31.77 47.70 -6.20
N THR C 159 -32.93 47.45 -6.80
CA THR C 159 -33.11 47.28 -8.23
C THR C 159 -33.95 48.42 -8.80
N VAL C 160 -33.58 48.89 -10.00
CA VAL C 160 -34.28 49.98 -10.66
C VAL C 160 -34.51 49.64 -12.14
N SER C 161 -35.74 49.87 -12.60
CA SER C 161 -36.08 49.78 -14.02
C SER C 161 -36.95 50.98 -14.39
N TRP C 162 -37.15 51.19 -15.68
CA TRP C 162 -37.94 52.31 -16.19
C TRP C 162 -39.04 51.79 -17.09
N ASN C 163 -40.20 52.44 -17.03
CA ASN C 163 -41.42 52.07 -17.76
C ASN C 163 -41.93 50.68 -17.43
N SER C 164 -41.40 50.05 -16.38
CA SER C 164 -41.60 48.63 -16.04
C SER C 164 -40.91 47.69 -17.01
N GLY C 165 -40.07 48.20 -17.90
CA GLY C 165 -39.32 47.34 -18.80
C GLY C 165 -39.11 47.81 -20.23
N ALA C 166 -40.04 48.58 -20.79
CA ALA C 166 -39.93 48.95 -22.20
C ALA C 166 -39.12 50.24 -22.41
N LEU C 167 -37.96 50.32 -21.76
CA LEU C 167 -37.03 51.43 -21.99
C LEU C 167 -35.65 51.00 -21.50
N THR C 168 -34.78 50.60 -22.44
CA THR C 168 -33.37 50.37 -22.14
C THR C 168 -32.45 51.41 -22.76
N SER C 169 -32.92 52.15 -23.76
CA SER C 169 -32.11 53.17 -24.44
C SER C 169 -32.04 54.41 -23.56
N GLY C 170 -30.99 54.50 -22.75
CA GLY C 170 -30.75 55.71 -21.99
C GLY C 170 -30.56 55.54 -20.50
N VAL C 171 -30.94 54.38 -19.95
CA VAL C 171 -30.87 54.18 -18.51
C VAL C 171 -29.42 54.10 -18.06
N HIS C 172 -29.06 54.94 -17.09
CA HIS C 172 -27.82 54.79 -16.35
C HIS C 172 -28.18 54.80 -14.88
N THR C 173 -27.92 53.68 -14.20
CA THR C 173 -28.23 53.52 -12.79
C THR C 173 -26.96 53.55 -11.97
N PHE C 174 -26.93 54.40 -10.97
CA PHE C 174 -25.59 54.60 -10.47
C PHE C 174 -25.35 53.81 -9.20
N PRO C 175 -24.17 53.22 -9.07
CA PRO C 175 -23.82 52.48 -7.86
C PRO C 175 -24.03 53.34 -6.63
N ALA C 176 -24.58 52.72 -5.59
CA ALA C 176 -24.95 53.44 -4.38
C ALA C 176 -23.73 54.03 -3.68
N VAL C 177 -23.98 55.08 -2.91
CA VAL C 177 -22.98 55.65 -2.01
C VAL C 177 -23.41 55.32 -0.59
N LEU C 178 -22.42 55.20 0.29
CA LEU C 178 -22.64 54.92 1.71
C LEU C 178 -22.38 56.19 2.51
N GLN C 179 -23.42 56.70 3.16
CA GLN C 179 -23.26 57.86 4.03
C GLN C 179 -22.50 57.47 5.30
N SER C 180 -21.93 58.48 5.96
CA SER C 180 -21.41 58.25 7.31
C SER C 180 -22.51 57.81 8.24
N SER C 181 -23.76 58.21 7.95
CA SER C 181 -24.94 57.73 8.67
C SER C 181 -24.99 56.21 8.78
N GLY C 182 -24.27 55.51 7.91
CA GLY C 182 -24.39 54.06 7.81
C GLY C 182 -25.37 53.58 6.77
N LEU C 183 -26.06 54.50 6.08
CA LEU C 183 -27.15 54.19 5.18
C LEU C 183 -26.74 54.50 3.74
N TYR C 184 -27.39 53.84 2.80
CA TYR C 184 -27.04 53.96 1.38
C TYR C 184 -28.02 54.89 0.65
N SER C 185 -27.55 55.44 -0.47
CA SER C 185 -28.40 56.16 -1.40
C SER C 185 -27.89 55.91 -2.81
N LEU C 186 -28.78 55.97 -3.79
CA LEU C 186 -28.36 55.91 -5.18
C LEU C 186 -29.25 56.79 -6.05
N SER C 187 -28.96 56.80 -7.34
CA SER C 187 -29.79 57.47 -8.33
C SER C 187 -29.66 56.75 -9.66
N SER C 188 -30.65 56.96 -10.53
CA SER C 188 -30.67 56.39 -11.88
C SER C 188 -31.15 57.47 -12.85
N VAL C 189 -30.52 57.57 -14.02
CA VAL C 189 -30.83 58.61 -14.99
C VAL C 189 -31.29 57.94 -16.28
N VAL C 190 -32.10 58.68 -17.06
CA VAL C 190 -32.43 58.32 -18.43
C VAL C 190 -32.39 59.58 -19.27
N THR C 191 -31.52 59.60 -20.28
CA THR C 191 -31.57 60.65 -21.28
C THR C 191 -32.69 60.33 -22.27
N VAL C 192 -33.58 61.29 -22.51
CA VAL C 192 -34.71 61.06 -23.42
C VAL C 192 -34.92 62.29 -24.28
N PRO C 193 -35.47 62.11 -25.48
CA PRO C 193 -35.81 63.27 -26.30
C PRO C 193 -36.76 64.21 -25.57
N SER C 194 -36.48 65.51 -25.69
CA SER C 194 -37.42 66.51 -25.22
C SER C 194 -38.62 66.66 -26.15
N SER C 195 -38.59 65.98 -27.31
CA SER C 195 -39.76 65.88 -28.16
C SER C 195 -40.93 65.24 -27.41
N SER C 196 -40.62 64.38 -26.44
CA SER C 196 -41.60 63.58 -25.73
C SER C 196 -41.93 64.08 -24.33
N LEU C 197 -41.11 64.98 -23.75
CA LEU C 197 -41.39 65.48 -22.41
C LEU C 197 -42.77 66.12 -22.31
N GLY C 198 -43.29 66.63 -23.43
CA GLY C 198 -44.66 67.07 -23.44
C GLY C 198 -45.70 66.02 -23.73
N THR C 199 -45.30 64.81 -24.12
CA THR C 199 -46.27 63.77 -24.45
C THR C 199 -46.13 62.51 -23.59
N GLN C 200 -44.94 61.94 -23.49
CA GLN C 200 -44.80 60.64 -22.83
C GLN C 200 -44.78 60.81 -21.31
N THR C 201 -45.00 59.70 -20.61
CA THR C 201 -44.99 59.69 -19.15
C THR C 201 -44.04 58.59 -18.67
N TYR C 202 -42.97 58.99 -17.97
CA TYR C 202 -41.81 58.11 -17.73
C TYR C 202 -41.87 57.54 -16.31
N ILE C 203 -42.10 56.24 -16.21
CA ILE C 203 -42.34 55.57 -14.93
C ILE C 203 -41.02 55.04 -14.39
N CYS C 204 -40.72 55.42 -13.13
CA CYS C 204 -39.46 54.98 -12.47
C CYS C 204 -39.81 54.01 -11.34
N ASN C 205 -39.37 52.76 -11.46
CA ASN C 205 -39.66 51.71 -10.49
C ASN C 205 -38.38 51.33 -9.76
N VAL C 206 -38.49 51.01 -8.48
CA VAL C 206 -37.33 50.63 -7.67
C VAL C 206 -37.77 49.60 -6.65
N ASN C 207 -36.97 48.54 -6.50
CA ASN C 207 -37.30 47.40 -5.66
C ASN C 207 -36.25 47.24 -4.56
N HIS C 208 -36.71 47.10 -3.32
CA HIS C 208 -35.84 46.85 -2.18
C HIS C 208 -36.32 45.59 -1.46
N LYS C 209 -35.67 44.46 -1.76
CA LYS C 209 -36.10 43.18 -1.18
C LYS C 209 -36.03 43.16 0.34
N PRO C 210 -34.94 43.58 1.00
CA PRO C 210 -34.95 43.62 2.46
C PRO C 210 -36.06 44.46 3.06
N SER C 211 -36.45 45.57 2.42
CA SER C 211 -37.56 46.36 2.95
C SER C 211 -38.91 45.73 2.63
N ASN C 212 -39.07 45.20 1.41
CA ASN C 212 -40.38 44.96 0.80
C ASN C 212 -41.26 46.21 0.91
N THR C 213 -40.63 47.37 0.72
CA THR C 213 -41.31 48.65 0.56
C THR C 213 -40.97 49.17 -0.84
N LYS C 214 -41.95 49.14 -1.74
CA LYS C 214 -41.76 49.51 -3.15
C LYS C 214 -42.63 50.74 -3.42
N VAL C 215 -42.00 51.91 -3.50
CA VAL C 215 -42.69 53.16 -3.78
C VAL C 215 -42.39 53.58 -5.23
N ASP C 216 -43.45 53.75 -6.02
CA ASP C 216 -43.27 54.06 -7.47
C ASP C 216 -43.52 55.55 -7.72
N LYS C 217 -42.51 56.25 -8.21
CA LYS C 217 -42.53 57.68 -8.49
C LYS C 217 -42.38 57.91 -9.99
N LYS C 218 -43.17 58.85 -10.50
CA LYS C 218 -43.13 59.27 -11.90
C LYS C 218 -42.55 60.67 -11.98
N VAL C 219 -41.81 60.93 -13.06
CA VAL C 219 -40.95 62.10 -13.18
C VAL C 219 -41.62 63.13 -14.09
N GLU C 220 -41.63 64.39 -13.65
CA GLU C 220 -42.15 65.51 -14.42
C GLU C 220 -41.63 66.80 -13.79
N PRO C 221 -41.70 67.97 -14.51
CA PRO C 221 -41.07 69.20 -13.99
C PRO C 221 -41.82 69.85 -12.82
N LYS C 222 -41.36 71.02 -12.39
CA LYS C 222 -41.95 71.74 -11.26
C LYS C 222 -42.24 73.19 -11.67
N SER C 223 -43.24 73.78 -11.01
CA SER C 223 -43.70 75.13 -11.29
C SER C 223 -42.70 76.20 -10.84
N ASN D 1 4.45 40.61 10.83
CA ASN D 1 5.07 40.17 9.58
C ASN D 1 6.13 41.18 9.15
N PHE D 2 6.84 40.85 8.08
CA PHE D 2 7.46 41.86 7.24
C PHE D 2 6.41 42.40 6.27
N MET D 3 6.77 43.45 5.53
CA MET D 3 5.88 44.10 4.58
C MET D 3 6.33 43.83 3.15
N LEU D 4 5.34 43.74 2.27
CA LEU D 4 5.54 43.69 0.83
C LEU D 4 4.90 44.93 0.23
N THR D 5 5.69 45.77 -0.43
CA THR D 5 5.19 47.05 -0.95
C THR D 5 5.16 47.01 -2.47
N GLN D 6 4.01 47.36 -3.02
CA GLN D 6 3.89 47.43 -4.48
C GLN D 6 3.35 48.82 -4.82
N PRO D 7 3.64 49.36 -6.01
CA PRO D 7 3.01 50.64 -6.42
C PRO D 7 1.49 50.46 -6.45
N HIS D 8 0.77 51.52 -6.10
CA HIS D 8 -0.68 51.39 -6.06
C HIS D 8 -1.26 51.22 -7.45
N SER D 9 -0.63 51.79 -8.47
CA SER D 9 -1.28 51.96 -9.76
C SER D 9 -0.24 52.10 -10.85
N VAL D 10 -0.47 51.43 -11.97
CA VAL D 10 0.30 51.62 -13.20
C VAL D 10 -0.68 51.62 -14.36
N SER D 11 -0.48 52.54 -15.29
CA SER D 11 -1.31 52.69 -16.48
C SER D 11 -0.42 52.54 -17.70
N GLU D 12 -0.78 51.62 -18.58
CA GLU D 12 0.01 51.35 -19.76
C GLU D 12 -0.93 51.13 -20.93
N SER D 13 -0.39 51.22 -22.12
CA SER D 13 -1.25 51.06 -23.27
C SER D 13 -1.09 49.67 -23.88
N PRO D 14 -2.06 49.22 -24.68
CA PRO D 14 -1.94 47.89 -25.31
C PRO D 14 -0.67 47.78 -26.14
N GLY D 15 -0.08 46.58 -26.12
CA GLY D 15 1.16 46.32 -26.82
C GLY D 15 2.37 46.49 -25.93
N LYS D 16 2.36 47.53 -25.11
CA LYS D 16 3.54 47.80 -24.29
C LYS D 16 3.71 46.70 -23.27
N THR D 17 4.84 46.71 -22.61
CA THR D 17 5.10 45.79 -21.52
C THR D 17 5.26 46.59 -20.25
N VAL D 18 4.87 45.98 -19.13
CA VAL D 18 4.85 46.67 -17.86
C VAL D 18 5.48 45.76 -16.81
N THR D 19 6.02 46.39 -15.77
CA THR D 19 6.67 45.71 -14.65
C THR D 19 6.05 46.22 -13.36
N ILE D 20 5.55 45.29 -12.55
CA ILE D 20 4.98 45.57 -11.24
C ILE D 20 5.94 44.98 -10.22
N SER D 21 6.47 45.82 -9.37
CA SER D 21 7.50 45.40 -8.44
C SER D 21 6.90 45.21 -7.04
N CYS D 22 7.57 44.38 -6.27
CA CYS D 22 7.05 43.98 -4.97
C CYS D 22 8.27 43.82 -4.07
N THR D 23 8.47 44.75 -3.16
CA THR D 23 9.73 44.81 -2.43
C THR D 23 9.50 44.54 -0.94
N ARG D 24 10.43 43.79 -0.36
CA ARG D 24 10.26 43.23 0.98
C ARG D 24 10.99 44.10 2.00
N SER D 25 10.31 44.46 3.09
CA SER D 25 10.82 45.50 3.97
C SER D 25 12.00 45.00 4.80
N SER D 26 11.94 43.77 5.32
CA SER D 26 13.07 43.30 6.09
C SER D 26 13.29 41.81 5.85
N GLY D 27 14.56 41.40 5.84
CA GLY D 27 14.87 40.02 5.54
C GLY D 27 15.02 39.81 4.06
N ASN D 28 15.96 38.96 3.67
CA ASN D 28 16.29 38.86 2.26
C ASN D 28 15.11 38.31 1.47
N ILE D 29 14.93 38.84 0.27
CA ILE D 29 13.84 38.39 -0.60
C ILE D 29 14.01 36.92 -0.96
N ASP D 30 15.25 36.42 -0.98
CA ASP D 30 15.57 35.04 -1.30
C ASP D 30 15.16 34.06 -0.21
N ASN D 31 14.74 34.56 0.94
CA ASN D 31 14.34 33.68 2.02
C ASN D 31 12.99 32.99 1.77
N ASN D 32 12.14 33.50 0.89
CA ASN D 32 10.83 32.90 0.72
C ASN D 32 10.39 33.00 -0.74
N TYR D 33 9.68 31.97 -1.19
CA TYR D 33 9.08 32.02 -2.51
C TYR D 33 8.10 33.19 -2.60
N VAL D 34 7.88 33.67 -3.82
CA VAL D 34 6.95 34.75 -4.09
C VAL D 34 5.95 34.27 -5.12
N GLN D 35 4.67 34.52 -4.85
CA GLN D 35 3.56 34.27 -5.76
C GLN D 35 2.99 35.60 -6.26
N TRP D 36 2.31 35.54 -7.41
CA TRP D 36 1.58 36.65 -7.97
C TRP D 36 0.19 36.20 -8.39
N TYR D 37 -0.83 36.98 -8.00
CA TYR D 37 -2.24 36.78 -8.34
C TYR D 37 -2.77 37.97 -9.12
N GLN D 38 -3.56 37.70 -10.16
CA GLN D 38 -4.36 38.76 -10.76
C GLN D 38 -5.79 38.63 -10.25
N GLN D 39 -6.43 39.77 -10.02
CA GLN D 39 -7.82 39.78 -9.56
C GLN D 39 -8.58 40.78 -10.38
N ARG D 40 -9.56 40.30 -11.12
CA ARG D 40 -10.46 41.15 -11.88
C ARG D 40 -11.62 41.57 -11.00
N PRO D 41 -12.14 42.78 -11.22
CA PRO D 41 -13.26 43.29 -10.41
C PRO D 41 -14.37 42.27 -10.26
N GLY D 42 -14.75 42.02 -9.00
CA GLY D 42 -15.88 41.17 -8.69
C GLY D 42 -15.63 39.69 -8.83
N SER D 43 -14.38 39.24 -8.91
CA SER D 43 -14.11 37.82 -9.03
C SER D 43 -12.97 37.45 -8.09
N SER D 44 -12.78 36.16 -7.92
CA SER D 44 -11.76 35.73 -6.99
C SER D 44 -10.39 35.76 -7.68
N PRO D 45 -9.30 35.87 -6.90
CA PRO D 45 -7.97 35.86 -7.52
C PRO D 45 -7.68 34.55 -8.23
N THR D 46 -6.82 34.62 -9.25
CA THR D 46 -6.13 33.46 -9.81
C THR D 46 -4.63 33.68 -9.79
N THR D 47 -3.88 32.59 -9.95
CA THR D 47 -2.43 32.68 -9.97
C THR D 47 -1.97 32.98 -11.39
N VAL D 48 -1.03 33.92 -11.53
CA VAL D 48 -0.28 34.05 -12.77
C VAL D 48 1.17 33.61 -12.62
N ILE D 49 1.77 33.77 -11.45
CA ILE D 49 3.11 33.25 -11.18
C ILE D 49 3.11 32.66 -9.77
N TYR D 50 3.73 31.47 -9.64
CA TYR D 50 4.02 30.89 -8.32
C TYR D 50 5.46 30.40 -8.33
N GLU D 51 5.99 30.09 -7.14
CA GLU D 51 7.39 29.69 -6.95
C GLU D 51 8.37 30.63 -7.68
N ASP D 52 8.14 31.94 -7.49
CA ASP D 52 8.92 33.08 -7.97
C ASP D 52 8.81 33.28 -9.47
N ASN D 53 8.73 32.18 -10.23
CA ASN D 53 8.77 32.32 -11.67
C ASN D 53 8.03 31.23 -12.44
N GLN D 54 7.32 30.31 -11.78
CA GLN D 54 6.59 29.29 -12.51
C GLN D 54 5.23 29.84 -12.93
N ARG D 55 4.80 29.44 -14.07
CA ARG D 55 3.53 29.88 -14.61
C ARG D 55 2.57 28.70 -14.64
N PRO D 56 1.37 28.84 -14.08
CA PRO D 56 0.36 27.78 -14.20
C PRO D 56 -0.07 27.62 -15.65
N SER D 57 -0.45 26.40 -16.02
CA SER D 57 -0.88 26.21 -17.40
C SER D 57 -2.12 27.03 -17.66
N GLY D 58 -2.33 27.38 -18.93
CA GLY D 58 -3.35 28.32 -19.31
C GLY D 58 -2.93 29.78 -19.25
N VAL D 59 -1.97 30.13 -18.40
CA VAL D 59 -1.51 31.52 -18.33
C VAL D 59 -0.60 31.80 -19.51
N PRO D 60 -0.85 32.84 -20.30
CA PRO D 60 0.01 33.12 -21.46
C PRO D 60 1.42 33.43 -20.99
N ASP D 61 2.40 33.11 -21.83
CA ASP D 61 3.79 33.33 -21.46
C ASP D 61 4.20 34.79 -21.54
N ARG D 62 3.25 35.70 -21.81
CA ARG D 62 3.47 37.13 -21.58
C ARG D 62 3.83 37.41 -20.12
N PHE D 63 3.26 36.65 -19.19
CA PHE D 63 3.54 36.84 -17.76
C PHE D 63 4.84 36.13 -17.41
N SER D 64 5.77 36.86 -16.84
CA SER D 64 6.96 36.22 -16.30
C SER D 64 7.23 36.82 -14.92
N GLY D 65 7.99 36.07 -14.12
CA GLY D 65 8.34 36.52 -12.78
C GLY D 65 9.84 36.45 -12.57
N SER D 66 10.33 37.32 -11.69
CA SER D 66 11.76 37.41 -11.40
C SER D 66 11.97 37.88 -9.98
N ILE D 67 13.20 37.70 -9.52
CA ILE D 67 13.68 38.16 -8.22
C ILE D 67 14.91 39.02 -8.44
N ASP D 68 14.97 40.14 -7.72
CA ASP D 68 16.07 41.10 -7.80
C ASP D 68 16.67 41.21 -6.42
N SER D 69 17.82 40.58 -6.19
CA SER D 69 18.42 40.63 -4.86
C SER D 69 18.82 42.05 -4.49
N SER D 70 19.37 42.79 -5.45
CA SER D 70 19.91 44.11 -5.15
C SER D 70 18.86 45.02 -4.51
N SER D 71 17.65 45.04 -5.05
CA SER D 71 16.58 45.87 -4.50
C SER D 71 15.67 45.10 -3.54
N ASN D 72 16.04 43.88 -3.14
CA ASN D 72 15.24 43.04 -2.26
C ASN D 72 13.80 42.91 -2.75
N SER D 73 13.63 42.71 -4.04
CA SER D 73 12.28 42.78 -4.62
C SER D 73 12.03 41.62 -5.57
N ALA D 74 10.75 41.39 -5.80
CA ALA D 74 10.19 40.52 -6.82
C ALA D 74 9.46 41.37 -7.85
N SER D 75 9.45 40.92 -9.10
CA SER D 75 8.75 41.68 -10.13
C SER D 75 7.93 40.76 -11.02
N LEU D 76 6.68 41.17 -11.27
CA LEU D 76 5.83 40.59 -12.31
C LEU D 76 5.92 41.44 -13.57
N THR D 77 6.30 40.82 -14.68
CA THR D 77 6.41 41.49 -15.97
C THR D 77 5.33 40.91 -16.89
N ILE D 78 4.49 41.79 -17.45
CA ILE D 78 3.48 41.42 -18.43
C ILE D 78 3.88 42.07 -19.75
N SER D 79 4.33 41.27 -20.71
CA SER D 79 4.73 41.80 -22.00
C SER D 79 3.53 41.83 -22.93
N GLY D 80 3.63 42.67 -23.98
CA GLY D 80 2.57 42.80 -24.97
C GLY D 80 1.17 42.89 -24.39
N LEU D 81 0.89 43.90 -23.57
CA LEU D 81 -0.35 43.94 -22.81
C LEU D 81 -1.57 43.88 -23.71
N LYS D 82 -2.55 43.08 -23.29
CA LYS D 82 -3.89 43.08 -23.84
C LYS D 82 -4.81 43.77 -22.85
N THR D 83 -6.00 44.13 -23.33
CA THR D 83 -6.92 44.85 -22.46
C THR D 83 -7.41 43.99 -21.29
N GLU D 84 -7.57 42.69 -21.51
CA GLU D 84 -8.02 41.82 -20.44
C GLU D 84 -7.01 41.74 -19.31
N ASP D 85 -5.77 42.18 -19.56
CA ASP D 85 -4.76 42.22 -18.51
C ASP D 85 -5.07 43.27 -17.43
N GLU D 86 -6.04 44.15 -17.65
CA GLU D 86 -6.43 45.10 -16.62
C GLU D 86 -6.98 44.35 -15.43
N ALA D 87 -6.41 44.62 -14.25
CA ALA D 87 -6.68 43.82 -13.06
C ALA D 87 -5.88 44.38 -11.89
N ASP D 88 -6.19 43.81 -10.73
CA ASP D 88 -5.39 44.09 -9.53
C ASP D 88 -4.42 42.92 -9.39
N TYR D 89 -3.16 43.18 -9.11
CA TYR D 89 -2.10 42.20 -9.02
C TYR D 89 -1.53 42.27 -7.62
N TYR D 90 -1.59 41.14 -6.93
CA TYR D 90 -1.09 40.99 -5.57
C TYR D 90 0.11 40.05 -5.59
N CYS D 91 1.22 40.50 -5.01
CA CYS D 91 2.26 39.55 -4.68
C CYS D 91 2.01 38.94 -3.30
N GLN D 92 2.50 37.72 -3.12
CA GLN D 92 2.37 37.04 -1.85
C GLN D 92 3.64 36.29 -1.54
N SER D 93 4.01 36.26 -0.25
CA SER D 93 5.17 35.50 0.19
C SER D 93 4.85 34.99 1.60
N TYR D 94 5.89 34.62 2.36
CA TYR D 94 5.62 33.93 3.63
C TYR D 94 6.66 34.33 4.67
N ASP D 95 6.22 34.40 5.92
CA ASP D 95 7.05 34.83 7.04
C ASP D 95 7.18 33.67 8.04
N TYR D 96 8.36 33.05 8.06
CA TYR D 96 8.60 31.93 8.96
C TYR D 96 8.55 32.37 10.42
N ASP D 97 9.00 33.60 10.70
CA ASP D 97 9.04 34.12 12.08
C ASP D 97 7.65 34.23 12.68
N THR D 98 6.64 34.47 11.86
CA THR D 98 5.29 34.65 12.35
C THR D 98 4.35 33.55 11.86
N GLN D 99 4.86 32.59 11.09
CA GLN D 99 4.04 31.58 10.43
C GLN D 99 2.90 32.22 9.64
N GLY D 100 3.16 33.40 9.08
CA GLY D 100 2.14 34.21 8.43
C GLY D 100 2.29 34.24 6.92
N VAL D 101 1.17 34.14 6.22
CA VAL D 101 1.11 34.41 4.79
C VAL D 101 1.04 35.92 4.59
N VAL D 102 1.93 36.47 3.77
CA VAL D 102 2.04 37.91 3.57
C VAL D 102 1.59 38.29 2.15
N PHE D 103 0.72 39.29 2.06
CA PHE D 103 0.31 39.87 0.78
C PHE D 103 0.85 41.29 0.59
N GLY D 104 1.13 41.65 -0.66
CA GLY D 104 1.34 43.04 -0.96
C GLY D 104 0.02 43.78 -0.90
N GLY D 105 0.08 45.11 -0.97
CA GLY D 105 -1.14 45.90 -1.03
C GLY D 105 -1.86 45.81 -2.36
N GLY D 106 -1.22 45.27 -3.40
CA GLY D 106 -1.82 45.19 -4.72
C GLY D 106 -1.45 46.37 -5.61
N THR D 107 -1.50 46.12 -6.93
CA THR D 107 -1.31 47.15 -7.93
C THR D 107 -2.48 47.10 -8.91
N LYS D 108 -3.24 48.18 -9.00
CA LYS D 108 -4.22 48.28 -10.07
C LYS D 108 -3.50 48.62 -11.36
N LEU D 109 -3.52 47.71 -12.33
CA LEU D 109 -2.99 47.98 -13.65
C LEU D 109 -4.14 48.46 -14.52
N THR D 110 -4.07 49.70 -14.97
CA THR D 110 -5.00 50.21 -15.96
C THR D 110 -4.34 50.00 -17.31
N VAL D 111 -4.97 49.22 -18.15
CA VAL D 111 -4.34 48.80 -19.39
C VAL D 111 -4.80 49.68 -20.56
N LEU D 112 -5.31 50.87 -20.26
CA LEU D 112 -5.67 51.88 -21.26
C LEU D 112 -6.53 51.18 -22.31
N GLY D 113 -6.25 51.33 -23.59
CA GLY D 113 -7.16 50.85 -24.60
C GLY D 113 -8.30 51.84 -24.62
N GLN D 114 -8.78 52.19 -25.82
CA GLN D 114 -9.79 53.23 -25.99
C GLN D 114 -9.21 54.63 -25.76
N PRO D 115 -9.66 55.63 -26.53
CA PRO D 115 -9.13 57.00 -26.34
C PRO D 115 -9.72 57.68 -25.12
N LYS D 116 -9.08 58.77 -24.71
CA LYS D 116 -9.53 59.52 -23.56
C LYS D 116 -10.91 60.12 -23.83
N ALA D 117 -11.78 60.08 -22.81
CA ALA D 117 -13.10 60.68 -22.92
C ALA D 117 -13.40 61.48 -21.67
N ALA D 118 -13.97 62.66 -21.86
CA ALA D 118 -14.35 63.67 -20.87
C ALA D 118 -15.70 63.34 -20.25
N PRO D 119 -15.89 63.65 -18.97
CA PRO D 119 -17.16 63.31 -18.32
C PRO D 119 -18.29 64.20 -18.78
N SER D 120 -19.50 63.65 -18.73
CA SER D 120 -20.73 64.43 -18.74
C SER D 120 -21.19 64.56 -17.30
N VAL D 121 -21.65 65.76 -16.93
CA VAL D 121 -22.07 66.02 -15.57
C VAL D 121 -23.48 66.62 -15.60
N THR D 122 -24.43 65.92 -14.98
CA THR D 122 -25.70 66.50 -14.60
C THR D 122 -25.65 66.78 -13.10
N LEU D 123 -26.27 67.88 -12.68
CA LEU D 123 -26.27 68.25 -11.27
C LEU D 123 -27.70 68.55 -10.85
N PHE D 124 -28.25 67.72 -9.93
CA PHE D 124 -29.64 67.99 -9.59
C PHE D 124 -29.73 68.73 -8.26
N PRO D 125 -30.51 69.81 -8.20
CA PRO D 125 -30.75 70.51 -6.93
C PRO D 125 -31.70 69.69 -6.06
N PRO D 126 -31.83 70.02 -4.77
CA PRO D 126 -32.73 69.24 -3.92
C PRO D 126 -34.18 69.32 -4.39
N SER D 127 -34.90 68.21 -4.24
CA SER D 127 -36.26 68.06 -4.75
C SER D 127 -37.23 69.01 -4.06
N SER D 128 -38.39 69.21 -4.72
CA SER D 128 -39.54 69.76 -4.02
C SER D 128 -39.86 68.92 -2.78
N GLU D 129 -39.87 67.60 -2.95
CA GLU D 129 -40.23 66.68 -1.86
C GLU D 129 -39.20 66.64 -0.74
N GLU D 130 -37.91 66.76 -1.06
CA GLU D 130 -36.89 66.55 -0.03
C GLU D 130 -36.80 67.70 0.96
N LEU D 131 -36.85 68.95 0.46
CA LEU D 131 -36.91 70.06 1.40
C LEU D 131 -38.18 69.99 2.23
N GLN D 132 -39.25 69.45 1.66
CA GLN D 132 -40.53 69.30 2.35
C GLN D 132 -40.41 68.39 3.56
N ALA D 133 -39.34 67.59 3.64
CA ALA D 133 -39.07 66.74 4.78
C ALA D 133 -37.79 67.14 5.53
N ASN D 134 -37.34 68.40 5.36
CA ASN D 134 -36.25 68.96 6.17
C ASN D 134 -34.91 68.27 5.86
N LYS D 135 -34.65 68.01 4.58
CA LYS D 135 -33.36 67.48 4.14
C LYS D 135 -33.13 67.93 2.70
N ALA D 136 -31.89 68.30 2.39
CA ALA D 136 -31.55 68.82 1.07
C ALA D 136 -30.26 68.16 0.61
N THR D 137 -30.34 67.38 -0.47
CA THR D 137 -29.16 66.78 -1.08
C THR D 137 -29.01 67.28 -2.51
N LEU D 138 -27.76 67.51 -2.91
CA LEU D 138 -27.40 67.78 -4.29
C LEU D 138 -26.77 66.53 -4.87
N VAL D 139 -27.24 66.11 -6.04
CA VAL D 139 -26.80 64.88 -6.68
C VAL D 139 -26.02 65.28 -7.92
N CYS D 140 -24.74 64.92 -7.94
CA CYS D 140 -23.85 65.29 -9.03
C CYS D 140 -23.51 64.00 -9.77
N LEU D 141 -23.93 63.92 -11.03
CA LEU D 141 -23.90 62.65 -11.76
C LEU D 141 -22.88 62.75 -12.87
N ILE D 142 -21.86 61.90 -12.82
CA ILE D 142 -20.71 61.95 -13.72
C ILE D 142 -20.73 60.69 -14.59
N SER D 143 -20.59 60.87 -15.90
CA SER D 143 -20.83 59.72 -16.78
C SER D 143 -19.91 59.79 -18.00
N ASP D 144 -19.84 58.67 -18.69
CA ASP D 144 -19.33 58.57 -20.07
C ASP D 144 -17.85 58.93 -20.18
N PHE D 145 -17.10 58.86 -19.09
CA PHE D 145 -15.70 59.26 -19.16
C PHE D 145 -14.78 58.06 -19.16
N TYR D 146 -13.54 58.32 -19.57
CA TYR D 146 -12.48 57.33 -19.67
C TYR D 146 -11.15 58.07 -19.69
N PRO D 147 -10.13 57.64 -18.92
CA PRO D 147 -10.16 56.49 -18.00
C PRO D 147 -10.99 56.73 -16.75
N GLY D 148 -11.01 55.75 -15.86
CA GLY D 148 -11.94 55.80 -14.75
C GLY D 148 -11.39 56.41 -13.48
N ALA D 149 -10.81 57.60 -13.57
CA ALA D 149 -10.44 58.38 -12.40
C ALA D 149 -10.99 59.79 -12.57
N VAL D 150 -11.73 60.26 -11.57
CA VAL D 150 -12.14 61.65 -11.46
C VAL D 150 -11.90 62.10 -10.03
N THR D 151 -11.85 63.41 -9.84
CA THR D 151 -12.00 63.96 -8.51
C THR D 151 -13.16 64.95 -8.52
N VAL D 152 -13.85 65.05 -7.38
CA VAL D 152 -15.01 65.94 -7.27
C VAL D 152 -14.79 66.88 -6.11
N ALA D 153 -15.12 68.14 -6.31
CA ALA D 153 -15.00 69.16 -5.28
C ALA D 153 -16.23 70.05 -5.29
N TRP D 154 -16.87 70.21 -4.14
CA TRP D 154 -18.01 71.10 -4.04
C TRP D 154 -17.56 72.47 -3.55
N LYS D 155 -18.40 73.47 -3.80
CA LYS D 155 -18.10 74.82 -3.35
C LYS D 155 -19.37 75.51 -2.91
N ALA D 156 -19.31 76.15 -1.74
CA ALA D 156 -20.40 76.96 -1.22
C ALA D 156 -20.18 78.37 -1.76
N ASP D 157 -20.94 78.72 -2.81
CA ASP D 157 -20.67 79.91 -3.62
C ASP D 157 -19.27 79.79 -4.22
N SER D 158 -18.30 80.45 -3.58
CA SER D 158 -16.89 80.32 -3.95
C SER D 158 -16.08 79.44 -3.01
N SER D 159 -16.44 79.40 -1.72
CA SER D 159 -15.63 78.69 -0.74
C SER D 159 -15.81 77.18 -0.90
N PRO D 160 -14.72 76.40 -0.85
CA PRO D 160 -14.84 74.95 -0.98
C PRO D 160 -15.53 74.31 0.23
N VAL D 161 -16.43 73.38 -0.06
CA VAL D 161 -17.10 72.57 0.98
C VAL D 161 -16.40 71.23 1.05
N LYS D 162 -15.98 70.85 2.26
CA LYS D 162 -15.58 69.47 2.50
C LYS D 162 -16.66 68.69 3.24
N ALA D 163 -17.37 69.35 4.15
CA ALA D 163 -18.39 68.68 4.94
C ALA D 163 -19.58 68.28 4.08
N GLY D 164 -20.16 67.12 4.39
CA GLY D 164 -21.37 66.65 3.75
C GLY D 164 -21.17 66.06 2.38
N VAL D 165 -19.93 65.86 1.95
CA VAL D 165 -19.64 65.28 0.64
C VAL D 165 -19.46 63.78 0.80
N GLU D 166 -20.11 63.02 -0.08
CA GLU D 166 -19.85 61.60 -0.25
C GLU D 166 -19.73 61.34 -1.75
N THR D 167 -18.63 60.73 -2.16
CA THR D 167 -18.39 60.48 -3.57
C THR D 167 -18.14 58.99 -3.79
N THR D 168 -18.82 58.43 -4.77
CA THR D 168 -18.70 57.02 -5.09
C THR D 168 -17.38 56.75 -5.80
N THR D 169 -17.05 55.48 -5.94
CA THR D 169 -15.90 55.10 -6.75
C THR D 169 -16.30 54.96 -8.22
N PRO D 170 -15.37 55.12 -9.16
CA PRO D 170 -15.72 54.91 -10.58
C PRO D 170 -16.02 53.43 -10.85
N SER D 171 -17.15 53.19 -11.53
CA SER D 171 -17.58 51.86 -11.91
C SER D 171 -17.72 51.78 -13.42
N LYS D 172 -17.47 50.60 -13.99
CA LYS D 172 -17.55 50.47 -15.44
C LYS D 172 -19.01 50.53 -15.90
N GLN D 173 -19.18 50.80 -17.20
CA GLN D 173 -20.41 51.36 -17.76
C GLN D 173 -21.07 50.40 -18.73
N SER D 174 -22.15 50.93 -19.34
CA SER D 174 -22.80 50.40 -20.54
C SER D 174 -21.79 50.03 -21.62
N ASN D 175 -20.76 50.87 -21.78
CA ASN D 175 -19.92 50.97 -22.96
C ASN D 175 -18.44 51.01 -22.61
N ASN D 176 -18.03 50.24 -21.59
CA ASN D 176 -16.64 50.16 -21.15
C ASN D 176 -16.03 51.52 -20.81
N LYS D 177 -16.86 52.57 -20.72
CA LYS D 177 -16.44 53.83 -20.14
C LYS D 177 -16.68 53.76 -18.63
N TYR D 178 -16.61 54.89 -17.92
CA TYR D 178 -16.74 54.88 -16.47
C TYR D 178 -17.69 55.96 -16.00
N ALA D 179 -18.32 55.70 -14.84
CA ALA D 179 -19.23 56.64 -14.19
C ALA D 179 -18.93 56.71 -12.70
N ALA D 180 -19.34 57.82 -12.10
CA ALA D 180 -19.25 58.04 -10.66
C ALA D 180 -20.33 59.04 -10.27
N SER D 181 -20.61 59.09 -8.97
CA SER D 181 -21.61 60.03 -8.46
C SER D 181 -21.09 60.64 -7.16
N SER D 182 -21.31 61.94 -6.99
CA SER D 182 -21.03 62.62 -5.73
C SER D 182 -22.31 63.22 -5.16
N TYR D 183 -22.40 63.18 -3.84
CA TYR D 183 -23.54 63.69 -3.10
C TYR D 183 -23.05 64.71 -2.08
N LEU D 184 -23.72 65.85 -2.04
CA LEU D 184 -23.54 66.84 -0.99
C LEU D 184 -24.88 67.05 -0.31
N SER D 185 -24.88 67.00 1.01
CA SER D 185 -26.11 67.23 1.76
C SER D 185 -25.87 68.32 2.80
N LEU D 186 -26.93 69.09 3.07
CA LEU D 186 -26.87 70.19 4.01
C LEU D 186 -28.23 70.37 4.65
N THR D 187 -28.35 71.44 5.40
CA THR D 187 -29.66 71.92 5.82
C THR D 187 -30.34 72.68 4.69
N PRO D 188 -31.70 72.64 4.64
CA PRO D 188 -32.44 73.73 4.03
C PRO D 188 -31.91 75.12 4.35
N GLU D 189 -31.56 75.40 5.60
CA GLU D 189 -30.94 76.67 5.93
C GLU D 189 -29.74 76.92 5.04
N GLN D 190 -28.73 76.07 5.14
CA GLN D 190 -27.53 76.28 4.35
C GLN D 190 -27.77 76.24 2.85
N TRP D 191 -28.88 75.63 2.41
CA TRP D 191 -29.10 75.48 0.98
C TRP D 191 -29.52 76.79 0.32
N LYS D 192 -30.45 77.52 0.95
CA LYS D 192 -30.94 78.79 0.41
C LYS D 192 -30.25 80.00 1.02
N SER D 193 -29.46 79.82 2.08
CA SER D 193 -28.67 80.93 2.62
C SER D 193 -27.49 81.25 1.72
N HIS D 194 -26.82 80.23 1.20
CA HIS D 194 -25.79 80.49 0.22
C HIS D 194 -26.44 80.86 -1.11
N ARG D 195 -25.67 81.55 -1.96
CA ARG D 195 -26.22 82.02 -3.22
C ARG D 195 -26.38 80.89 -4.22
N SER D 196 -25.42 79.95 -4.27
CA SER D 196 -25.51 78.80 -5.16
C SER D 196 -24.39 77.83 -4.83
N TYR D 197 -24.56 76.58 -5.27
CA TYR D 197 -23.61 75.50 -5.05
C TYR D 197 -23.14 74.93 -6.39
N SER D 198 -21.94 74.33 -6.37
CA SER D 198 -21.36 73.71 -7.56
C SER D 198 -20.56 72.48 -7.17
N CYS D 199 -20.73 71.40 -7.93
CA CYS D 199 -19.79 70.29 -7.96
C CYS D 199 -18.97 70.51 -9.22
N GLN D 200 -17.64 70.41 -9.10
CA GLN D 200 -16.78 70.52 -10.27
C GLN D 200 -15.97 69.25 -10.40
N VAL D 201 -15.95 68.69 -11.60
CA VAL D 201 -15.38 67.38 -11.85
C VAL D 201 -14.07 67.58 -12.61
N THR D 202 -12.99 67.05 -12.07
CA THR D 202 -11.67 67.12 -12.69
C THR D 202 -11.30 65.75 -13.24
N HIS D 203 -10.93 65.73 -14.50
CA HIS D 203 -10.65 64.49 -15.22
C HIS D 203 -9.50 64.76 -16.17
N GLU D 204 -8.39 64.07 -15.97
CA GLU D 204 -7.23 64.19 -16.84
C GLU D 204 -6.85 65.66 -17.02
N GLY D 205 -6.76 66.36 -15.90
CA GLY D 205 -6.34 67.75 -15.90
C GLY D 205 -7.34 68.75 -16.41
N SER D 206 -8.60 68.38 -16.56
CA SER D 206 -9.61 69.31 -17.05
C SER D 206 -10.80 69.31 -16.11
N THR D 207 -11.34 70.50 -15.87
CA THR D 207 -12.48 70.68 -14.99
C THR D 207 -13.74 70.92 -15.83
N VAL D 208 -14.82 70.27 -15.43
CA VAL D 208 -16.15 70.64 -15.86
C VAL D 208 -16.97 70.94 -14.61
N GLU D 209 -17.60 72.11 -14.60
CA GLU D 209 -18.44 72.57 -13.51
C GLU D 209 -19.90 72.60 -13.92
N LYS D 210 -20.76 72.18 -13.00
CA LYS D 210 -22.18 72.42 -13.09
C LYS D 210 -22.64 73.08 -11.81
N THR D 211 -23.61 73.97 -11.97
CA THR D 211 -24.08 74.90 -10.94
C THR D 211 -25.59 74.78 -10.80
N VAL D 212 -26.07 74.78 -9.55
CA VAL D 212 -27.50 74.94 -9.27
C VAL D 212 -27.68 75.93 -8.11
N ALA D 213 -28.86 76.53 -8.05
CA ALA D 213 -29.11 77.58 -7.08
C ALA D 213 -30.54 77.50 -6.61
N PRO D 214 -30.85 77.97 -5.39
CA PRO D 214 -32.23 78.14 -4.94
C PRO D 214 -33.05 79.02 -5.88
N GLN E 1 -14.31 -12.81 18.74
CA GLN E 1 -13.26 -12.92 17.74
C GLN E 1 -13.75 -13.69 16.51
N VAL E 2 -12.89 -14.56 15.95
CA VAL E 2 -13.26 -15.34 14.78
C VAL E 2 -14.32 -16.37 15.18
N GLN E 3 -15.51 -16.27 14.59
CA GLN E 3 -16.62 -17.14 14.99
C GLN E 3 -17.51 -17.45 13.78
N LEU E 4 -18.05 -18.67 13.78
CA LEU E 4 -19.05 -19.11 12.80
C LEU E 4 -20.20 -19.81 13.53
N VAL E 5 -21.38 -19.23 13.47
CA VAL E 5 -22.56 -19.77 14.13
C VAL E 5 -23.54 -20.20 13.04
N GLU E 6 -23.99 -21.44 13.13
CA GLU E 6 -24.88 -22.00 12.13
C GLU E 6 -26.29 -22.13 12.70
N SER E 7 -27.25 -22.23 11.78
CA SER E 7 -28.66 -22.31 12.12
C SER E 7 -29.38 -23.10 11.04
N GLY E 8 -30.66 -23.38 11.29
CA GLY E 8 -31.49 -24.03 10.29
C GLY E 8 -31.40 -25.53 10.23
N GLY E 9 -30.58 -26.17 11.08
CA GLY E 9 -30.63 -27.61 11.19
C GLY E 9 -31.95 -28.07 11.78
N GLY E 10 -32.41 -29.24 11.34
CA GLY E 10 -33.70 -29.73 11.80
C GLY E 10 -33.98 -31.11 11.24
N VAL E 11 -35.24 -31.51 11.38
CA VAL E 11 -35.73 -32.78 10.87
C VAL E 11 -36.60 -32.52 9.66
N VAL E 12 -36.35 -33.26 8.59
CA VAL E 12 -37.02 -33.00 7.32
C VAL E 12 -37.47 -34.32 6.72
N GLN E 13 -38.72 -34.36 6.27
CA GLN E 13 -39.26 -35.45 5.47
C GLN E 13 -38.30 -35.75 4.32
N PRO E 14 -38.22 -37.00 3.85
CA PRO E 14 -37.07 -37.35 3.00
C PRO E 14 -36.92 -36.52 1.74
N GLY E 15 -37.96 -36.34 0.94
CA GLY E 15 -37.77 -35.62 -0.29
C GLY E 15 -37.73 -34.10 -0.22
N ARG E 16 -37.75 -33.53 0.98
CA ARG E 16 -37.90 -32.07 1.09
C ARG E 16 -36.54 -31.41 1.10
N SER E 17 -36.50 -30.13 1.45
CA SER E 17 -35.27 -29.35 1.40
C SER E 17 -35.22 -28.32 2.53
N LEU E 18 -34.05 -28.21 3.16
CA LEU E 18 -33.74 -27.15 4.09
C LEU E 18 -32.71 -26.22 3.46
N ARG E 19 -32.52 -25.07 4.12
CA ARG E 19 -31.39 -24.20 3.83
C ARG E 19 -30.69 -23.86 5.13
N LEU E 20 -29.46 -24.34 5.29
CA LEU E 20 -28.65 -23.98 6.44
C LEU E 20 -28.04 -22.60 6.24
N SER E 21 -27.76 -21.94 7.35
CA SER E 21 -27.11 -20.63 7.37
C SER E 21 -25.84 -20.74 8.19
N CYS E 22 -24.89 -19.86 7.91
CA CYS E 22 -23.64 -19.82 8.68
C CYS E 22 -23.23 -18.35 8.78
N ALA E 23 -23.58 -17.70 9.88
CA ALA E 23 -23.24 -16.30 10.10
C ALA E 23 -21.83 -16.21 10.68
N ALA E 24 -21.04 -15.27 10.15
CA ALA E 24 -19.64 -15.12 10.49
C ALA E 24 -19.36 -13.77 11.12
N SER E 25 -18.56 -13.77 12.18
CA SER E 25 -18.15 -12.55 12.87
C SER E 25 -16.67 -12.64 13.17
N GLY E 26 -16.07 -11.46 13.38
CA GLY E 26 -14.67 -11.38 13.77
C GLY E 26 -13.67 -11.23 12.65
N PHE E 27 -14.12 -11.22 11.39
CA PHE E 27 -13.17 -11.11 10.28
C PHE E 27 -13.88 -10.59 9.04
N THR E 28 -13.09 -10.15 8.07
CA THR E 28 -13.67 -9.70 6.82
C THR E 28 -14.14 -10.90 5.99
N PHE E 29 -15.37 -11.36 6.28
CA PHE E 29 -15.93 -12.55 5.63
C PHE E 29 -15.95 -12.42 4.12
N ARG E 30 -15.99 -11.18 3.61
CA ARG E 30 -16.07 -10.90 2.18
C ARG E 30 -14.85 -11.41 1.42
N SER E 31 -13.69 -11.47 2.08
CA SER E 31 -12.43 -11.75 1.41
C SER E 31 -12.12 -13.24 1.37
N TYR E 32 -12.90 -14.05 2.06
CA TYR E 32 -12.51 -15.43 2.29
C TYR E 32 -13.36 -16.40 1.47
N VAL E 33 -12.68 -17.37 0.85
CA VAL E 33 -13.36 -18.54 0.33
C VAL E 33 -13.98 -19.28 1.52
N MET E 34 -15.10 -19.97 1.30
CA MET E 34 -15.73 -20.68 2.41
C MET E 34 -16.15 -22.08 1.99
N HIS E 35 -16.18 -22.99 2.96
CA HIS E 35 -16.46 -24.40 2.70
C HIS E 35 -17.63 -24.89 3.55
N TRP E 36 -18.24 -26.00 3.09
CA TRP E 36 -19.15 -26.79 3.90
C TRP E 36 -18.61 -28.21 3.99
N VAL E 37 -18.59 -28.76 5.22
CA VAL E 37 -18.12 -30.11 5.49
C VAL E 37 -19.19 -30.82 6.34
N ARG E 38 -19.38 -32.12 6.15
CA ARG E 38 -20.42 -32.82 6.88
C ARG E 38 -19.91 -34.13 7.46
N GLN E 39 -20.66 -34.64 8.44
CA GLN E 39 -20.25 -35.85 9.14
C GLN E 39 -21.48 -36.64 9.54
N ALA E 40 -21.69 -37.79 8.90
CA ALA E 40 -22.77 -38.66 9.30
C ALA E 40 -22.45 -39.30 10.64
N PRO E 41 -23.47 -39.50 11.52
CA PRO E 41 -23.24 -40.14 12.83
C PRO E 41 -22.29 -41.32 12.76
N GLY E 42 -21.20 -41.24 13.52
CA GLY E 42 -20.25 -42.32 13.62
C GLY E 42 -19.27 -42.45 12.47
N LYS E 43 -19.44 -41.68 11.40
CA LYS E 43 -18.60 -41.81 10.23
C LYS E 43 -17.73 -40.57 10.09
N GLY E 44 -16.89 -40.56 9.05
CA GLY E 44 -15.86 -39.56 8.92
C GLY E 44 -16.35 -38.21 8.46
N LEU E 45 -15.41 -37.26 8.40
CA LEU E 45 -15.73 -35.98 7.76
C LEU E 45 -15.82 -36.19 6.25
N GLU E 46 -16.69 -35.40 5.61
CA GLU E 46 -16.87 -35.47 4.16
C GLU E 46 -17.02 -34.04 3.63
N TRP E 47 -16.04 -33.61 2.85
CA TRP E 47 -16.12 -32.31 2.21
C TRP E 47 -17.33 -32.28 1.27
N VAL E 48 -18.11 -31.22 1.40
CA VAL E 48 -19.37 -31.06 0.70
C VAL E 48 -19.23 -30.11 -0.48
N ALA E 49 -18.70 -28.92 -0.24
CA ALA E 49 -18.79 -27.89 -1.27
C ALA E 49 -18.00 -26.65 -0.83
N VAL E 50 -17.71 -25.78 -1.80
CA VAL E 50 -16.88 -24.58 -1.60
C VAL E 50 -17.38 -23.48 -2.53
N ILE E 51 -17.18 -22.23 -2.12
CA ILE E 51 -17.35 -21.09 -3.03
C ILE E 51 -16.19 -20.11 -2.89
N SER E 52 -15.89 -19.42 -4.00
CA SER E 52 -15.01 -18.27 -3.96
C SER E 52 -15.68 -17.13 -3.19
N HIS E 53 -14.87 -16.16 -2.75
CA HIS E 53 -15.39 -15.06 -1.95
C HIS E 53 -16.31 -14.14 -2.74
N GLU E 54 -16.26 -14.20 -4.07
CA GLU E 54 -17.01 -13.30 -4.92
C GLU E 54 -18.39 -13.81 -5.29
N GLY E 55 -18.70 -15.08 -5.01
CA GLY E 55 -19.74 -15.74 -5.74
C GLY E 55 -19.04 -16.57 -6.80
N SER E 56 -19.30 -16.27 -8.08
CA SER E 56 -18.43 -16.72 -9.17
C SER E 56 -18.23 -18.23 -9.24
N LEU E 57 -17.33 -18.76 -8.40
CA LEU E 57 -16.80 -20.12 -8.52
C LEU E 57 -17.37 -21.01 -7.43
N LYS E 58 -17.89 -22.18 -7.83
CA LYS E 58 -18.42 -23.15 -6.88
C LYS E 58 -18.02 -24.54 -7.34
N TYR E 59 -17.61 -25.38 -6.37
CA TYR E 59 -17.25 -26.76 -6.60
C TYR E 59 -18.01 -27.62 -5.60
N TYR E 60 -18.26 -28.87 -5.96
CA TYR E 60 -19.04 -29.76 -5.11
C TYR E 60 -18.44 -31.17 -5.17
N ALA E 61 -18.65 -31.92 -4.08
CA ALA E 61 -18.41 -33.36 -4.09
C ALA E 61 -19.43 -34.05 -4.97
N ASP E 62 -19.02 -35.17 -5.57
CA ASP E 62 -19.95 -35.94 -6.41
C ASP E 62 -21.18 -36.35 -5.63
N SER E 63 -21.05 -36.57 -4.32
CA SER E 63 -22.15 -37.14 -3.54
C SER E 63 -23.37 -36.23 -3.52
N VAL E 64 -23.22 -34.93 -3.84
CA VAL E 64 -24.32 -33.98 -3.73
C VAL E 64 -24.50 -33.13 -4.98
N LYS E 65 -23.75 -33.40 -6.07
CA LYS E 65 -23.57 -32.47 -7.19
C LYS E 65 -24.88 -31.90 -7.71
N GLY E 66 -25.75 -32.75 -8.25
CA GLY E 66 -26.93 -32.19 -8.86
C GLY E 66 -27.93 -31.62 -7.88
N ARG E 67 -27.71 -31.82 -6.58
CA ARG E 67 -28.72 -31.56 -5.56
C ARG E 67 -28.42 -30.33 -4.72
N PHE E 68 -27.26 -30.27 -4.09
CA PHE E 68 -26.99 -29.14 -3.21
C PHE E 68 -26.57 -27.92 -4.05
N THR E 69 -26.82 -26.73 -3.50
CA THR E 69 -26.27 -25.49 -4.06
C THR E 69 -25.76 -24.60 -2.93
N ILE E 70 -24.50 -24.10 -3.06
CA ILE E 70 -23.95 -23.12 -2.13
C ILE E 70 -24.31 -21.75 -2.60
N SER E 71 -24.57 -20.87 -1.64
CA SER E 71 -24.59 -19.45 -1.90
C SER E 71 -24.05 -18.75 -0.65
N ARG E 72 -23.71 -17.48 -0.84
CA ARG E 72 -23.30 -16.62 0.25
C ARG E 72 -23.85 -15.24 -0.03
N ASP E 73 -23.86 -14.40 1.00
CA ASP E 73 -24.12 -12.97 0.78
C ASP E 73 -23.26 -12.18 1.74
N ASN E 74 -22.31 -11.43 1.17
CA ASN E 74 -21.30 -10.80 1.99
C ASN E 74 -21.87 -9.65 2.80
N SER E 75 -22.93 -9.01 2.28
CA SER E 75 -23.58 -7.91 3.00
C SER E 75 -24.14 -8.34 4.35
N LYS E 76 -24.50 -9.62 4.49
CA LYS E 76 -24.93 -10.14 5.78
C LYS E 76 -23.88 -11.03 6.43
N ASN E 77 -22.67 -11.12 5.87
CA ASN E 77 -21.62 -12.00 6.36
C ASN E 77 -22.19 -13.38 6.69
N THR E 78 -22.91 -13.95 5.73
CA THR E 78 -23.61 -15.20 5.95
C THR E 78 -23.45 -16.12 4.75
N LEU E 79 -23.12 -17.38 5.04
CA LEU E 79 -22.95 -18.43 4.06
C LEU E 79 -24.15 -19.37 4.14
N TYR E 80 -24.62 -19.84 2.98
CA TYR E 80 -25.83 -20.66 2.93
C TYR E 80 -25.57 -22.00 2.27
N LEU E 81 -26.53 -22.91 2.45
CA LEU E 81 -26.49 -24.19 1.74
C LEU E 81 -27.92 -24.67 1.51
N GLN E 82 -28.42 -24.42 0.29
CA GLN E 82 -29.70 -24.94 -0.16
C GLN E 82 -29.52 -26.41 -0.50
N MET E 83 -30.08 -27.28 0.33
CA MET E 83 -29.94 -28.72 0.13
C MET E 83 -31.17 -29.20 -0.63
N ASN E 84 -30.99 -30.14 -1.55
CA ASN E 84 -32.10 -30.58 -2.38
C ASN E 84 -32.24 -32.09 -2.38
N SER E 85 -33.48 -32.55 -2.25
CA SER E 85 -33.84 -33.98 -2.26
C SER E 85 -33.03 -34.75 -1.21
N LEU E 86 -33.13 -34.27 0.03
CA LEU E 86 -32.38 -34.83 1.16
C LEU E 86 -32.55 -36.35 1.25
N ARG E 87 -31.58 -37.02 1.86
CA ARG E 87 -31.71 -38.45 2.14
C ARG E 87 -31.15 -38.76 3.51
N ALA E 88 -31.44 -39.98 3.98
CA ALA E 88 -30.79 -40.51 5.17
C ALA E 88 -29.28 -40.56 4.98
N GLU E 89 -28.81 -40.75 3.74
CA GLU E 89 -27.39 -40.58 3.45
C GLU E 89 -26.95 -39.16 3.81
N ASP E 90 -27.76 -38.17 3.49
CA ASP E 90 -27.45 -36.79 3.79
C ASP E 90 -27.68 -36.42 5.25
N THR E 91 -28.31 -37.29 6.04
CA THR E 91 -28.39 -37.07 7.48
C THR E 91 -26.98 -37.00 8.06
N ALA E 92 -26.66 -35.88 8.72
CA ALA E 92 -25.29 -35.57 9.13
C ALA E 92 -25.28 -34.25 9.90
N VAL E 93 -24.16 -34.00 10.59
CA VAL E 93 -23.87 -32.69 11.18
C VAL E 93 -23.13 -31.88 10.11
N TYR E 94 -23.64 -30.71 9.78
CA TYR E 94 -23.04 -29.88 8.74
C TYR E 94 -22.20 -28.79 9.38
N TYR E 95 -20.93 -28.70 8.98
CA TYR E 95 -20.01 -27.67 9.44
C TYR E 95 -19.68 -26.70 8.32
N CYS E 96 -19.70 -25.40 8.61
CA CYS E 96 -19.04 -24.44 7.74
C CYS E 96 -17.62 -24.20 8.24
N ALA E 97 -16.66 -24.21 7.32
CA ALA E 97 -15.25 -24.14 7.65
C ALA E 97 -14.57 -23.04 6.84
N ARG E 98 -13.68 -22.28 7.51
CA ARG E 98 -12.85 -21.32 6.79
C ARG E 98 -11.47 -21.90 6.51
N PRO E 99 -10.95 -21.80 5.29
CA PRO E 99 -9.64 -22.42 5.00
C PRO E 99 -8.50 -21.63 5.61
N ARG E 100 -7.37 -22.32 5.77
CA ARG E 100 -6.09 -21.77 6.24
C ARG E 100 -5.17 -21.57 5.03
N ILE E 101 -5.13 -20.34 4.52
CA ILE E 101 -4.55 -19.96 3.23
C ILE E 101 -5.38 -20.54 2.08
N ALA E 102 -5.40 -21.87 2.00
CA ALA E 102 -6.26 -22.57 1.07
C ALA E 102 -6.43 -23.97 1.62
N ALA E 103 -7.62 -24.54 1.46
CA ALA E 103 -7.86 -25.88 1.98
C ALA E 103 -6.78 -26.86 1.51
N ARG E 104 -6.36 -26.75 0.26
CA ARG E 104 -5.36 -27.68 -0.26
C ARG E 104 -3.97 -27.44 0.31
N ARG E 105 -3.72 -26.30 0.97
CA ARG E 105 -2.42 -26.04 1.57
C ARG E 105 -2.43 -26.29 3.09
N GLY E 106 -3.28 -25.56 3.82
CA GLY E 106 -3.27 -25.67 5.25
C GLY E 106 -4.59 -26.13 5.86
N GLY E 107 -5.47 -26.72 5.05
CA GLY E 107 -6.73 -27.21 5.59
C GLY E 107 -7.65 -26.10 6.07
N PHE E 108 -8.43 -26.41 7.10
CA PHE E 108 -9.45 -25.48 7.59
C PHE E 108 -9.01 -24.90 8.92
N GLY E 109 -8.95 -23.56 8.97
CA GLY E 109 -8.49 -22.90 10.19
C GLY E 109 -9.53 -22.77 11.27
N TYR E 110 -10.82 -22.74 10.90
CA TYR E 110 -11.92 -22.55 11.83
C TYR E 110 -13.16 -23.27 11.33
N TRP E 111 -13.94 -23.77 12.26
CA TRP E 111 -15.18 -24.49 11.99
C TRP E 111 -16.31 -23.84 12.79
N GLY E 112 -17.52 -23.97 12.27
CA GLY E 112 -18.69 -23.69 13.07
C GLY E 112 -18.99 -24.81 14.05
N GLN E 113 -20.00 -24.57 14.90
CA GLN E 113 -20.40 -25.59 15.87
C GLN E 113 -21.15 -26.76 15.25
N GLY E 114 -21.73 -26.58 14.06
CA GLY E 114 -22.52 -27.63 13.43
C GLY E 114 -24.00 -27.55 13.71
N THR E 115 -24.82 -27.90 12.71
CA THR E 115 -26.23 -28.17 12.91
C THR E 115 -26.55 -29.55 12.34
N LEU E 116 -27.39 -30.27 13.06
CA LEU E 116 -27.78 -31.62 12.67
C LEU E 116 -29.01 -31.54 11.77
N VAL E 117 -28.94 -32.20 10.62
CA VAL E 117 -30.12 -32.43 9.79
C VAL E 117 -30.34 -33.94 9.74
N THR E 118 -31.55 -34.35 10.11
CA THR E 118 -31.94 -35.76 10.07
C THR E 118 -33.07 -35.91 9.04
N VAL E 119 -32.82 -36.72 8.03
CA VAL E 119 -33.74 -36.87 6.92
C VAL E 119 -34.44 -38.21 7.10
N SER E 120 -35.66 -38.17 7.62
CA SER E 120 -36.40 -39.38 7.91
C SER E 120 -37.89 -39.07 7.77
N SER E 121 -38.70 -40.14 7.75
CA SER E 121 -40.14 -40.01 7.87
C SER E 121 -40.65 -40.65 9.15
N ALA E 122 -39.76 -40.94 10.10
CA ALA E 122 -40.09 -41.78 11.24
C ALA E 122 -41.19 -41.14 12.09
N SER E 123 -42.33 -41.81 12.17
CA SER E 123 -43.43 -41.38 12.99
C SER E 123 -43.51 -42.25 14.22
N THR E 124 -44.18 -41.74 15.25
CA THR E 124 -44.32 -42.49 16.50
C THR E 124 -44.92 -43.86 16.25
N LYS E 125 -44.13 -44.89 16.55
CA LYS E 125 -44.48 -46.26 16.16
C LYS E 125 -43.91 -47.25 17.16
N GLY E 126 -44.76 -48.19 17.57
CA GLY E 126 -44.39 -49.26 18.46
C GLY E 126 -43.65 -50.39 17.77
N PRO E 127 -42.89 -51.15 18.54
CA PRO E 127 -42.03 -52.19 17.97
C PRO E 127 -42.78 -53.46 17.63
N SER E 128 -42.15 -54.27 16.79
CA SER E 128 -42.38 -55.71 16.73
C SER E 128 -41.36 -56.39 17.62
N VAL E 129 -41.82 -57.37 18.38
CA VAL E 129 -40.96 -58.12 19.29
C VAL E 129 -40.90 -59.56 18.80
N PHE E 130 -39.69 -60.04 18.54
CA PHE E 130 -39.47 -61.37 18.03
C PHE E 130 -38.61 -62.15 19.02
N PRO E 131 -38.96 -63.41 19.33
CA PRO E 131 -38.10 -64.20 20.23
C PRO E 131 -36.84 -64.63 19.52
N LEU E 132 -35.74 -64.62 20.25
CA LEU E 132 -34.45 -65.12 19.78
C LEU E 132 -34.20 -66.43 20.53
N ALA E 133 -34.48 -67.55 19.85
CA ALA E 133 -34.44 -68.85 20.48
C ALA E 133 -33.03 -69.19 20.97
N PRO E 134 -32.91 -69.90 22.09
CA PRO E 134 -31.59 -70.18 22.65
C PRO E 134 -30.76 -71.03 21.72
N SER E 135 -29.46 -70.81 21.79
CA SER E 135 -28.48 -71.69 21.20
C SER E 135 -27.27 -71.69 22.12
N SER E 136 -26.37 -72.65 21.91
CA SER E 136 -25.26 -72.82 22.85
C SER E 136 -24.36 -71.59 22.80
N LYS E 137 -24.00 -71.08 23.98
CA LYS E 137 -23.03 -70.00 24.09
C LYS E 137 -21.62 -70.54 24.33
N SER E 138 -21.43 -71.24 25.44
CA SER E 138 -20.17 -71.87 25.81
C SER E 138 -20.52 -73.30 26.18
N THR E 139 -20.14 -74.25 25.34
CA THR E 139 -20.34 -75.64 25.71
C THR E 139 -19.64 -75.94 27.02
N SER E 140 -18.39 -75.45 27.17
CA SER E 140 -17.62 -75.78 28.35
C SER E 140 -18.14 -75.05 29.58
N GLY E 141 -18.78 -73.91 29.39
CA GLY E 141 -19.38 -73.26 30.53
C GLY E 141 -20.80 -73.70 30.82
N GLY E 142 -21.39 -74.54 29.99
CA GLY E 142 -22.75 -74.98 30.20
C GLY E 142 -23.81 -73.91 30.12
N THR E 143 -23.61 -72.89 29.26
CA THR E 143 -24.55 -71.79 29.11
C THR E 143 -25.14 -71.77 27.71
N ALA E 144 -26.33 -71.18 27.62
CA ALA E 144 -26.94 -70.79 26.36
C ALA E 144 -27.22 -69.30 26.38
N ALA E 145 -27.36 -68.72 25.20
CA ALA E 145 -27.86 -67.35 25.08
C ALA E 145 -29.24 -67.39 24.44
N LEU E 146 -30.15 -66.59 24.95
CA LEU E 146 -31.46 -66.37 24.35
C LEU E 146 -31.82 -64.91 24.53
N GLY E 147 -32.78 -64.43 23.74
CA GLY E 147 -33.14 -63.04 23.91
C GLY E 147 -34.39 -62.65 23.15
N CYS E 148 -34.57 -61.32 23.03
CA CYS E 148 -35.67 -60.72 22.28
C CYS E 148 -35.13 -59.61 21.39
N LEU E 149 -35.66 -59.55 20.18
CA LEU E 149 -35.33 -58.51 19.21
C LEU E 149 -36.50 -57.54 19.16
N VAL E 150 -36.24 -56.29 19.53
CA VAL E 150 -37.28 -55.24 19.60
C VAL E 150 -37.06 -54.37 18.35
N LYS E 151 -37.82 -54.65 17.29
CA LYS E 151 -37.49 -54.11 15.99
C LYS E 151 -38.34 -52.89 15.68
N ASP E 152 -37.70 -51.89 15.06
CA ASP E 152 -38.36 -50.83 14.28
C ASP E 152 -39.38 -50.00 15.08
N TYR E 153 -38.89 -49.32 16.10
CA TYR E 153 -39.69 -48.43 16.91
C TYR E 153 -39.17 -47.00 16.82
N PHE E 154 -40.04 -46.03 17.13
CA PHE E 154 -39.67 -44.62 17.21
C PHE E 154 -40.69 -43.91 18.10
N PRO E 155 -40.28 -42.94 18.93
CA PRO E 155 -38.92 -42.54 19.26
C PRO E 155 -38.38 -43.44 20.35
N GLU E 156 -37.14 -43.21 20.78
CA GLU E 156 -36.69 -43.81 22.02
C GLU E 156 -37.45 -43.14 23.17
N PRO E 157 -37.53 -43.79 24.34
CA PRO E 157 -36.92 -45.05 24.78
C PRO E 157 -37.81 -46.26 24.68
N VAL E 158 -37.24 -47.39 25.05
CA VAL E 158 -37.93 -48.67 25.21
C VAL E 158 -37.36 -49.31 26.47
N THR E 159 -38.23 -49.95 27.27
CA THR E 159 -37.80 -50.67 28.46
C THR E 159 -38.02 -52.16 28.28
N VAL E 160 -37.08 -52.96 28.77
CA VAL E 160 -37.13 -54.42 28.61
C VAL E 160 -36.85 -55.07 29.95
N SER E 161 -37.69 -56.03 30.33
CA SER E 161 -37.54 -56.80 31.55
C SER E 161 -37.76 -58.28 31.22
N TRP E 162 -37.39 -59.14 32.16
CA TRP E 162 -37.47 -60.59 31.95
C TRP E 162 -38.21 -61.23 33.12
N ASN E 163 -39.22 -62.05 32.80
CA ASN E 163 -40.09 -62.71 33.81
C ASN E 163 -40.63 -61.69 34.80
N SER E 164 -41.03 -60.54 34.28
CA SER E 164 -41.59 -59.45 35.09
C SER E 164 -40.64 -59.05 36.24
N GLY E 165 -39.34 -59.02 35.94
CA GLY E 165 -38.36 -58.52 36.88
C GLY E 165 -37.77 -59.54 37.81
N ALA E 166 -38.22 -60.80 37.77
CA ALA E 166 -37.61 -61.83 38.60
C ALA E 166 -36.26 -62.27 38.06
N LEU E 167 -36.04 -62.19 36.74
CA LEU E 167 -34.78 -62.54 36.12
C LEU E 167 -33.93 -61.28 35.93
N THR E 168 -32.83 -61.18 36.67
CA THR E 168 -31.87 -60.10 36.46
C THR E 168 -30.48 -60.60 36.06
N SER E 169 -29.94 -61.60 36.75
CA SER E 169 -28.57 -62.04 36.46
C SER E 169 -28.48 -62.61 35.06
N GLY E 170 -27.45 -62.19 34.33
CA GLY E 170 -27.25 -62.63 32.98
C GLY E 170 -28.01 -61.87 31.94
N VAL E 171 -28.77 -60.84 32.32
CA VAL E 171 -29.52 -60.01 31.39
C VAL E 171 -28.62 -58.91 30.86
N HIS E 172 -28.52 -58.77 29.54
CA HIS E 172 -27.87 -57.63 28.90
C HIS E 172 -28.81 -57.08 27.85
N THR E 173 -29.23 -55.83 28.00
CA THR E 173 -29.99 -55.14 26.96
C THR E 173 -29.05 -54.16 26.27
N PHE E 174 -29.04 -54.21 24.93
CA PHE E 174 -28.01 -53.48 24.22
C PHE E 174 -28.52 -52.12 23.78
N PRO E 175 -27.63 -51.13 23.67
CA PRO E 175 -28.02 -49.85 23.10
C PRO E 175 -28.61 -50.03 21.69
N ALA E 176 -29.63 -49.23 21.39
CA ALA E 176 -30.36 -49.33 20.13
C ALA E 176 -29.50 -48.93 18.94
N VAL E 177 -29.80 -49.48 17.77
CA VAL E 177 -29.23 -48.97 16.52
C VAL E 177 -30.24 -48.02 15.90
N LEU E 178 -29.77 -46.86 15.45
CA LEU E 178 -30.57 -45.94 14.66
C LEU E 178 -30.41 -46.32 13.18
N GLN E 179 -31.46 -46.87 12.59
CA GLN E 179 -31.41 -47.35 11.22
C GLN E 179 -31.45 -46.20 10.22
N SER E 180 -31.16 -46.53 8.96
CA SER E 180 -31.28 -45.58 7.86
C SER E 180 -32.67 -44.98 7.78
N SER E 181 -33.70 -45.72 8.22
CA SER E 181 -35.08 -45.28 8.09
C SER E 181 -35.48 -44.25 9.14
N GLY E 182 -34.63 -43.97 10.12
CA GLY E 182 -35.00 -43.15 11.24
C GLY E 182 -35.66 -43.90 12.38
N LEU E 183 -35.82 -45.23 12.28
CA LEU E 183 -36.39 -46.05 13.34
C LEU E 183 -35.31 -46.80 14.11
N TYR E 184 -35.60 -47.13 15.36
CA TYR E 184 -34.63 -47.77 16.24
C TYR E 184 -34.98 -49.25 16.39
N SER E 185 -33.95 -50.07 16.57
CA SER E 185 -34.12 -51.44 17.03
C SER E 185 -33.11 -51.72 18.12
N LEU E 186 -33.48 -52.59 19.05
CA LEU E 186 -32.50 -53.09 20.02
C LEU E 186 -32.74 -54.56 20.26
N SER E 187 -31.79 -55.18 20.95
CA SER E 187 -31.90 -56.55 21.42
C SER E 187 -31.60 -56.62 22.92
N SER E 188 -32.24 -57.58 23.59
CA SER E 188 -31.90 -57.89 24.99
C SER E 188 -31.61 -59.38 25.09
N VAL E 189 -30.50 -59.73 25.73
CA VAL E 189 -30.02 -61.12 25.75
C VAL E 189 -29.90 -61.56 27.20
N VAL E 190 -30.17 -62.85 27.42
CA VAL E 190 -29.99 -63.46 28.72
C VAL E 190 -29.08 -64.67 28.57
N THR E 191 -28.01 -64.70 29.34
CA THR E 191 -27.23 -65.90 29.51
C THR E 191 -27.81 -66.72 30.67
N VAL E 192 -28.24 -67.94 30.35
CA VAL E 192 -28.91 -68.82 31.30
C VAL E 192 -28.22 -70.18 31.28
N PRO E 193 -28.40 -70.96 32.35
CA PRO E 193 -27.93 -72.35 32.32
C PRO E 193 -28.63 -73.10 31.21
N SER E 194 -27.84 -73.81 30.41
CA SER E 194 -28.43 -74.59 29.33
C SER E 194 -29.20 -75.80 29.87
N SER E 195 -28.80 -76.33 31.03
CA SER E 195 -29.51 -77.49 31.59
C SER E 195 -30.92 -77.13 32.06
N SER E 196 -31.23 -75.84 32.19
CA SER E 196 -32.54 -75.41 32.65
C SER E 196 -33.53 -75.17 31.51
N LEU E 197 -33.05 -75.13 30.25
CA LEU E 197 -33.88 -74.69 29.14
C LEU E 197 -35.15 -75.52 29.00
N GLY E 198 -35.17 -76.76 29.51
CA GLY E 198 -36.39 -77.53 29.53
C GLY E 198 -37.33 -77.27 30.68
N THR E 199 -36.87 -76.55 31.72
CA THR E 199 -37.66 -76.37 32.92
C THR E 199 -38.05 -74.93 33.16
N GLN E 200 -37.11 -74.00 33.00
CA GLN E 200 -37.36 -72.59 33.20
C GLN E 200 -37.97 -71.97 31.94
N THR E 201 -39.08 -71.26 32.10
CA THR E 201 -39.60 -70.45 31.01
C THR E 201 -39.06 -69.03 31.12
N TYR E 202 -38.95 -68.38 29.97
CA TYR E 202 -38.30 -67.09 29.82
C TYR E 202 -39.21 -66.23 28.95
N ILE E 203 -39.75 -65.15 29.54
CA ILE E 203 -40.58 -64.19 28.82
C ILE E 203 -39.94 -62.83 28.93
N CYS E 204 -39.80 -62.13 27.81
CA CYS E 204 -39.33 -60.76 27.84
C CYS E 204 -40.53 -59.81 27.80
N ASN E 205 -40.57 -58.88 28.74
CA ASN E 205 -41.61 -57.87 28.87
C ASN E 205 -41.13 -56.56 28.26
N VAL E 206 -41.77 -56.14 27.17
CA VAL E 206 -41.31 -54.99 26.41
C VAL E 206 -42.35 -53.88 26.54
N ASN E 207 -41.87 -52.68 26.83
CA ASN E 207 -42.72 -51.51 26.96
C ASN E 207 -42.17 -50.38 26.11
N HIS E 208 -43.06 -49.69 25.41
CA HIS E 208 -42.72 -48.51 24.62
C HIS E 208 -43.85 -47.51 24.84
N LYS E 209 -43.75 -46.74 25.92
CA LYS E 209 -44.86 -45.89 26.38
C LYS E 209 -45.21 -44.76 25.42
N PRO E 210 -44.27 -44.25 24.59
CA PRO E 210 -44.67 -43.34 23.51
C PRO E 210 -45.84 -43.83 22.66
N SER E 211 -46.02 -45.14 22.52
CA SER E 211 -47.15 -45.70 21.77
C SER E 211 -48.01 -46.63 22.63
N ASN E 212 -47.88 -46.56 23.95
CA ASN E 212 -48.67 -47.38 24.89
C ASN E 212 -48.67 -48.84 24.44
N THR E 213 -47.49 -49.31 24.08
CA THR E 213 -47.22 -50.68 23.64
C THR E 213 -46.61 -51.47 24.79
N LYS E 214 -47.27 -52.54 25.20
CA LYS E 214 -46.71 -53.52 26.12
C LYS E 214 -46.85 -54.91 25.51
N VAL E 215 -45.72 -55.62 25.37
CA VAL E 215 -45.66 -56.94 24.76
C VAL E 215 -44.91 -57.88 25.70
N ASP E 216 -45.50 -59.04 25.96
CA ASP E 216 -44.79 -60.17 26.56
C ASP E 216 -44.58 -61.22 25.48
N LYS E 217 -43.35 -61.66 25.31
CA LYS E 217 -43.01 -62.67 24.30
C LYS E 217 -42.32 -63.84 24.98
N LYS E 218 -42.94 -65.01 24.94
CA LYS E 218 -42.29 -66.22 25.43
C LYS E 218 -41.16 -66.61 24.48
N VAL E 219 -39.98 -66.92 25.05
CA VAL E 219 -38.81 -67.34 24.27
C VAL E 219 -38.55 -68.82 24.57
N GLU E 220 -38.79 -69.69 23.59
CA GLU E 220 -38.57 -71.11 23.82
C GLU E 220 -37.56 -71.67 22.84
N PRO E 221 -37.07 -72.91 23.07
CA PRO E 221 -36.26 -73.59 22.04
C PRO E 221 -37.04 -73.85 20.77
N LYS E 222 -36.45 -74.54 19.79
CA LYS E 222 -37.15 -74.95 18.58
C LYS E 222 -36.80 -76.41 18.27
N SER E 223 -37.62 -77.03 17.41
CA SER E 223 -37.49 -78.45 17.06
C SER E 223 -36.39 -78.73 16.03
N ASN F 1 -12.49 -39.08 -6.06
CA ASN F 1 -11.10 -38.68 -5.73
C ASN F 1 -10.35 -39.90 -5.20
N PHE F 2 -9.08 -39.71 -4.80
CA PHE F 2 -8.29 -40.85 -4.26
C PHE F 2 -8.78 -41.18 -2.85
N MET F 3 -8.17 -42.19 -2.24
CA MET F 3 -8.56 -42.58 -0.90
C MET F 3 -7.40 -42.40 0.07
N LEU F 4 -7.76 -42.02 1.29
CA LEU F 4 -6.83 -41.95 2.40
C LEU F 4 -7.28 -42.97 3.44
N THR F 5 -6.45 -43.97 3.69
CA THR F 5 -6.78 -45.05 4.60
C THR F 5 -5.98 -44.89 5.89
N GLN F 6 -6.72 -44.77 7.04
CA GLN F 6 -6.22 -44.74 8.40
C GLN F 6 -6.62 -46.01 9.14
N PRO F 7 -5.86 -46.48 10.13
CA PRO F 7 -6.37 -47.59 10.96
C PRO F 7 -7.63 -47.15 11.69
N HIS F 8 -8.55 -48.12 11.88
CA HIS F 8 -9.80 -47.85 12.59
C HIS F 8 -9.55 -47.27 13.99
N SER F 9 -8.53 -47.75 14.67
CA SER F 9 -8.28 -47.38 16.05
C SER F 9 -6.83 -47.69 16.38
N VAL F 10 -6.26 -46.88 17.27
CA VAL F 10 -5.00 -47.20 17.94
C VAL F 10 -5.20 -46.95 19.43
N SER F 11 -4.30 -47.52 20.23
CA SER F 11 -4.33 -47.32 21.68
C SER F 11 -2.92 -47.45 22.22
N GLU F 12 -2.66 -46.75 23.33
CA GLU F 12 -1.43 -46.90 24.09
C GLU F 12 -1.71 -46.42 25.51
N SER F 13 -0.78 -46.76 26.42
CA SER F 13 -0.84 -46.34 27.81
C SER F 13 -0.47 -44.86 27.95
N PRO F 14 -0.85 -44.24 29.06
CA PRO F 14 -0.48 -42.83 29.28
C PRO F 14 1.03 -42.68 29.33
N GLY F 15 1.52 -41.53 28.85
CA GLY F 15 2.95 -41.26 28.81
C GLY F 15 3.64 -41.84 27.59
N LYS F 16 3.12 -42.96 27.06
CA LYS F 16 3.69 -43.60 25.89
C LYS F 16 3.48 -42.73 24.65
N THR F 17 3.96 -43.19 23.51
CA THR F 17 3.74 -42.47 22.27
C THR F 17 3.13 -43.42 21.23
N VAL F 18 2.31 -42.84 20.34
CA VAL F 18 1.57 -43.60 19.35
C VAL F 18 1.63 -42.87 18.01
N THR F 19 1.51 -43.63 16.92
CA THR F 19 1.52 -43.09 15.55
C THR F 19 0.26 -43.56 14.82
N ILE F 20 -0.34 -42.63 14.08
CA ILE F 20 -1.50 -42.90 13.25
C ILE F 20 -1.10 -42.66 11.81
N SER F 21 -1.31 -43.66 10.97
CA SER F 21 -0.87 -43.71 9.59
C SER F 21 -1.99 -43.28 8.66
N CYS F 22 -1.60 -42.70 7.52
CA CYS F 22 -2.57 -42.15 6.56
C CYS F 22 -2.03 -42.46 5.16
N THR F 23 -2.46 -43.58 4.60
CA THR F 23 -1.93 -44.06 3.33
C THR F 23 -2.79 -43.56 2.17
N ARG F 24 -2.13 -43.08 1.12
CA ARG F 24 -2.79 -42.61 -0.09
C ARG F 24 -2.87 -43.74 -1.14
N SER F 25 -4.07 -43.96 -1.70
CA SER F 25 -4.32 -45.11 -2.57
C SER F 25 -3.63 -44.96 -3.94
N SER F 26 -3.68 -43.78 -4.56
CA SER F 26 -3.09 -43.59 -5.89
C SER F 26 -2.49 -42.21 -6.02
N GLY F 27 -1.42 -42.11 -6.81
CA GLY F 27 -0.63 -40.91 -6.92
C GLY F 27 0.26 -40.71 -5.70
N ASN F 28 1.35 -39.96 -5.92
CA ASN F 28 2.36 -39.81 -4.87
C ASN F 28 1.85 -38.92 -3.74
N ILE F 29 2.04 -39.39 -2.50
CA ILE F 29 1.71 -38.61 -1.31
C ILE F 29 2.32 -37.22 -1.37
N ASP F 30 3.48 -37.07 -2.04
CA ASP F 30 4.16 -35.78 -2.16
C ASP F 30 3.45 -34.83 -3.11
N ASN F 31 2.45 -35.31 -3.83
CA ASN F 31 1.68 -34.40 -4.69
C ASN F 31 0.97 -33.34 -3.87
N ASN F 32 0.62 -33.62 -2.60
CA ASN F 32 -0.26 -32.72 -1.86
C ASN F 32 0.09 -32.68 -0.37
N TYR F 33 -0.11 -31.49 0.22
CA TYR F 33 0.00 -31.33 1.66
C TYR F 33 -1.03 -32.19 2.37
N VAL F 34 -0.63 -32.71 3.53
CA VAL F 34 -1.52 -33.47 4.41
C VAL F 34 -1.72 -32.66 5.69
N GLN F 35 -2.96 -32.68 6.20
CA GLN F 35 -3.51 -32.00 7.36
C GLN F 35 -3.95 -33.06 8.37
N TRP F 36 -3.89 -32.75 9.68
CA TRP F 36 -4.39 -33.65 10.72
C TRP F 36 -5.32 -32.90 11.66
N TYR F 37 -6.56 -33.40 11.81
CA TYR F 37 -7.53 -32.84 12.74
C TYR F 37 -7.77 -33.78 13.92
N GLN F 38 -7.90 -33.17 15.09
CA GLN F 38 -8.40 -33.84 16.26
C GLN F 38 -9.89 -33.52 16.44
N GLN F 39 -10.68 -34.53 16.77
CA GLN F 39 -12.09 -34.31 17.05
C GLN F 39 -12.50 -35.04 18.31
N ARG F 40 -12.91 -34.29 19.32
CA ARG F 40 -13.47 -34.90 20.51
C ARG F 40 -14.99 -35.02 20.36
N PRO F 41 -15.56 -36.12 20.82
CA PRO F 41 -17.01 -36.33 20.60
C PRO F 41 -17.83 -35.17 21.15
N GLY F 42 -18.80 -34.72 20.36
CA GLY F 42 -19.51 -33.51 20.66
C GLY F 42 -18.85 -32.25 20.14
N SER F 43 -17.52 -32.21 20.10
CA SER F 43 -16.85 -31.03 19.57
C SER F 43 -16.81 -31.05 18.05
N SER F 44 -16.70 -29.86 17.47
CA SER F 44 -16.23 -29.74 16.10
C SER F 44 -14.71 -29.93 16.04
N PRO F 45 -14.17 -30.30 14.89
CA PRO F 45 -12.73 -30.65 14.81
C PRO F 45 -11.83 -29.42 14.93
N THR F 46 -10.57 -29.67 15.30
CA THR F 46 -9.52 -28.67 15.36
C THR F 46 -8.23 -29.25 14.77
N THR F 47 -7.33 -28.37 14.31
CA THR F 47 -6.09 -28.77 13.65
C THR F 47 -5.01 -29.10 14.67
N VAL F 48 -4.32 -30.24 14.51
CA VAL F 48 -3.10 -30.48 15.25
C VAL F 48 -1.86 -30.38 14.37
N ILE F 49 -1.97 -30.70 13.08
CA ILE F 49 -0.88 -30.56 12.13
C ILE F 49 -1.45 -30.06 10.81
N TYR F 50 -0.75 -29.11 10.17
CA TYR F 50 -1.07 -28.72 8.80
C TYR F 50 0.22 -28.60 7.98
N GLU F 51 0.07 -28.57 6.65
CA GLU F 51 1.20 -28.53 5.70
C GLU F 51 2.22 -29.63 6.01
N ASP F 52 1.71 -30.85 6.19
CA ASP F 52 2.42 -32.09 6.53
C ASP F 52 3.03 -32.14 7.94
N ASN F 53 3.49 -31.02 8.49
CA ASN F 53 4.30 -31.05 9.71
C ASN F 53 4.28 -29.77 10.56
N GLN F 54 3.39 -28.83 10.29
CA GLN F 54 3.37 -27.59 11.04
C GLN F 54 2.25 -27.65 12.06
N ARG F 55 2.53 -27.11 13.28
CA ARG F 55 1.65 -27.05 14.42
C ARG F 55 1.04 -25.69 14.53
N PRO F 56 -0.29 -25.56 14.66
CA PRO F 56 -0.83 -24.27 15.07
C PRO F 56 -0.38 -23.93 16.48
N SER F 57 -0.30 -22.62 16.75
CA SER F 57 0.05 -22.14 18.07
C SER F 57 -0.83 -22.79 19.12
N GLY F 58 -0.25 -23.08 20.28
CA GLY F 58 -0.98 -23.74 21.35
C GLY F 58 -1.09 -25.25 21.23
N VAL F 59 -0.72 -25.84 20.10
CA VAL F 59 -0.67 -27.29 19.96
C VAL F 59 0.71 -27.75 20.41
N PRO F 60 0.82 -28.57 21.47
CA PRO F 60 2.14 -28.88 22.02
C PRO F 60 2.97 -29.73 21.07
N ASP F 61 4.28 -29.64 21.25
CA ASP F 61 5.22 -30.35 20.39
C ASP F 61 5.16 -31.87 20.56
N ARG F 62 4.37 -32.40 21.50
CA ARG F 62 4.06 -33.83 21.50
C ARG F 62 3.38 -34.26 20.20
N PHE F 63 2.76 -33.32 19.49
CA PHE F 63 2.13 -33.65 18.22
C PHE F 63 3.10 -33.34 17.10
N SER F 64 3.42 -34.33 16.27
CA SER F 64 4.26 -34.07 15.12
C SER F 64 3.70 -34.81 13.91
N GLY F 65 3.90 -34.21 12.74
CA GLY F 65 3.51 -34.80 11.48
C GLY F 65 4.74 -35.20 10.70
N SER F 66 4.60 -36.22 9.85
CA SER F 66 5.69 -36.68 9.01
C SER F 66 5.10 -37.34 7.77
N ILE F 67 5.98 -37.64 6.81
CA ILE F 67 5.63 -38.20 5.50
C ILE F 67 6.61 -39.33 5.18
N ASP F 68 6.09 -40.50 4.81
CA ASP F 68 6.94 -41.60 4.37
C ASP F 68 6.60 -41.86 2.90
N SER F 69 7.45 -41.33 2.02
CA SER F 69 7.24 -41.52 0.58
C SER F 69 7.37 -42.99 0.20
N SER F 70 8.35 -43.67 0.80
CA SER F 70 8.56 -45.09 0.58
C SER F 70 7.28 -45.91 0.72
N SER F 71 6.31 -45.45 1.50
CA SER F 71 5.06 -46.18 1.71
C SER F 71 3.84 -45.28 1.45
N ASN F 72 4.03 -44.15 0.77
CA ASN F 72 2.94 -43.30 0.30
C ASN F 72 1.97 -42.94 1.41
N SER F 73 2.52 -42.52 2.56
CA SER F 73 1.69 -42.31 3.72
C SER F 73 2.13 -41.07 4.49
N ALA F 74 1.21 -40.57 5.32
CA ALA F 74 1.49 -39.53 6.30
C ALA F 74 1.25 -40.12 7.68
N SER F 75 2.02 -39.63 8.65
CA SER F 75 1.91 -40.14 10.00
C SER F 75 1.74 -39.00 10.99
N LEU F 76 0.74 -39.13 11.86
CA LEU F 76 0.60 -38.28 13.02
C LEU F 76 1.15 -39.05 14.22
N THR F 77 2.08 -38.43 14.92
CA THR F 77 2.72 -39.03 16.07
C THR F 77 2.45 -38.16 17.28
N ILE F 78 1.99 -38.79 18.36
CA ILE F 78 1.70 -38.12 19.63
C ILE F 78 2.52 -38.80 20.72
N SER F 79 3.40 -38.03 21.37
CA SER F 79 4.22 -38.51 22.48
C SER F 79 3.64 -38.04 23.82
N GLY F 80 4.15 -38.61 24.91
CA GLY F 80 3.62 -38.32 26.25
C GLY F 80 2.10 -38.29 26.31
N LEU F 81 1.45 -39.38 25.86
CA LEU F 81 0.01 -39.42 25.75
C LEU F 81 -0.67 -39.08 27.07
N LYS F 82 -1.74 -38.30 26.97
CA LYS F 82 -2.55 -37.89 28.10
C LYS F 82 -4.00 -38.23 27.80
N THR F 83 -4.77 -38.42 28.87
CA THR F 83 -6.19 -38.74 28.73
C THR F 83 -6.86 -37.82 27.72
N GLU F 84 -6.53 -36.52 27.76
CA GLU F 84 -7.16 -35.54 26.89
C GLU F 84 -6.87 -35.77 25.42
N ASP F 85 -5.83 -36.54 25.09
CA ASP F 85 -5.61 -36.82 23.68
C ASP F 85 -6.61 -37.85 23.13
N GLU F 86 -7.44 -38.48 23.95
CA GLU F 86 -8.43 -39.39 23.42
C GLU F 86 -9.40 -38.63 22.53
N ALA F 87 -9.50 -39.05 21.27
CA ALA F 87 -10.30 -38.34 20.28
C ALA F 87 -10.25 -39.17 19.01
N ASP F 88 -11.03 -38.75 18.01
CA ASP F 88 -10.85 -39.24 16.64
C ASP F 88 -9.93 -38.27 15.90
N TYR F 89 -8.99 -38.84 15.16
CA TYR F 89 -8.05 -38.10 14.34
C TYR F 89 -8.32 -38.37 12.86
N TYR F 90 -8.37 -37.30 12.09
CA TYR F 90 -8.59 -37.37 10.65
C TYR F 90 -7.40 -36.78 9.92
N CYS F 91 -6.92 -37.48 8.90
CA CYS F 91 -6.02 -36.81 7.98
C CYS F 91 -6.84 -36.21 6.84
N GLN F 92 -6.23 -35.26 6.15
CA GLN F 92 -6.93 -34.58 5.06
C GLN F 92 -5.92 -34.12 4.02
N SER F 93 -6.23 -34.36 2.76
CA SER F 93 -5.41 -33.88 1.64
C SER F 93 -6.35 -33.39 0.53
N TYR F 94 -5.81 -33.27 -0.68
CA TYR F 94 -6.45 -32.64 -1.83
C TYR F 94 -5.98 -33.39 -3.08
N ASP F 95 -6.81 -33.40 -4.13
CA ASP F 95 -6.53 -34.25 -5.28
C ASP F 95 -6.03 -33.50 -6.52
N TYR F 96 -6.63 -32.35 -6.85
CA TYR F 96 -6.40 -31.51 -8.04
C TYR F 96 -7.05 -31.98 -9.33
N ASP F 97 -7.45 -33.24 -9.41
CA ASP F 97 -8.17 -33.74 -10.58
C ASP F 97 -9.67 -33.78 -10.36
N THR F 98 -10.09 -33.74 -9.10
CA THR F 98 -11.47 -33.58 -8.72
C THR F 98 -11.74 -32.21 -8.14
N GLN F 99 -10.70 -31.36 -8.06
CA GLN F 99 -10.69 -30.11 -7.30
C GLN F 99 -11.39 -30.32 -5.94
N GLY F 100 -11.11 -31.46 -5.28
CA GLY F 100 -11.84 -31.83 -4.09
C GLY F 100 -10.94 -32.11 -2.90
N VAL F 101 -11.55 -32.02 -1.73
CA VAL F 101 -10.87 -32.24 -0.46
C VAL F 101 -11.14 -33.67 -0.02
N VAL F 102 -10.10 -34.41 0.31
CA VAL F 102 -10.29 -35.79 0.72
C VAL F 102 -9.84 -35.95 2.17
N PHE F 103 -10.64 -36.70 2.93
CA PHE F 103 -10.43 -37.01 4.34
C PHE F 103 -10.11 -38.49 4.52
N GLY F 104 -9.28 -38.80 5.49
CA GLY F 104 -9.16 -40.17 5.90
C GLY F 104 -10.42 -40.64 6.58
N GLY F 105 -10.51 -41.95 6.79
CA GLY F 105 -11.67 -42.51 7.45
C GLY F 105 -11.75 -42.21 8.92
N GLY F 106 -10.68 -41.73 9.54
CA GLY F 106 -10.70 -41.44 10.96
C GLY F 106 -10.15 -42.60 11.79
N THR F 107 -9.53 -42.25 12.92
CA THR F 107 -8.92 -43.20 13.85
C THR F 107 -9.33 -42.80 15.26
N LYS F 108 -9.90 -43.74 16.01
CA LYS F 108 -10.19 -43.49 17.42
C LYS F 108 -8.93 -43.82 18.22
N LEU F 109 -8.40 -42.82 18.91
CA LEU F 109 -7.24 -43.02 19.79
C LEU F 109 -7.77 -43.23 21.20
N THR F 110 -7.41 -44.34 21.80
CA THR F 110 -7.76 -44.62 23.19
C THR F 110 -6.50 -44.54 24.03
N VAL F 111 -6.54 -43.76 25.10
CA VAL F 111 -5.45 -43.77 26.05
C VAL F 111 -5.84 -44.79 27.14
N LEU F 112 -5.12 -45.91 27.18
CA LEU F 112 -5.54 -47.07 27.97
C LEU F 112 -5.75 -46.72 29.44
N GLY F 113 -6.95 -46.99 29.96
CA GLY F 113 -7.21 -46.69 31.35
C GLY F 113 -7.64 -47.93 32.12
N GLN F 114 -7.57 -49.06 31.45
CA GLN F 114 -7.93 -50.35 32.03
C GLN F 114 -7.38 -51.43 31.09
N PRO F 115 -7.26 -52.66 31.59
CA PRO F 115 -6.67 -53.73 30.78
C PRO F 115 -7.48 -54.00 29.52
N LYS F 116 -6.77 -54.38 28.46
CA LYS F 116 -7.42 -54.80 27.23
C LYS F 116 -8.29 -56.01 27.53
N ALA F 117 -9.42 -56.11 26.83
CA ALA F 117 -10.41 -57.16 27.03
C ALA F 117 -11.03 -57.54 25.69
N ALA F 118 -11.06 -58.83 25.37
CA ALA F 118 -11.57 -59.28 24.08
C ALA F 118 -13.11 -59.26 24.08
N PRO F 119 -13.74 -59.11 22.92
CA PRO F 119 -15.20 -59.14 22.89
C PRO F 119 -15.75 -60.55 22.97
N SER F 120 -16.92 -60.68 23.56
CA SER F 120 -17.66 -61.91 23.38
C SER F 120 -18.77 -61.62 22.38
N VAL F 121 -19.01 -62.57 21.48
CA VAL F 121 -19.88 -62.38 20.32
C VAL F 121 -20.98 -63.45 20.33
N THR F 122 -22.22 -63.01 20.29
CA THR F 122 -23.39 -63.88 20.15
C THR F 122 -24.06 -63.49 18.84
N LEU F 123 -24.39 -64.46 18.02
CA LEU F 123 -25.02 -64.23 16.74
C LEU F 123 -26.35 -65.01 16.72
N PHE F 124 -27.46 -64.32 16.48
CA PHE F 124 -28.77 -64.98 16.36
C PHE F 124 -29.26 -64.95 14.92
N PRO F 125 -29.85 -66.06 14.43
CA PRO F 125 -30.48 -66.07 13.13
C PRO F 125 -31.87 -65.45 13.22
N PRO F 126 -32.53 -65.20 12.08
CA PRO F 126 -33.90 -64.68 12.13
C PRO F 126 -34.87 -65.69 12.76
N SER F 127 -35.84 -65.19 13.51
CA SER F 127 -36.82 -66.10 14.12
C SER F 127 -37.88 -66.54 13.12
N SER F 128 -38.56 -67.65 13.44
CA SER F 128 -39.72 -68.08 12.66
C SER F 128 -40.72 -66.95 12.49
N GLU F 129 -40.95 -66.20 13.57
CA GLU F 129 -41.96 -65.14 13.57
C GLU F 129 -41.60 -64.03 12.59
N GLU F 130 -40.34 -63.61 12.55
CA GLU F 130 -39.97 -62.58 11.59
C GLU F 130 -40.09 -63.12 10.16
N LEU F 131 -39.62 -64.35 9.92
CA LEU F 131 -39.75 -64.92 8.59
C LEU F 131 -41.20 -64.98 8.16
N GLN F 132 -42.11 -65.39 9.05
CA GLN F 132 -43.50 -65.45 8.60
C GLN F 132 -44.06 -64.07 8.29
N ALA F 133 -43.41 -62.99 8.73
CA ALA F 133 -43.74 -61.62 8.33
C ALA F 133 -42.92 -61.13 7.13
N ASN F 134 -42.26 -62.03 6.41
CA ASN F 134 -41.56 -61.73 5.16
C ASN F 134 -40.35 -60.85 5.37
N LYS F 135 -39.73 -60.96 6.54
CA LYS F 135 -38.48 -60.26 6.80
C LYS F 135 -37.47 -61.23 7.40
N ALA F 136 -36.24 -60.74 7.56
CA ALA F 136 -35.14 -61.55 8.03
C ALA F 136 -34.02 -60.65 8.55
N THR F 137 -33.71 -60.74 9.86
CA THR F 137 -32.65 -59.96 10.50
C THR F 137 -31.73 -60.88 11.26
N LEU F 138 -30.43 -60.81 10.95
CA LEU F 138 -29.41 -61.49 11.75
C LEU F 138 -28.85 -60.48 12.74
N VAL F 139 -28.72 -60.90 14.00
CA VAL F 139 -28.36 -60.01 15.10
C VAL F 139 -27.01 -60.43 15.66
N CYS F 140 -26.00 -59.57 15.51
CA CYS F 140 -24.67 -59.81 16.04
C CYS F 140 -24.43 -58.91 17.24
N LEU F 141 -24.24 -59.50 18.42
CA LEU F 141 -24.13 -58.75 19.67
C LEU F 141 -22.72 -58.90 20.24
N ILE F 142 -22.10 -57.77 20.55
CA ILE F 142 -20.67 -57.70 20.88
C ILE F 142 -20.53 -56.99 22.23
N SER F 143 -19.86 -57.63 23.19
CA SER F 143 -19.80 -57.05 24.54
C SER F 143 -18.47 -57.35 25.24
N ASP F 144 -18.29 -56.72 26.40
CA ASP F 144 -17.17 -56.92 27.30
C ASP F 144 -15.82 -56.50 26.73
N PHE F 145 -15.74 -55.64 25.73
CA PHE F 145 -14.42 -55.38 25.16
C PHE F 145 -13.88 -54.01 25.60
N TYR F 146 -12.55 -53.89 25.51
CA TYR F 146 -11.80 -52.64 25.75
C TYR F 146 -10.50 -52.77 24.96
N PRO F 147 -10.04 -51.69 24.27
CA PRO F 147 -10.74 -50.39 24.18
C PRO F 147 -12.02 -50.45 23.31
N GLY F 148 -12.77 -49.33 23.23
CA GLY F 148 -14.09 -49.38 22.62
C GLY F 148 -14.11 -49.20 21.11
N ALA F 149 -13.41 -50.06 20.37
CA ALA F 149 -13.39 -49.95 18.92
C ALA F 149 -13.35 -51.35 18.34
N VAL F 150 -14.29 -51.65 17.45
CA VAL F 150 -14.31 -52.92 16.75
C VAL F 150 -14.61 -52.66 15.27
N THR F 151 -14.31 -53.66 14.47
CA THR F 151 -14.67 -53.73 13.07
C THR F 151 -15.56 -54.95 12.89
N VAL F 152 -16.61 -54.82 12.08
CA VAL F 152 -17.56 -55.91 11.86
C VAL F 152 -17.62 -56.20 10.37
N ALA F 153 -17.46 -57.47 10.00
CA ALA F 153 -17.59 -57.88 8.61
C ALA F 153 -18.59 -59.03 8.55
N TRP F 154 -19.49 -58.98 7.58
CA TRP F 154 -20.45 -60.06 7.39
C TRP F 154 -20.12 -60.89 6.16
N LYS F 155 -20.34 -62.21 6.27
CA LYS F 155 -20.21 -63.09 5.12
C LYS F 155 -21.52 -63.82 4.85
N ALA F 156 -21.83 -63.97 3.55
CA ALA F 156 -22.78 -64.95 3.04
C ALA F 156 -21.95 -66.12 2.55
N ASP F 157 -22.19 -67.29 3.12
CA ASP F 157 -21.24 -68.38 3.00
C ASP F 157 -19.90 -67.81 3.38
N SER F 158 -18.96 -67.76 2.45
CA SER F 158 -17.66 -67.17 2.74
C SER F 158 -17.42 -65.95 1.87
N SER F 159 -18.51 -65.27 1.46
CA SER F 159 -18.41 -64.08 0.63
C SER F 159 -18.89 -62.84 1.37
N PRO F 160 -18.13 -61.74 1.27
CA PRO F 160 -18.47 -60.54 2.04
C PRO F 160 -19.79 -59.93 1.59
N VAL F 161 -20.57 -59.48 2.57
CA VAL F 161 -21.82 -58.77 2.34
C VAL F 161 -21.68 -57.40 2.97
N LYS F 162 -21.97 -56.36 2.21
CA LYS F 162 -22.04 -55.04 2.82
C LYS F 162 -23.42 -54.43 2.79
N ALA F 163 -24.27 -54.81 1.83
CA ALA F 163 -25.61 -54.26 1.81
C ALA F 163 -26.41 -54.69 3.05
N GLY F 164 -27.15 -53.74 3.61
CA GLY F 164 -28.09 -54.06 4.67
C GLY F 164 -27.49 -54.24 6.05
N VAL F 165 -26.26 -53.75 6.28
CA VAL F 165 -25.59 -53.80 7.58
C VAL F 165 -25.77 -52.48 8.32
N GLU F 166 -26.07 -52.58 9.61
CA GLU F 166 -26.06 -51.39 10.47
C GLU F 166 -25.40 -51.78 11.77
N THR F 167 -24.39 -51.02 12.16
CA THR F 167 -23.57 -51.33 13.31
C THR F 167 -23.54 -50.12 14.20
N THR F 168 -23.66 -50.32 15.51
CA THR F 168 -23.65 -49.18 16.41
C THR F 168 -22.22 -48.71 16.70
N THR F 169 -22.13 -47.49 17.17
CA THR F 169 -20.92 -47.02 17.85
C THR F 169 -20.85 -47.69 19.22
N PRO F 170 -19.72 -48.33 19.59
CA PRO F 170 -19.64 -48.96 20.92
C PRO F 170 -19.93 -47.94 22.00
N SER F 171 -20.54 -48.38 23.10
CA SER F 171 -20.59 -47.54 24.30
C SER F 171 -20.42 -48.41 25.54
N LYS F 172 -20.06 -47.73 26.63
CA LYS F 172 -19.70 -48.40 27.87
C LYS F 172 -20.93 -48.86 28.62
N GLN F 173 -20.84 -50.06 29.20
CA GLN F 173 -21.95 -50.59 29.95
C GLN F 173 -21.63 -50.51 31.45
N SER F 174 -22.52 -51.08 32.27
CA SER F 174 -22.35 -50.99 33.72
C SER F 174 -21.09 -51.72 34.19
N ASN F 175 -20.63 -52.74 33.45
CA ASN F 175 -19.42 -53.48 33.80
C ASN F 175 -18.15 -52.68 33.53
N ASN F 176 -18.25 -51.47 32.98
CA ASN F 176 -17.17 -50.58 32.56
C ASN F 176 -16.48 -50.97 31.27
N LYS F 177 -17.00 -51.93 30.50
CA LYS F 177 -16.46 -52.27 29.20
C LYS F 177 -17.46 -51.90 28.10
N TYR F 178 -17.06 -52.09 26.86
CA TYR F 178 -17.84 -51.58 25.75
C TYR F 178 -18.69 -52.68 25.13
N ALA F 179 -19.86 -52.26 24.63
CA ALA F 179 -20.74 -53.14 23.87
C ALA F 179 -21.16 -52.45 22.59
N ALA F 180 -21.46 -53.28 21.59
CA ALA F 180 -21.97 -52.85 20.30
C ALA F 180 -22.79 -53.99 19.70
N SER F 181 -23.59 -53.63 18.69
CA SER F 181 -24.32 -54.64 17.93
C SER F 181 -24.34 -54.28 16.46
N SER F 182 -24.46 -55.31 15.63
CA SER F 182 -24.63 -55.06 14.21
C SER F 182 -25.72 -55.98 13.66
N TYR F 183 -26.54 -55.40 12.78
CA TYR F 183 -27.73 -56.04 12.26
C TYR F 183 -27.61 -56.17 10.75
N LEU F 184 -27.93 -57.36 10.24
CA LEU F 184 -27.85 -57.63 8.81
C LEU F 184 -29.25 -57.96 8.31
N SER F 185 -29.77 -57.12 7.44
CA SER F 185 -31.07 -57.34 6.82
C SER F 185 -30.95 -58.18 5.56
N LEU F 186 -31.74 -59.25 5.48
CA LEU F 186 -31.88 -60.04 4.26
C LEU F 186 -33.35 -60.27 3.97
N THR F 187 -33.63 -60.69 2.74
CA THR F 187 -34.91 -61.33 2.50
C THR F 187 -34.88 -62.75 3.05
N PRO F 188 -36.04 -63.29 3.44
CA PRO F 188 -36.14 -64.72 3.76
C PRO F 188 -35.53 -65.62 2.70
N GLU F 189 -35.73 -65.30 1.41
CA GLU F 189 -35.15 -66.08 0.33
C GLU F 189 -33.62 -66.09 0.40
N GLN F 190 -33.01 -64.93 0.63
CA GLN F 190 -31.56 -64.94 0.75
C GLN F 190 -31.15 -65.81 1.91
N TRP F 191 -31.85 -65.67 3.03
CA TRP F 191 -31.47 -66.42 4.23
C TRP F 191 -31.59 -67.93 3.98
N LYS F 192 -32.60 -68.36 3.24
CA LYS F 192 -32.77 -69.79 3.00
C LYS F 192 -31.94 -70.31 1.83
N SER F 193 -31.44 -69.44 0.96
CA SER F 193 -30.72 -69.92 -0.22
C SER F 193 -29.23 -70.11 0.03
N HIS F 194 -28.72 -69.66 1.17
CA HIS F 194 -27.31 -69.70 1.47
C HIS F 194 -27.04 -70.80 2.48
N ARG F 195 -25.88 -71.42 2.35
CA ARG F 195 -25.44 -72.41 3.32
C ARG F 195 -25.35 -71.79 4.72
N SER F 196 -24.84 -70.56 4.82
CA SER F 196 -24.63 -69.97 6.14
C SER F 196 -24.33 -68.49 5.97
N TYR F 197 -24.42 -67.78 7.08
CA TYR F 197 -24.04 -66.37 7.18
C TYR F 197 -23.13 -66.23 8.39
N SER F 198 -22.14 -65.33 8.29
CA SER F 198 -21.21 -65.14 9.40
C SER F 198 -21.08 -63.68 9.78
N CYS F 199 -20.84 -63.48 11.07
CA CYS F 199 -20.46 -62.19 11.62
C CYS F 199 -19.06 -62.34 12.18
N GLN F 200 -18.13 -61.53 11.71
CA GLN F 200 -16.76 -61.63 12.21
C GLN F 200 -16.32 -60.27 12.77
N VAL F 201 -15.82 -60.30 13.99
CA VAL F 201 -15.57 -59.08 14.75
C VAL F 201 -14.06 -58.99 15.01
N THR F 202 -13.47 -57.88 14.61
CA THR F 202 -12.03 -57.64 14.76
C THR F 202 -11.77 -56.59 15.84
N HIS F 203 -10.82 -56.87 16.73
CA HIS F 203 -10.53 -56.04 17.88
C HIS F 203 -9.09 -56.30 18.27
N GLU F 204 -8.26 -55.25 18.30
CA GLU F 204 -6.86 -55.37 18.69
C GLU F 204 -6.11 -56.44 17.87
N GLY F 205 -6.35 -56.46 16.55
CA GLY F 205 -5.71 -57.43 15.69
C GLY F 205 -6.28 -58.85 15.72
N SER F 206 -7.27 -59.11 16.57
CA SER F 206 -7.84 -60.43 16.77
C SER F 206 -9.23 -60.50 16.17
N THR F 207 -9.58 -61.64 15.56
CA THR F 207 -10.94 -61.83 15.06
C THR F 207 -11.65 -62.98 15.77
N VAL F 208 -12.96 -62.77 15.97
CA VAL F 208 -13.86 -63.79 16.55
C VAL F 208 -15.00 -63.92 15.55
N GLU F 209 -15.21 -65.12 15.00
CA GLU F 209 -16.28 -65.34 14.05
C GLU F 209 -17.36 -66.22 14.68
N LYS F 210 -18.62 -65.81 14.49
CA LYS F 210 -19.77 -66.69 14.73
C LYS F 210 -20.51 -66.89 13.41
N THR F 211 -21.10 -68.07 13.25
CA THR F 211 -21.82 -68.39 11.99
C THR F 211 -23.13 -69.14 12.29
N VAL F 212 -24.20 -68.84 11.56
CA VAL F 212 -25.50 -69.49 11.72
C VAL F 212 -26.04 -69.93 10.37
N ALA F 213 -26.83 -70.99 10.39
CA ALA F 213 -27.34 -71.63 9.17
C ALA F 213 -28.84 -71.87 9.27
N PRO F 214 -29.56 -71.82 8.14
CA PRO F 214 -30.91 -72.40 8.11
C PRO F 214 -30.87 -73.83 8.59
#